data_1TOV
# 
_entry.id   1TOV 
# 
_audit_conform.dict_name       mmcif_pdbx.dic 
_audit_conform.dict_version    5.386 
_audit_conform.dict_location   http://mmcif.pdb.org/dictionaries/ascii/mmcif_pdbx.dic 
# 
loop_
_database_2.database_id 
_database_2.database_code 
_database_2.pdbx_database_accession 
_database_2.pdbx_DOI 
PDB   1TOV         pdb_00001tov 10.2210/pdb1tov/pdb 
RCSB  RCSB022803   ?            ?                   
WWPDB D_1000022803 ?            ?                   
# 
loop_
_pdbx_audit_revision_history.ordinal 
_pdbx_audit_revision_history.data_content_type 
_pdbx_audit_revision_history.major_revision 
_pdbx_audit_revision_history.minor_revision 
_pdbx_audit_revision_history.revision_date 
1 'Structure model' 1 0 2004-07-27 
2 'Structure model' 1 1 2008-04-30 
3 'Structure model' 1 2 2011-07-13 
4 'Structure model' 1 3 2024-02-14 
# 
_pdbx_audit_revision_details.ordinal             1 
_pdbx_audit_revision_details.revision_ordinal    1 
_pdbx_audit_revision_details.data_content_type   'Structure model' 
_pdbx_audit_revision_details.provider            repository 
_pdbx_audit_revision_details.type                'Initial release' 
_pdbx_audit_revision_details.description         ? 
_pdbx_audit_revision_details.details             ? 
# 
loop_
_pdbx_audit_revision_group.ordinal 
_pdbx_audit_revision_group.revision_ordinal 
_pdbx_audit_revision_group.data_content_type 
_pdbx_audit_revision_group.group 
1 2 'Structure model' 'Version format compliance' 
2 3 'Structure model' 'Version format compliance' 
3 4 'Structure model' 'Data collection'           
4 4 'Structure model' 'Database references'       
5 4 'Structure model' 'Derived calculations'      
# 
loop_
_pdbx_audit_revision_category.ordinal 
_pdbx_audit_revision_category.revision_ordinal 
_pdbx_audit_revision_category.data_content_type 
_pdbx_audit_revision_category.category 
1 4 'Structure model' chem_comp_atom 
2 4 'Structure model' chem_comp_bond 
3 4 'Structure model' database_2     
4 4 'Structure model' struct_site    
# 
loop_
_pdbx_audit_revision_item.ordinal 
_pdbx_audit_revision_item.revision_ordinal 
_pdbx_audit_revision_item.data_content_type 
_pdbx_audit_revision_item.item 
1 4 'Structure model' '_database_2.pdbx_DOI'                
2 4 'Structure model' '_database_2.pdbx_database_accession' 
3 4 'Structure model' '_struct_site.pdbx_auth_asym_id'      
4 4 'Structure model' '_struct_site.pdbx_auth_comp_id'      
5 4 'Structure model' '_struct_site.pdbx_auth_seq_id'       
# 
_pdbx_database_status.status_code                     REL 
_pdbx_database_status.entry_id                        1TOV 
_pdbx_database_status.recvd_initial_deposition_date   2004-06-15 
_pdbx_database_status.deposit_site                    RCSB 
_pdbx_database_status.process_site                    RCSB 
_pdbx_database_status.status_code_sf                  REL 
_pdbx_database_status.status_code_mr                  ? 
_pdbx_database_status.SG_entry                        Y 
_pdbx_database_status.pdb_format_compatible           Y 
_pdbx_database_status.status_code_cs                  ? 
_pdbx_database_status.status_code_nmr_data            ? 
_pdbx_database_status.methods_development_category    ? 
# 
_pdbx_database_related.db_name        TargetDB 
_pdbx_database_related.db_id          F53F4.3 
_pdbx_database_related.details        . 
_pdbx_database_related.content_type   unspecified 
# 
loop_
_audit_author.name 
_audit_author.pdbx_ordinal 
'Li, S.'                                                  1  
'Finley, J.'                                              2  
'Liu, Z.J.'                                               3  
'Qiu, S.H.'                                               4  
'Luan, C.H.'                                              5  
'Carson, M.'                                              6  
'Tsao, J.'                                                7  
'Johnson, D.'                                             8  
'Lin, G.'                                                 9  
'Zhao, J.'                                                10 
'Thomas, W.'                                              11 
'Nagy, L.A.'                                              12 
'Sha, B.'                                                 13 
'Delucas, L.J.'                                           14 
'Richardson, D.'                                          15 
'Richardson, J.'                                          16 
'Wang, B.C.'                                              17 
'Luo, M.'                                                 18 
'Southeast Collaboratory for Structural Genomics (SECSG)' 19 
# 
_citation.id                        primary 
_citation.title                     'Crystal Structure of the Cytoskeleton-Associated Protein Glycine-Rich (CAP-Gly) Domain' 
_citation.journal_abbrev            J.Biol.Chem. 
_citation.journal_volume            277 
_citation.page_first                48596 
_citation.page_last                 48601 
_citation.year                      2002 
_citation.journal_id_ASTM           JBCHA3 
_citation.country                   US 
_citation.journal_id_ISSN           0021-9258 
_citation.journal_id_CSD            0071 
_citation.book_publisher            ? 
_citation.pdbx_database_id_PubMed   12221106 
_citation.pdbx_database_id_DOI      10.1074/jbc.M208512200 
# 
loop_
_citation_author.citation_id 
_citation_author.name 
_citation_author.ordinal 
_citation_author.identifier_ORCID 
primary 'Li, S.'        1  ? 
primary 'Finley, J.'    2  ? 
primary 'Liu, Z.J.'     3  ? 
primary 'Qiu, S.H.'     4  ? 
primary 'Luan, C.H.'    5  ? 
primary 'Carson, M.'    6  ? 
primary 'Tsao, J.'      7  ? 
primary 'Johnson, D.'   8  ? 
primary 'Lin, G.'       9  ? 
primary 'Zhao, J.'      10 ? 
primary 'Thomas, W.'    11 ? 
primary 'Nagy, L.A.'    12 ? 
primary 'Sha, B.'       13 ? 
primary 'Delucas, L.J.' 14 ? 
primary 'Wang, B.C.'    15 ? 
primary 'Luo, M.'       16 ? 
# 
loop_
_entity.id 
_entity.type 
_entity.src_method 
_entity.pdbx_description 
_entity.formula_weight 
_entity.pdbx_number_of_molecules 
_entity.pdbx_ec 
_entity.pdbx_mutation 
_entity.pdbx_fragment 
_entity.details 
1 polymer     man 'Hypothetical protein F53F4.3 in chromosome V' 10731.001 1  ? ? 'CAP-GLY DOMAIN' ? 
2 non-polymer syn 'SULFATE ION'                                  96.063    1  ? ? ?                ? 
3 water       nat water                                          18.015    81 ? ? ?                ? 
# 
_entity_poly.entity_id                      1 
_entity_poly.type                           'polypeptide(L)' 
_entity_poly.nstd_linkage                   no 
_entity_poly.nstd_monomer                   no 
_entity_poly.pdbx_seq_one_letter_code       
;ENESDKLNEEAAKNIMVGNRCEVTVGAQMARRGEVAYVGATKFKEGVWVGVKYDEPVGKNDGSVAGVRYFDCDPKYGGFV
RPVDVKVGDFPELSIDEI
;
_entity_poly.pdbx_seq_one_letter_code_can   
;ENESDKLNEEAAKNIMVGNRCEVTVGAQMARRGEVAYVGATKFKEGVWVGVKYDEPVGKNDGSVAGVRYFDCDPKYGGFV
RPVDVKVGDFPELSIDEI
;
_entity_poly.pdbx_strand_id                 A 
_entity_poly.pdbx_target_identifier         F53F4.3 
# 
loop_
_pdbx_entity_nonpoly.entity_id 
_pdbx_entity_nonpoly.name 
_pdbx_entity_nonpoly.comp_id 
2 'SULFATE ION' SO4 
3 water         HOH 
# 
loop_
_entity_poly_seq.entity_id 
_entity_poly_seq.num 
_entity_poly_seq.mon_id 
_entity_poly_seq.hetero 
1 1  GLU n 
1 2  ASN n 
1 3  GLU n 
1 4  SER n 
1 5  ASP n 
1 6  LYS n 
1 7  LEU n 
1 8  ASN n 
1 9  GLU n 
1 10 GLU n 
1 11 ALA n 
1 12 ALA n 
1 13 LYS n 
1 14 ASN n 
1 15 ILE n 
1 16 MET n 
1 17 VAL n 
1 18 GLY n 
1 19 ASN n 
1 20 ARG n 
1 21 CYS n 
1 22 GLU n 
1 23 VAL n 
1 24 THR n 
1 25 VAL n 
1 26 GLY n 
1 27 ALA n 
1 28 GLN n 
1 29 MET n 
1 30 ALA n 
1 31 ARG n 
1 32 ARG n 
1 33 GLY n 
1 34 GLU n 
1 35 VAL n 
1 36 ALA n 
1 37 TYR n 
1 38 VAL n 
1 39 GLY n 
1 40 ALA n 
1 41 THR n 
1 42 LYS n 
1 43 PHE n 
1 44 LYS n 
1 45 GLU n 
1 46 GLY n 
1 47 VAL n 
1 48 TRP n 
1 49 VAL n 
1 50 GLY n 
1 51 VAL n 
1 52 LYS n 
1 53 TYR n 
1 54 ASP n 
1 55 GLU n 
1 56 PRO n 
1 57 VAL n 
1 58 GLY n 
1 59 LYS n 
1 60 ASN n 
1 61 ASP n 
1 62 GLY n 
1 63 SER n 
1 64 VAL n 
1 65 ALA n 
1 66 GLY n 
1 67 VAL n 
1 68 ARG n 
1 69 TYR n 
1 70 PHE n 
1 71 ASP n 
1 72 CYS n 
1 73 ASP n 
1 74 PRO n 
1 75 LYS n 
1 76 TYR n 
1 77 GLY n 
1 78 GLY n 
1 79 PHE n 
1 80 VAL n 
1 81 ARG n 
1 82 PRO n 
1 83 VAL n 
1 84 ASP n 
1 85 VAL n 
1 86 LYS n 
1 87 VAL n 
1 88 GLY n 
1 89 ASP n 
1 90 PHE n 
1 91 PRO n 
1 92 GLU n 
1 93 LEU n 
1 94 SER n 
1 95 ILE n 
1 96 ASP n 
1 97 GLU n 
1 98 ILE n 
# 
_entity_src_gen.entity_id                          1 
_entity_src_gen.pdbx_src_id                        1 
_entity_src_gen.pdbx_alt_source_flag               sample 
_entity_src_gen.pdbx_seq_type                      ? 
_entity_src_gen.pdbx_beg_seq_num                   ? 
_entity_src_gen.pdbx_end_seq_num                   ? 
_entity_src_gen.gene_src_common_name               ? 
_entity_src_gen.gene_src_genus                     Caenorhabditis 
_entity_src_gen.pdbx_gene_src_gene                 F53F4.3 
_entity_src_gen.gene_src_species                   ? 
_entity_src_gen.gene_src_strain                    ? 
_entity_src_gen.gene_src_tissue                    ? 
_entity_src_gen.gene_src_tissue_fraction           ? 
_entity_src_gen.gene_src_details                   ? 
_entity_src_gen.pdbx_gene_src_fragment             ? 
_entity_src_gen.pdbx_gene_src_scientific_name      'Caenorhabditis elegans' 
_entity_src_gen.pdbx_gene_src_ncbi_taxonomy_id     6239 
_entity_src_gen.pdbx_gene_src_variant              ? 
_entity_src_gen.pdbx_gene_src_cell_line            ? 
_entity_src_gen.pdbx_gene_src_atcc                 ? 
_entity_src_gen.pdbx_gene_src_organ                ? 
_entity_src_gen.pdbx_gene_src_organelle            ? 
_entity_src_gen.pdbx_gene_src_cell                 ? 
_entity_src_gen.pdbx_gene_src_cellular_location    ? 
_entity_src_gen.host_org_common_name               ? 
_entity_src_gen.pdbx_host_org_scientific_name      'Escherichia coli' 
_entity_src_gen.pdbx_host_org_ncbi_taxonomy_id     562 
_entity_src_gen.host_org_genus                     Escherichia 
_entity_src_gen.pdbx_host_org_gene                 ? 
_entity_src_gen.pdbx_host_org_organ                ? 
_entity_src_gen.host_org_species                   ? 
_entity_src_gen.pdbx_host_org_tissue               ? 
_entity_src_gen.pdbx_host_org_tissue_fraction      ? 
_entity_src_gen.pdbx_host_org_strain               ? 
_entity_src_gen.pdbx_host_org_variant              ? 
_entity_src_gen.pdbx_host_org_cell_line            ? 
_entity_src_gen.pdbx_host_org_atcc                 ? 
_entity_src_gen.pdbx_host_org_culture_collection   ? 
_entity_src_gen.pdbx_host_org_cell                 ? 
_entity_src_gen.pdbx_host_org_organelle            ? 
_entity_src_gen.pdbx_host_org_cellular_location    ? 
_entity_src_gen.pdbx_host_org_vector_type          'PDEST 17.1' 
_entity_src_gen.pdbx_host_org_vector               ? 
_entity_src_gen.host_org_details                   ? 
_entity_src_gen.expression_system_id               ? 
_entity_src_gen.plasmid_name                       ? 
_entity_src_gen.plasmid_details                    ? 
_entity_src_gen.pdbx_description                   ? 
# 
loop_
_chem_comp.id 
_chem_comp.type 
_chem_comp.mon_nstd_flag 
_chem_comp.name 
_chem_comp.pdbx_synonyms 
_chem_comp.formula 
_chem_comp.formula_weight 
ALA 'L-peptide linking' y ALANINE         ? 'C3 H7 N O2'     89.093  
ARG 'L-peptide linking' y ARGININE        ? 'C6 H15 N4 O2 1' 175.209 
ASN 'L-peptide linking' y ASPARAGINE      ? 'C4 H8 N2 O3'    132.118 
ASP 'L-peptide linking' y 'ASPARTIC ACID' ? 'C4 H7 N O4'     133.103 
CYS 'L-peptide linking' y CYSTEINE        ? 'C3 H7 N O2 S'   121.158 
GLN 'L-peptide linking' y GLUTAMINE       ? 'C5 H10 N2 O3'   146.144 
GLU 'L-peptide linking' y 'GLUTAMIC ACID' ? 'C5 H9 N O4'     147.129 
GLY 'peptide linking'   y GLYCINE         ? 'C2 H5 N O2'     75.067  
HOH non-polymer         . WATER           ? 'H2 O'           18.015  
ILE 'L-peptide linking' y ISOLEUCINE      ? 'C6 H13 N O2'    131.173 
LEU 'L-peptide linking' y LEUCINE         ? 'C6 H13 N O2'    131.173 
LYS 'L-peptide linking' y LYSINE          ? 'C6 H15 N2 O2 1' 147.195 
MET 'L-peptide linking' y METHIONINE      ? 'C5 H11 N O2 S'  149.211 
PHE 'L-peptide linking' y PHENYLALANINE   ? 'C9 H11 N O2'    165.189 
PRO 'L-peptide linking' y PROLINE         ? 'C5 H9 N O2'     115.130 
SER 'L-peptide linking' y SERINE          ? 'C3 H7 N O3'     105.093 
SO4 non-polymer         . 'SULFATE ION'   ? 'O4 S -2'        96.063  
THR 'L-peptide linking' y THREONINE       ? 'C4 H9 N O3'     119.119 
TRP 'L-peptide linking' y TRYPTOPHAN      ? 'C11 H12 N2 O2'  204.225 
TYR 'L-peptide linking' y TYROSINE        ? 'C9 H11 N O3'    181.189 
VAL 'L-peptide linking' y VALINE          ? 'C5 H11 N O2'    117.146 
# 
loop_
_pdbx_poly_seq_scheme.asym_id 
_pdbx_poly_seq_scheme.entity_id 
_pdbx_poly_seq_scheme.seq_id 
_pdbx_poly_seq_scheme.mon_id 
_pdbx_poly_seq_scheme.ndb_seq_num 
_pdbx_poly_seq_scheme.pdb_seq_num 
_pdbx_poly_seq_scheme.auth_seq_num 
_pdbx_poly_seq_scheme.pdb_mon_id 
_pdbx_poly_seq_scheme.auth_mon_id 
_pdbx_poly_seq_scheme.pdb_strand_id 
_pdbx_poly_seq_scheme.pdb_ins_code 
_pdbx_poly_seq_scheme.hetero 
A 1 1  GLU 1  132 132 GLU GLU A . n 
A 1 2  ASN 2  133 133 ASN ASN A . n 
A 1 3  GLU 3  134 134 GLU GLU A . n 
A 1 4  SER 4  135 135 SER SER A . n 
A 1 5  ASP 5  136 136 ASP ASP A . n 
A 1 6  LYS 6  137 137 LYS LYS A . n 
A 1 7  LEU 7  138 138 LEU LEU A . n 
A 1 8  ASN 8  139 139 ASN ASN A . n 
A 1 9  GLU 9  140 140 GLU GLU A . n 
A 1 10 GLU 10 141 141 GLU GLU A . n 
A 1 11 ALA 11 142 142 ALA ALA A . n 
A 1 12 ALA 12 143 143 ALA ALA A . n 
A 1 13 LYS 13 144 144 LYS LYS A . n 
A 1 14 ASN 14 145 145 ASN ASN A . n 
A 1 15 ILE 15 146 146 ILE ILE A . n 
A 1 16 MET 16 147 147 MET MET A . n 
A 1 17 VAL 17 148 148 VAL VAL A . n 
A 1 18 GLY 18 149 149 GLY GLY A . n 
A 1 19 ASN 19 150 150 ASN ASN A . n 
A 1 20 ARG 20 151 151 ARG ARG A . n 
A 1 21 CYS 21 152 152 CYS CYS A . n 
A 1 22 GLU 22 153 153 GLU GLU A . n 
A 1 23 VAL 23 154 154 VAL VAL A . n 
A 1 24 THR 24 155 155 THR THR A . n 
A 1 25 VAL 25 156 156 VAL VAL A . n 
A 1 26 GLY 26 157 157 GLY GLY A . n 
A 1 27 ALA 27 158 158 ALA ALA A . n 
A 1 28 GLN 28 159 159 GLN GLN A . n 
A 1 29 MET 29 160 160 MET MET A . n 
A 1 30 ALA 30 161 161 ALA ALA A . n 
A 1 31 ARG 31 162 162 ARG ARG A . n 
A 1 32 ARG 32 163 163 ARG ARG A . n 
A 1 33 GLY 33 164 164 GLY GLY A . n 
A 1 34 GLU 34 165 165 GLU GLU A . n 
A 1 35 VAL 35 166 166 VAL VAL A . n 
A 1 36 ALA 36 167 167 ALA ALA A . n 
A 1 37 TYR 37 168 168 TYR TYR A . n 
A 1 38 VAL 38 169 169 VAL VAL A . n 
A 1 39 GLY 39 170 170 GLY GLY A . n 
A 1 40 ALA 40 171 171 ALA ALA A . n 
A 1 41 THR 41 172 172 THR THR A . n 
A 1 42 LYS 42 173 173 LYS LYS A . n 
A 1 43 PHE 43 174 174 PHE PHE A . n 
A 1 44 LYS 44 175 175 LYS LYS A . n 
A 1 45 GLU 45 176 176 GLU GLU A . n 
A 1 46 GLY 46 177 177 GLY GLY A . n 
A 1 47 VAL 47 178 178 VAL VAL A . n 
A 1 48 TRP 48 179 179 TRP TRP A . n 
A 1 49 VAL 49 180 180 VAL VAL A . n 
A 1 50 GLY 50 181 181 GLY GLY A . n 
A 1 51 VAL 51 182 182 VAL VAL A . n 
A 1 52 LYS 52 183 183 LYS LYS A . n 
A 1 53 TYR 53 184 184 TYR TYR A . n 
A 1 54 ASP 54 185 185 ASP ASP A . n 
A 1 55 GLU 55 186 186 GLU GLU A . n 
A 1 56 PRO 56 187 187 PRO PRO A . n 
A 1 57 VAL 57 188 188 VAL VAL A . n 
A 1 58 GLY 58 189 189 GLY GLY A . n 
A 1 59 LYS 59 190 190 LYS LYS A . n 
A 1 60 ASN 60 191 191 ASN ASN A . n 
A 1 61 ASP 61 192 192 ASP ASP A . n 
A 1 62 GLY 62 193 193 GLY GLY A . n 
A 1 63 SER 63 194 194 SER SER A . n 
A 1 64 VAL 64 195 195 VAL VAL A . n 
A 1 65 ALA 65 196 196 ALA ALA A . n 
A 1 66 GLY 66 197 197 GLY GLY A . n 
A 1 67 VAL 67 198 198 VAL VAL A . n 
A 1 68 ARG 68 199 199 ARG ARG A . n 
A 1 69 TYR 69 200 200 TYR TYR A . n 
A 1 70 PHE 70 201 201 PHE PHE A . n 
A 1 71 ASP 71 202 202 ASP ASP A . n 
A 1 72 CYS 72 203 203 CYS CYS A . n 
A 1 73 ASP 73 204 204 ASP ASP A . n 
A 1 74 PRO 74 205 205 PRO PRO A . n 
A 1 75 LYS 75 206 206 LYS LYS A . n 
A 1 76 TYR 76 207 207 TYR TYR A . n 
A 1 77 GLY 77 208 208 GLY GLY A . n 
A 1 78 GLY 78 209 209 GLY GLY A . n 
A 1 79 PHE 79 210 210 PHE PHE A . n 
A 1 80 VAL 80 211 211 VAL VAL A . n 
A 1 81 ARG 81 212 212 ARG ARG A . n 
A 1 82 PRO 82 213 213 PRO PRO A . n 
A 1 83 VAL 83 214 214 VAL VAL A . n 
A 1 84 ASP 84 215 215 ASP ASP A . n 
A 1 85 VAL 85 216 216 VAL VAL A . n 
A 1 86 LYS 86 217 217 LYS LYS A . n 
A 1 87 VAL 87 218 218 VAL VAL A . n 
A 1 88 GLY 88 219 219 GLY GLY A . n 
A 1 89 ASP 89 220 220 ASP ASP A . n 
A 1 90 PHE 90 221 221 PHE PHE A . n 
A 1 91 PRO 91 222 222 PRO PRO A . n 
A 1 92 GLU 92 223 223 GLU GLU A . n 
A 1 93 LEU 93 224 224 LEU LEU A . n 
A 1 94 SER 94 225 225 SER SER A . n 
A 1 95 ILE 95 226 226 ILE ILE A . n 
A 1 96 ASP 96 227 227 ASP ASP A . n 
A 1 97 GLU 97 228 228 GLU GLU A . n 
A 1 98 ILE 98 229 229 ILE ILE A . n 
# 
loop_
_pdbx_nonpoly_scheme.asym_id 
_pdbx_nonpoly_scheme.entity_id 
_pdbx_nonpoly_scheme.mon_id 
_pdbx_nonpoly_scheme.ndb_seq_num 
_pdbx_nonpoly_scheme.pdb_seq_num 
_pdbx_nonpoly_scheme.auth_seq_num 
_pdbx_nonpoly_scheme.pdb_mon_id 
_pdbx_nonpoly_scheme.auth_mon_id 
_pdbx_nonpoly_scheme.pdb_strand_id 
_pdbx_nonpoly_scheme.pdb_ins_code 
B 2 SO4 1  490 490 SO4 SO4 A . 
C 3 HOH 1  501 501 HOH HOH A . 
C 3 HOH 2  502 502 HOH HOH A . 
C 3 HOH 3  505 505 HOH HOH A . 
C 3 HOH 4  506 506 HOH HOH A . 
C 3 HOH 5  507 507 HOH HOH A . 
C 3 HOH 6  508 508 HOH HOH A . 
C 3 HOH 7  509 509 HOH HOH A . 
C 3 HOH 8  510 510 HOH HOH A . 
C 3 HOH 9  511 511 HOH HOH A . 
C 3 HOH 10 512 512 HOH HOH A . 
C 3 HOH 11 513 513 HOH HOH A . 
C 3 HOH 12 514 514 HOH HOH A . 
C 3 HOH 13 515 515 HOH HOH A . 
C 3 HOH 14 517 517 HOH HOH A . 
C 3 HOH 15 518 518 HOH HOH A . 
C 3 HOH 16 519 519 HOH HOH A . 
C 3 HOH 17 520 520 HOH HOH A . 
C 3 HOH 18 521 521 HOH HOH A . 
C 3 HOH 19 522 522 HOH HOH A . 
C 3 HOH 20 523 523 HOH HOH A . 
C 3 HOH 21 524 524 HOH HOH A . 
C 3 HOH 22 525 525 HOH HOH A . 
C 3 HOH 23 526 526 HOH HOH A . 
C 3 HOH 24 528 528 HOH HOH A . 
C 3 HOH 25 529 529 HOH HOH A . 
C 3 HOH 26 530 530 HOH HOH A . 
C 3 HOH 27 531 531 HOH HOH A . 
C 3 HOH 28 532 532 HOH HOH A . 
C 3 HOH 29 533 533 HOH HOH A . 
C 3 HOH 30 534 534 HOH HOH A . 
C 3 HOH 31 535 535 HOH HOH A . 
C 3 HOH 32 536 536 HOH HOH A . 
C 3 HOH 33 537 537 HOH HOH A . 
C 3 HOH 34 538 538 HOH HOH A . 
C 3 HOH 35 539 539 HOH HOH A . 
C 3 HOH 36 540 540 HOH HOH A . 
C 3 HOH 37 541 541 HOH HOH A . 
C 3 HOH 38 542 542 HOH HOH A . 
C 3 HOH 39 545 545 HOH HOH A . 
C 3 HOH 40 546 546 HOH HOH A . 
C 3 HOH 41 547 547 HOH HOH A . 
C 3 HOH 42 548 548 HOH HOH A . 
C 3 HOH 43 549 549 HOH HOH A . 
C 3 HOH 44 550 550 HOH HOH A . 
C 3 HOH 45 551 551 HOH HOH A . 
C 3 HOH 46 552 552 HOH HOH A . 
C 3 HOH 47 553 553 HOH HOH A . 
C 3 HOH 48 554 554 HOH HOH A . 
C 3 HOH 49 555 555 HOH HOH A . 
C 3 HOH 50 556 556 HOH HOH A . 
C 3 HOH 51 557 557 HOH HOH A . 
C 3 HOH 52 558 558 HOH HOH A . 
C 3 HOH 53 559 559 HOH HOH A . 
C 3 HOH 54 560 560 HOH HOH A . 
C 3 HOH 55 563 563 HOH HOH A . 
C 3 HOH 56 564 564 HOH HOH A . 
C 3 HOH 57 565 565 HOH HOH A . 
C 3 HOH 58 566 566 HOH HOH A . 
C 3 HOH 59 567 567 HOH HOH A . 
C 3 HOH 60 568 568 HOH HOH A . 
C 3 HOH 61 569 569 HOH HOH A . 
C 3 HOH 62 571 571 HOH HOH A . 
C 3 HOH 63 573 573 HOH HOH A . 
C 3 HOH 64 574 574 HOH HOH A . 
C 3 HOH 65 575 575 HOH HOH A . 
C 3 HOH 66 576 576 HOH HOH A . 
C 3 HOH 67 577 577 HOH HOH A . 
C 3 HOH 68 578 578 HOH HOH A . 
C 3 HOH 69 579 579 HOH HOH A . 
C 3 HOH 70 581 581 HOH HOH A . 
C 3 HOH 71 582 582 HOH HOH A . 
C 3 HOH 72 584 584 HOH HOH A . 
C 3 HOH 73 586 586 HOH HOH A . 
C 3 HOH 74 587 587 HOH HOH A . 
C 3 HOH 75 600 600 HOH HOH A . 
C 3 HOH 76 601 601 HOH HOH A . 
C 3 HOH 77 602 602 HOH HOH A . 
C 3 HOH 78 605 605 HOH HOH A . 
C 3 HOH 79 606 606 HOH HOH A . 
C 3 HOH 80 607 607 HOH HOH A . 
C 3 HOH 81 608 608 HOH HOH A . 
# 
loop_
_pdbx_unobs_or_zero_occ_atoms.id 
_pdbx_unobs_or_zero_occ_atoms.PDB_model_num 
_pdbx_unobs_or_zero_occ_atoms.polymer_flag 
_pdbx_unobs_or_zero_occ_atoms.occupancy_flag 
_pdbx_unobs_or_zero_occ_atoms.auth_asym_id 
_pdbx_unobs_or_zero_occ_atoms.auth_comp_id 
_pdbx_unobs_or_zero_occ_atoms.auth_seq_id 
_pdbx_unobs_or_zero_occ_atoms.PDB_ins_code 
_pdbx_unobs_or_zero_occ_atoms.auth_atom_id 
_pdbx_unobs_or_zero_occ_atoms.label_alt_id 
_pdbx_unobs_or_zero_occ_atoms.label_asym_id 
_pdbx_unobs_or_zero_occ_atoms.label_comp_id 
_pdbx_unobs_or_zero_occ_atoms.label_seq_id 
_pdbx_unobs_or_zero_occ_atoms.label_atom_id 
1  1 Y 1 A GLU 132 ? N   ? A GLU 1  N   
2  1 Y 1 A GLU 132 ? CA  ? A GLU 1  CA  
3  1 Y 1 A GLU 132 ? CB  ? A GLU 1  CB  
4  1 Y 1 A GLU 132 ? CG  ? A GLU 1  CG  
5  1 Y 1 A GLU 132 ? CD  ? A GLU 1  CD  
6  1 Y 1 A GLU 132 ? OE1 ? A GLU 1  OE1 
7  1 Y 1 A GLU 132 ? OE2 ? A GLU 1  OE2 
8  1 Y 1 A ASN 133 ? CB  ? A ASN 2  CB  
9  1 Y 1 A ASN 133 ? CG  ? A ASN 2  CG  
10 1 Y 1 A ASN 133 ? OD1 ? A ASN 2  OD1 
11 1 Y 1 A ASN 133 ? ND2 ? A ASN 2  ND2 
12 1 Y 1 A GLU 134 ? CD  ? A GLU 3  CD  
13 1 Y 1 A GLU 134 ? OE1 ? A GLU 3  OE1 
14 1 Y 1 A GLU 134 ? OE2 ? A GLU 3  OE2 
15 1 Y 1 A LYS 137 ? CD  ? A LYS 6  CD  
16 1 Y 1 A LYS 137 ? CE  ? A LYS 6  CE  
17 1 Y 1 A LYS 137 ? NZ  ? A LYS 6  NZ  
18 1 Y 1 A LYS 144 ? CG  ? A LYS 13 CG  
19 1 Y 1 A LYS 144 ? CD  ? A LYS 13 CD  
20 1 Y 1 A LYS 144 ? CE  ? A LYS 13 CE  
21 1 Y 1 A LYS 144 ? NZ  ? A LYS 13 NZ  
22 1 Y 1 A MET 160 ? CE  ? A MET 29 CE  
23 1 Y 1 A LYS 206 ? CE  ? A LYS 75 CE  
24 1 Y 1 A LYS 206 ? NZ  ? A LYS 75 NZ  
# 
loop_
_software.name 
_software.classification 
_software.version 
_software.citation_id 
_software.pdbx_ordinal 
HKL-2000 'data collection' .         ? 1 
HKL-2000 'data reduction'  .         ? 2 
ISAS2001 'model building'  .         ? 3 
REFMAC   refinement        5.1.24    ? 4 
HKL-2000 'data scaling'    .         ? 5 
ISAS     phasing           'V. 2001' ? 6 
# 
_cell.entry_id           1TOV 
_cell.length_a           64.156 
_cell.length_b           64.156 
_cell.length_c           101.946 
_cell.angle_alpha        90.00 
_cell.angle_beta         90.00 
_cell.angle_gamma        120.00 
_cell.Z_PDB              12 
_cell.pdbx_unique_axis   ? 
_cell.length_a_esd       ? 
_cell.length_b_esd       ? 
_cell.length_c_esd       ? 
_cell.angle_alpha_esd    ? 
_cell.angle_beta_esd     ? 
_cell.angle_gamma_esd    ? 
# 
_symmetry.entry_id                         1TOV 
_symmetry.space_group_name_H-M             'P 61 2 2' 
_symmetry.pdbx_full_space_group_name_H-M   ? 
_symmetry.cell_setting                     ? 
_symmetry.Int_Tables_number                178 
_symmetry.space_group_name_Hall            ? 
# 
_exptl.entry_id          1TOV 
_exptl.method            'X-RAY DIFFRACTION' 
_exptl.crystals_number   1 
# 
_exptl_crystal.id                    1 
_exptl_crystal.density_meas          ? 
_exptl_crystal.density_Matthews      2.82 
_exptl_crystal.density_percent_sol   56.40 
_exptl_crystal.description           ? 
_exptl_crystal.F_000                 ? 
_exptl_crystal.preparation           ? 
# 
_exptl_crystal_grow.crystal_id      1 
_exptl_crystal_grow.method          ? 
_exptl_crystal_grow.temp            ? 
_exptl_crystal_grow.temp_details    ? 
_exptl_crystal_grow.pH              6.50 
_exptl_crystal_grow.pdbx_details    'pH 6.50' 
_exptl_crystal_grow.pdbx_pH_range   . 
# 
_diffrn.id                     1 
_diffrn.ambient_temp           100.0 
_diffrn.ambient_temp_details   ? 
_diffrn.crystal_id             1 
# 
_diffrn_detector.diffrn_id              1 
_diffrn_detector.detector               CCD 
_diffrn_detector.type                   MARRESEARCH 
_diffrn_detector.pdbx_collection_date   2001-06-10 
_diffrn_detector.details                ? 
# 
_diffrn_radiation.diffrn_id                        1 
_diffrn_radiation.wavelength_id                    1 
_diffrn_radiation.pdbx_monochromatic_or_laue_m_l   M 
_diffrn_radiation.monochromator                    ? 
_diffrn_radiation.pdbx_diffrn_protocol             'SINGLE WAVELENGTH' 
_diffrn_radiation.pdbx_scattering_type             x-ray 
# 
_diffrn_radiation_wavelength.id           1 
_diffrn_radiation_wavelength.wavelength   1.74 
_diffrn_radiation_wavelength.wt           1.0 
# 
_diffrn_source.diffrn_id                   1 
_diffrn_source.source                      SYNCHROTRON 
_diffrn_source.type                        'APS BEAMLINE 17-ID' 
_diffrn_source.pdbx_synchrotron_site       APS 
_diffrn_source.pdbx_synchrotron_beamline   17-ID 
_diffrn_source.pdbx_wavelength             1.74 
_diffrn_source.pdbx_wavelength_list        ? 
# 
_reflns.entry_id                     1TOV 
_reflns.observed_criterion_sigma_I   0.001 
_reflns.observed_criterion_sigma_F   ? 
_reflns.d_resolution_low             50.000 
_reflns.d_resolution_high            1.770 
_reflns.number_obs                   12627 
_reflns.number_all                   ? 
_reflns.percent_possible_obs         100.0 
_reflns.pdbx_Rmerge_I_obs            ? 
_reflns.pdbx_Rsym_value              ? 
_reflns.pdbx_netI_over_sigmaI        ? 
_reflns.B_iso_Wilson_estimate        ? 
_reflns.pdbx_redundancy              ? 
_reflns.R_free_details               ? 
_reflns.limit_h_max                  ? 
_reflns.limit_h_min                  ? 
_reflns.limit_k_max                  ? 
_reflns.limit_k_min                  ? 
_reflns.limit_l_max                  ? 
_reflns.limit_l_min                  ? 
_reflns.observed_criterion_F_max     ? 
_reflns.observed_criterion_F_min     ? 
_reflns.pdbx_chi_squared             ? 
_reflns.pdbx_scaling_rejects         ? 
_reflns.pdbx_diffrn_id               1 
_reflns.pdbx_ordinal                 1 
# 
_reflns_shell.d_res_high             1.77 
_reflns_shell.d_res_low              1.88 
_reflns_shell.percent_possible_all   91.9 
_reflns_shell.Rmerge_I_obs           ? 
_reflns_shell.pdbx_Rsym_value        ? 
_reflns_shell.meanI_over_sigI_obs    ? 
_reflns_shell.pdbx_redundancy        ? 
_reflns_shell.percent_possible_obs   ? 
_reflns_shell.number_unique_all      ? 
_reflns_shell.number_measured_all    ? 
_reflns_shell.number_measured_obs    ? 
_reflns_shell.number_unique_obs      ? 
_reflns_shell.pdbx_chi_squared       ? 
_reflns_shell.pdbx_diffrn_id         ? 
_reflns_shell.pdbx_ordinal           1 
# 
_refine.entry_id                                 1TOV 
_refine.ls_number_reflns_obs                     11598 
_refine.ls_number_reflns_all                     ? 
_refine.pdbx_ls_sigma_I                          ? 
_refine.pdbx_ls_sigma_F                          ? 
_refine.pdbx_data_cutoff_high_absF               ? 
_refine.pdbx_data_cutoff_low_absF                ? 
_refine.pdbx_data_cutoff_high_rms_absF           ? 
_refine.ls_d_res_low                             48.80 
_refine.ls_d_res_high                            1.77 
_refine.ls_percent_reflns_obs                    96.34 
_refine.ls_R_factor_obs                          0.21319 
_refine.ls_R_factor_all                          ? 
_refine.ls_R_factor_R_work                       0.21081 
_refine.ls_R_factor_R_free                       0.2587 
_refine.ls_R_factor_R_free_error                 ? 
_refine.ls_R_factor_R_free_error_details         ? 
_refine.ls_percent_reflns_R_free                 5.1 
_refine.ls_number_reflns_R_free                  627 
_refine.ls_number_parameters                     ? 
_refine.ls_number_restraints                     ? 
_refine.occupancy_min                            ? 
_refine.occupancy_max                            ? 
_refine.correlation_coeff_Fo_to_Fc               0.950 
_refine.correlation_coeff_Fo_to_Fc_free          0.923 
_refine.B_iso_mean                               27.051 
_refine.aniso_B[1][1]                            -0.21 
_refine.aniso_B[2][2]                            -0.21 
_refine.aniso_B[3][3]                            0.32 
_refine.aniso_B[1][2]                            -0.11 
_refine.aniso_B[1][3]                            0.00 
_refine.aniso_B[2][3]                            0.00 
_refine.solvent_model_details                    'BABINET MODEL WITH MASK' 
_refine.solvent_model_param_ksol                 ? 
_refine.solvent_model_param_bsol                 ? 
_refine.pdbx_solvent_vdw_probe_radii             1.40 
_refine.pdbx_solvent_ion_probe_radii             0.80 
_refine.pdbx_solvent_shrinkage_radii             0.80 
_refine.pdbx_ls_cross_valid_method               THROUGHOUT 
_refine.details                                  
;ORIGINAL ENTRY '1LPL' WAS RE- EXAMINED WITH MOLPROBITY TWO ADDITIONAL RESIDUES AT THE N- TERMINUS FIXED ONE POOR PHI/PSI (Q159), EIGHT POOR ROTAMERS CONVERTED THREE WATERS INTO A SULPHATE MOVED 8 WATERS > 1A, REMOVED 5 ORIGINAL WATERS, ADDED 7 MORE REFINED WITH REFMAC INSTEAD OF CNS R VALUE IMPROVED FROM 22.0 TO 20.0 FREE R VALUE IMPROVED FROM 29.7 TO 25.5
;
_refine.pdbx_starting_model                      ? 
_refine.pdbx_method_to_determine_struct          SAS 
_refine.pdbx_isotropic_thermal_model             ? 
_refine.pdbx_stereochemistry_target_values       'MAXIMUM LIKELIHOOD' 
_refine.pdbx_stereochem_target_val_spec_case     ? 
_refine.pdbx_R_Free_selection_details            RANDOM 
_refine.pdbx_overall_ESU_R                       0.121 
_refine.pdbx_overall_ESU_R_Free                  0.126 
_refine.overall_SU_ML                            0.071 
_refine.overall_SU_B                             2.187 
_refine.ls_redundancy_reflns_obs                 ? 
_refine.B_iso_min                                ? 
_refine.B_iso_max                                ? 
_refine.overall_SU_R_Cruickshank_DPI             ? 
_refine.overall_SU_R_free                        ? 
_refine.ls_wR_factor_R_free                      ? 
_refine.ls_wR_factor_R_work                      ? 
_refine.overall_FOM_free_R_set                   ? 
_refine.overall_FOM_work_R_set                   ? 
_refine.pdbx_refine_id                           'X-RAY DIFFRACTION' 
_refine.pdbx_diffrn_id                           1 
_refine.pdbx_TLS_residual_ADP_flag               ? 
_refine.pdbx_overall_phase_error                 ? 
_refine.pdbx_overall_SU_R_free_Cruickshank_DPI   ? 
_refine.pdbx_overall_SU_R_Blow_DPI               ? 
_refine.pdbx_overall_SU_R_free_Blow_DPI          ? 
# 
_refine_hist.pdbx_refine_id                   'X-RAY DIFFRACTION' 
_refine_hist.cycle_id                         LAST 
_refine_hist.pdbx_number_atoms_protein        740 
_refine_hist.pdbx_number_atoms_nucleic_acid   0 
_refine_hist.pdbx_number_atoms_ligand         5 
_refine_hist.number_atoms_solvent             81 
_refine_hist.number_atoms_total               826 
_refine_hist.d_res_high                       1.77 
_refine_hist.d_res_low                        48.80 
# 
loop_
_refine_ls_restr.type 
_refine_ls_restr.dev_ideal 
_refine_ls_restr.dev_ideal_target 
_refine_ls_restr.weight 
_refine_ls_restr.number 
_refine_ls_restr.pdbx_refine_id 
_refine_ls_restr.pdbx_restraint_function 
r_bond_refined_d         0.007 0.021 ? 757  'X-RAY DIFFRACTION' ? 
r_bond_other_d           ?     ?     ? ?    'X-RAY DIFFRACTION' ? 
r_angle_refined_deg      1.012 1.957 ? 1024 'X-RAY DIFFRACTION' ? 
r_angle_other_deg        ?     ?     ? ?    'X-RAY DIFFRACTION' ? 
r_dihedral_angle_1_deg   4.535 5.000 ? 96   'X-RAY DIFFRACTION' ? 
r_dihedral_angle_2_deg   ?     ?     ? ?    'X-RAY DIFFRACTION' ? 
r_dihedral_angle_3_deg   ?     ?     ? ?    'X-RAY DIFFRACTION' ? 
r_dihedral_angle_4_deg   ?     ?     ? ?    'X-RAY DIFFRACTION' ? 
r_chiral_restr           0.075 0.200 ? 109  'X-RAY DIFFRACTION' ? 
r_gen_planes_refined     0.004 0.020 ? 591  'X-RAY DIFFRACTION' ? 
r_gen_planes_other       ?     ?     ? ?    'X-RAY DIFFRACTION' ? 
r_nbd_refined            0.169 0.200 ? 282  'X-RAY DIFFRACTION' ? 
r_nbd_other              ?     ?     ? ?    'X-RAY DIFFRACTION' ? 
r_nbtor_refined          ?     ?     ? ?    'X-RAY DIFFRACTION' ? 
r_nbtor_other            ?     ?     ? ?    'X-RAY DIFFRACTION' ? 
r_xyhbond_nbd_refined    0.100 0.200 ? 65   'X-RAY DIFFRACTION' ? 
r_xyhbond_nbd_other      ?     ?     ? ?    'X-RAY DIFFRACTION' ? 
r_metal_ion_refined      ?     ?     ? ?    'X-RAY DIFFRACTION' ? 
r_metal_ion_other        ?     ?     ? ?    'X-RAY DIFFRACTION' ? 
r_symmetry_vdw_refined   0.134 0.200 ? 25   'X-RAY DIFFRACTION' ? 
r_symmetry_vdw_other     ?     ?     ? ?    'X-RAY DIFFRACTION' ? 
r_symmetry_hbond_refined 0.152 0.200 ? 13   'X-RAY DIFFRACTION' ? 
r_symmetry_hbond_other   ?     ?     ? ?    'X-RAY DIFFRACTION' ? 
r_mcbond_it              0.654 1.500 ? 481  'X-RAY DIFFRACTION' ? 
r_mcbond_other           ?     ?     ? ?    'X-RAY DIFFRACTION' ? 
r_mcangle_it             1.255 2.000 ? 770  'X-RAY DIFFRACTION' ? 
r_scbond_it              1.813 3.000 ? 276  'X-RAY DIFFRACTION' ? 
r_scangle_it             3.105 4.500 ? 254  'X-RAY DIFFRACTION' ? 
r_rigid_bond_restr       ?     ?     ? ?    'X-RAY DIFFRACTION' ? 
r_sphericity_free        ?     ?     ? ?    'X-RAY DIFFRACTION' ? 
r_sphericity_bonded      ?     ?     ? ?    'X-RAY DIFFRACTION' ? 
# 
_refine_ls_shell.pdbx_total_number_of_bins_used   20 
_refine_ls_shell.d_res_high                       1.770 
_refine_ls_shell.d_res_low                        1.816 
_refine_ls_shell.number_reflns_R_work             758 
_refine_ls_shell.R_factor_R_work                  0.322 
_refine_ls_shell.percent_reflns_obs               ? 
_refine_ls_shell.R_factor_R_free                  0.355 
_refine_ls_shell.R_factor_R_free_error            ? 
_refine_ls_shell.percent_reflns_R_free            ? 
_refine_ls_shell.number_reflns_R_free             47 
_refine_ls_shell.redundancy_reflns_obs            ? 
_refine_ls_shell.number_reflns_all                ? 
_refine_ls_shell.number_reflns_obs                ? 
_refine_ls_shell.R_factor_all                     ? 
_refine_ls_shell.pdbx_refine_id                   'X-RAY DIFFRACTION' 
# 
_struct.entry_id                  1TOV 
_struct.title                     'Structural genomics of Caenorhabditis elegans: CAP-GLY domain of F53F4.3' 
_struct.pdbx_model_details        ? 
_struct.pdbx_CASP_flag            ? 
_struct.pdbx_model_type_details   ? 
# 
_struct_keywords.entry_id        1TOV 
_struct_keywords.pdbx_keywords   'STRUCTURAL GENOMICS, UNKNOWN FUNCTION' 
_struct_keywords.text            
;CAP-GLY DOMAIN, CYTOSKELETON, TUBULIN, Structural Genomics, PSI, Protein Structure Initiative, Southeast Collaboratory for Structural Genomics, SECSG, UNKNOWN FUNCTION
;
# 
loop_
_struct_asym.id 
_struct_asym.pdbx_blank_PDB_chainid_flag 
_struct_asym.pdbx_modified 
_struct_asym.entity_id 
_struct_asym.details 
A N N 1 ? 
B N N 2 ? 
C N N 3 ? 
# 
_struct_ref.id                         1 
_struct_ref.db_name                    UNP 
_struct_ref.db_code                    YXHK_CAEEL 
_struct_ref.entity_id                  1 
_struct_ref.pdbx_seq_one_letter_code   
;ENESDKLNEEAAKNIMVGNRCEVTVGAQMARRGEVAYVGATKFKEGVWVGVKYDEPVGKNDGSVAGVRYFDCDPKYGGFV
RPVDVKVGDFPELSIDEI
;
_struct_ref.pdbx_align_begin           132 
_struct_ref.pdbx_db_accession          Q20728 
_struct_ref.pdbx_db_isoform            ? 
# 
_struct_ref_seq.align_id                      1 
_struct_ref_seq.ref_id                        1 
_struct_ref_seq.pdbx_PDB_id_code              1TOV 
_struct_ref_seq.pdbx_strand_id                A 
_struct_ref_seq.seq_align_beg                 1 
_struct_ref_seq.pdbx_seq_align_beg_ins_code   ? 
_struct_ref_seq.seq_align_end                 98 
_struct_ref_seq.pdbx_seq_align_end_ins_code   ? 
_struct_ref_seq.pdbx_db_accession             Q20728 
_struct_ref_seq.db_align_beg                  132 
_struct_ref_seq.pdbx_db_align_beg_ins_code    ? 
_struct_ref_seq.db_align_end                  229 
_struct_ref_seq.pdbx_db_align_end_ins_code    ? 
_struct_ref_seq.pdbx_auth_seq_align_beg       132 
_struct_ref_seq.pdbx_auth_seq_align_end       229 
# 
_pdbx_struct_assembly.id                   1 
_pdbx_struct_assembly.details              author_defined_assembly 
_pdbx_struct_assembly.method_details       ? 
_pdbx_struct_assembly.oligomeric_details   monomeric 
_pdbx_struct_assembly.oligomeric_count     1 
# 
_pdbx_struct_assembly_gen.assembly_id       1 
_pdbx_struct_assembly_gen.oper_expression   1 
_pdbx_struct_assembly_gen.asym_id_list      A,B,C 
# 
_pdbx_struct_oper_list.id                   1 
_pdbx_struct_oper_list.type                 'identity operation' 
_pdbx_struct_oper_list.name                 1_555 
_pdbx_struct_oper_list.symmetry_operation   x,y,z 
_pdbx_struct_oper_list.matrix[1][1]         1.0000000000 
_pdbx_struct_oper_list.matrix[1][2]         0.0000000000 
_pdbx_struct_oper_list.matrix[1][3]         0.0000000000 
_pdbx_struct_oper_list.vector[1]            0.0000000000 
_pdbx_struct_oper_list.matrix[2][1]         0.0000000000 
_pdbx_struct_oper_list.matrix[2][2]         1.0000000000 
_pdbx_struct_oper_list.matrix[2][3]         0.0000000000 
_pdbx_struct_oper_list.vector[2]            0.0000000000 
_pdbx_struct_oper_list.matrix[3][1]         0.0000000000 
_pdbx_struct_oper_list.matrix[3][2]         0.0000000000 
_pdbx_struct_oper_list.matrix[3][3]         1.0000000000 
_pdbx_struct_oper_list.vector[3]            0.0000000000 
# 
_struct_biol.id                    1 
_struct_biol.pdbx_parent_biol_id   ? 
_struct_biol.details               ? 
# 
loop_
_struct_conf.conf_type_id 
_struct_conf.id 
_struct_conf.pdbx_PDB_helix_id 
_struct_conf.beg_label_comp_id 
_struct_conf.beg_label_asym_id 
_struct_conf.beg_label_seq_id 
_struct_conf.pdbx_beg_PDB_ins_code 
_struct_conf.end_label_comp_id 
_struct_conf.end_label_asym_id 
_struct_conf.end_label_seq_id 
_struct_conf.pdbx_end_PDB_ins_code 
_struct_conf.beg_auth_comp_id 
_struct_conf.beg_auth_asym_id 
_struct_conf.beg_auth_seq_id 
_struct_conf.end_auth_comp_id 
_struct_conf.end_auth_asym_id 
_struct_conf.end_auth_seq_id 
_struct_conf.pdbx_PDB_helix_class 
_struct_conf.details 
_struct_conf.pdbx_PDB_helix_length 
HELX_P HELX_P1 1 ASN A 2  ? LYS A 13 ? ASN A 133 LYS A 144 1 ? 12 
HELX_P HELX_P2 2 ARG A 81 ? VAL A 83 ? ARG A 212 VAL A 214 5 ? 3  
# 
_struct_conf_type.id          HELX_P 
_struct_conf_type.criteria    ? 
_struct_conf_type.reference   ? 
# 
loop_
_struct_sheet.id 
_struct_sheet.type 
_struct_sheet.number_strands 
_struct_sheet.details 
A ? 5 ? 
B ? 2 ? 
# 
loop_
_struct_sheet_order.sheet_id 
_struct_sheet_order.range_id_1 
_struct_sheet_order.range_id_2 
_struct_sheet_order.offset 
_struct_sheet_order.sense 
A 1 2 ? anti-parallel 
A 2 3 ? anti-parallel 
A 3 4 ? anti-parallel 
A 4 5 ? anti-parallel 
B 1 2 ? anti-parallel 
# 
loop_
_struct_sheet_range.sheet_id 
_struct_sheet_range.id 
_struct_sheet_range.beg_label_comp_id 
_struct_sheet_range.beg_label_asym_id 
_struct_sheet_range.beg_label_seq_id 
_struct_sheet_range.pdbx_beg_PDB_ins_code 
_struct_sheet_range.end_label_comp_id 
_struct_sheet_range.end_label_asym_id 
_struct_sheet_range.end_label_seq_id 
_struct_sheet_range.pdbx_end_PDB_ins_code 
_struct_sheet_range.beg_auth_comp_id 
_struct_sheet_range.beg_auth_asym_id 
_struct_sheet_range.beg_auth_seq_id 
_struct_sheet_range.end_auth_comp_id 
_struct_sheet_range.end_auth_asym_id 
_struct_sheet_range.end_auth_seq_id 
A 1 GLY A 77 ? VAL A 80 ? GLY A 208 VAL A 211 
A 2 TRP A 48 ? TYR A 53 ? TRP A 179 TYR A 184 
A 3 ARG A 31 ? GLY A 39 ? ARG A 162 GLY A 170 
A 4 ARG A 20 ? VAL A 23 ? ARG A 151 VAL A 154 
A 5 VAL A 85 ? VAL A 87 ? VAL A 216 VAL A 218 
B 1 SER A 63 ? VAL A 64 ? SER A 194 VAL A 195 
B 2 VAL A 67 ? ARG A 68 ? VAL A 198 ARG A 199 
# 
loop_
_pdbx_struct_sheet_hbond.sheet_id 
_pdbx_struct_sheet_hbond.range_id_1 
_pdbx_struct_sheet_hbond.range_id_2 
_pdbx_struct_sheet_hbond.range_1_label_atom_id 
_pdbx_struct_sheet_hbond.range_1_label_comp_id 
_pdbx_struct_sheet_hbond.range_1_label_asym_id 
_pdbx_struct_sheet_hbond.range_1_label_seq_id 
_pdbx_struct_sheet_hbond.range_1_PDB_ins_code 
_pdbx_struct_sheet_hbond.range_1_auth_atom_id 
_pdbx_struct_sheet_hbond.range_1_auth_comp_id 
_pdbx_struct_sheet_hbond.range_1_auth_asym_id 
_pdbx_struct_sheet_hbond.range_1_auth_seq_id 
_pdbx_struct_sheet_hbond.range_2_label_atom_id 
_pdbx_struct_sheet_hbond.range_2_label_comp_id 
_pdbx_struct_sheet_hbond.range_2_label_asym_id 
_pdbx_struct_sheet_hbond.range_2_label_seq_id 
_pdbx_struct_sheet_hbond.range_2_PDB_ins_code 
_pdbx_struct_sheet_hbond.range_2_auth_atom_id 
_pdbx_struct_sheet_hbond.range_2_auth_comp_id 
_pdbx_struct_sheet_hbond.range_2_auth_asym_id 
_pdbx_struct_sheet_hbond.range_2_auth_seq_id 
A 1 2 O GLY A 78 ? O GLY A 209 N VAL A 51 ? N VAL A 182 
A 2 3 O GLY A 50 ? O GLY A 181 N ALA A 36 ? N ALA A 167 
A 3 4 O ARG A 31 ? O ARG A 162 N VAL A 23 ? N VAL A 154 
A 4 5 N GLU A 22 ? N GLU A 153 O LYS A 86 ? O LYS A 217 
B 1 2 N VAL A 64 ? N VAL A 195 O VAL A 67 ? O VAL A 198 
# 
_struct_site.id                   AC1 
_struct_site.pdbx_evidence_code   Software 
_struct_site.pdbx_auth_asym_id    A 
_struct_site.pdbx_auth_comp_id    SO4 
_struct_site.pdbx_auth_seq_id     490 
_struct_site.pdbx_auth_ins_code   ? 
_struct_site.pdbx_num_residues    7 
_struct_site.details              'BINDING SITE FOR RESIDUE SO4 A 490' 
# 
loop_
_struct_site_gen.id 
_struct_site_gen.site_id 
_struct_site_gen.pdbx_num_res 
_struct_site_gen.label_comp_id 
_struct_site_gen.label_asym_id 
_struct_site_gen.label_seq_id 
_struct_site_gen.pdbx_auth_ins_code 
_struct_site_gen.auth_comp_id 
_struct_site_gen.auth_asym_id 
_struct_site_gen.auth_seq_id 
_struct_site_gen.label_atom_id 
_struct_site_gen.label_alt_id 
_struct_site_gen.symmetry 
_struct_site_gen.details 
1 AC1 7 LYS A 44 ? LYS A 175 . ? 1_555 ? 
2 AC1 7 ARG A 81 ? ARG A 212 . ? 1_555 ? 
3 AC1 7 SER A 94 ? SER A 225 . ? 8_566 ? 
4 AC1 7 ILE A 95 ? ILE A 226 . ? 8_566 ? 
5 AC1 7 HOH C .  ? HOH A 571 . ? 1_555 ? 
6 AC1 7 HOH C .  ? HOH A 574 . ? 8_566 ? 
7 AC1 7 HOH C .  ? HOH A 601 . ? 1_555 ? 
# 
_pdbx_validate_torsion.id              1 
_pdbx_validate_torsion.PDB_model_num   1 
_pdbx_validate_torsion.auth_comp_id    ASN 
_pdbx_validate_torsion.auth_asym_id    A 
_pdbx_validate_torsion.auth_seq_id     133 
_pdbx_validate_torsion.PDB_ins_code    ? 
_pdbx_validate_torsion.label_alt_id    ? 
_pdbx_validate_torsion.phi             -24.13 
_pdbx_validate_torsion.psi             -54.54 
# 
_pdbx_SG_project.id                    1 
_pdbx_SG_project.project_name          'PSI, Protein Structure Initiative' 
_pdbx_SG_project.full_name_of_center   'Southeast Collaboratory for Structural Genomics' 
_pdbx_SG_project.initial_of_center     SECSG 
# 
_pdbx_struct_special_symmetry.id              1 
_pdbx_struct_special_symmetry.PDB_model_num   1 
_pdbx_struct_special_symmetry.auth_asym_id    A 
_pdbx_struct_special_symmetry.auth_comp_id    HOH 
_pdbx_struct_special_symmetry.auth_seq_id     605 
_pdbx_struct_special_symmetry.PDB_ins_code    ? 
_pdbx_struct_special_symmetry.label_asym_id   C 
_pdbx_struct_special_symmetry.label_comp_id   HOH 
_pdbx_struct_special_symmetry.label_seq_id    . 
# 
loop_
_chem_comp_atom.comp_id 
_chem_comp_atom.atom_id 
_chem_comp_atom.type_symbol 
_chem_comp_atom.pdbx_aromatic_flag 
_chem_comp_atom.pdbx_stereo_config 
_chem_comp_atom.pdbx_ordinal 
ALA N    N N N 1   
ALA CA   C N S 2   
ALA C    C N N 3   
ALA O    O N N 4   
ALA CB   C N N 5   
ALA OXT  O N N 6   
ALA H    H N N 7   
ALA H2   H N N 8   
ALA HA   H N N 9   
ALA HB1  H N N 10  
ALA HB2  H N N 11  
ALA HB3  H N N 12  
ALA HXT  H N N 13  
ARG N    N N N 14  
ARG CA   C N S 15  
ARG C    C N N 16  
ARG O    O N N 17  
ARG CB   C N N 18  
ARG CG   C N N 19  
ARG CD   C N N 20  
ARG NE   N N N 21  
ARG CZ   C N N 22  
ARG NH1  N N N 23  
ARG NH2  N N N 24  
ARG OXT  O N N 25  
ARG H    H N N 26  
ARG H2   H N N 27  
ARG HA   H N N 28  
ARG HB2  H N N 29  
ARG HB3  H N N 30  
ARG HG2  H N N 31  
ARG HG3  H N N 32  
ARG HD2  H N N 33  
ARG HD3  H N N 34  
ARG HE   H N N 35  
ARG HH11 H N N 36  
ARG HH12 H N N 37  
ARG HH21 H N N 38  
ARG HH22 H N N 39  
ARG HXT  H N N 40  
ASN N    N N N 41  
ASN CA   C N S 42  
ASN C    C N N 43  
ASN O    O N N 44  
ASN CB   C N N 45  
ASN CG   C N N 46  
ASN OD1  O N N 47  
ASN ND2  N N N 48  
ASN OXT  O N N 49  
ASN H    H N N 50  
ASN H2   H N N 51  
ASN HA   H N N 52  
ASN HB2  H N N 53  
ASN HB3  H N N 54  
ASN HD21 H N N 55  
ASN HD22 H N N 56  
ASN HXT  H N N 57  
ASP N    N N N 58  
ASP CA   C N S 59  
ASP C    C N N 60  
ASP O    O N N 61  
ASP CB   C N N 62  
ASP CG   C N N 63  
ASP OD1  O N N 64  
ASP OD2  O N N 65  
ASP OXT  O N N 66  
ASP H    H N N 67  
ASP H2   H N N 68  
ASP HA   H N N 69  
ASP HB2  H N N 70  
ASP HB3  H N N 71  
ASP HD2  H N N 72  
ASP HXT  H N N 73  
CYS N    N N N 74  
CYS CA   C N R 75  
CYS C    C N N 76  
CYS O    O N N 77  
CYS CB   C N N 78  
CYS SG   S N N 79  
CYS OXT  O N N 80  
CYS H    H N N 81  
CYS H2   H N N 82  
CYS HA   H N N 83  
CYS HB2  H N N 84  
CYS HB3  H N N 85  
CYS HG   H N N 86  
CYS HXT  H N N 87  
GLN N    N N N 88  
GLN CA   C N S 89  
GLN C    C N N 90  
GLN O    O N N 91  
GLN CB   C N N 92  
GLN CG   C N N 93  
GLN CD   C N N 94  
GLN OE1  O N N 95  
GLN NE2  N N N 96  
GLN OXT  O N N 97  
GLN H    H N N 98  
GLN H2   H N N 99  
GLN HA   H N N 100 
GLN HB2  H N N 101 
GLN HB3  H N N 102 
GLN HG2  H N N 103 
GLN HG3  H N N 104 
GLN HE21 H N N 105 
GLN HE22 H N N 106 
GLN HXT  H N N 107 
GLU N    N N N 108 
GLU CA   C N S 109 
GLU C    C N N 110 
GLU O    O N N 111 
GLU CB   C N N 112 
GLU CG   C N N 113 
GLU CD   C N N 114 
GLU OE1  O N N 115 
GLU OE2  O N N 116 
GLU OXT  O N N 117 
GLU H    H N N 118 
GLU H2   H N N 119 
GLU HA   H N N 120 
GLU HB2  H N N 121 
GLU HB3  H N N 122 
GLU HG2  H N N 123 
GLU HG3  H N N 124 
GLU HE2  H N N 125 
GLU HXT  H N N 126 
GLY N    N N N 127 
GLY CA   C N N 128 
GLY C    C N N 129 
GLY O    O N N 130 
GLY OXT  O N N 131 
GLY H    H N N 132 
GLY H2   H N N 133 
GLY HA2  H N N 134 
GLY HA3  H N N 135 
GLY HXT  H N N 136 
HOH O    O N N 137 
HOH H1   H N N 138 
HOH H2   H N N 139 
ILE N    N N N 140 
ILE CA   C N S 141 
ILE C    C N N 142 
ILE O    O N N 143 
ILE CB   C N S 144 
ILE CG1  C N N 145 
ILE CG2  C N N 146 
ILE CD1  C N N 147 
ILE OXT  O N N 148 
ILE H    H N N 149 
ILE H2   H N N 150 
ILE HA   H N N 151 
ILE HB   H N N 152 
ILE HG12 H N N 153 
ILE HG13 H N N 154 
ILE HG21 H N N 155 
ILE HG22 H N N 156 
ILE HG23 H N N 157 
ILE HD11 H N N 158 
ILE HD12 H N N 159 
ILE HD13 H N N 160 
ILE HXT  H N N 161 
LEU N    N N N 162 
LEU CA   C N S 163 
LEU C    C N N 164 
LEU O    O N N 165 
LEU CB   C N N 166 
LEU CG   C N N 167 
LEU CD1  C N N 168 
LEU CD2  C N N 169 
LEU OXT  O N N 170 
LEU H    H N N 171 
LEU H2   H N N 172 
LEU HA   H N N 173 
LEU HB2  H N N 174 
LEU HB3  H N N 175 
LEU HG   H N N 176 
LEU HD11 H N N 177 
LEU HD12 H N N 178 
LEU HD13 H N N 179 
LEU HD21 H N N 180 
LEU HD22 H N N 181 
LEU HD23 H N N 182 
LEU HXT  H N N 183 
LYS N    N N N 184 
LYS CA   C N S 185 
LYS C    C N N 186 
LYS O    O N N 187 
LYS CB   C N N 188 
LYS CG   C N N 189 
LYS CD   C N N 190 
LYS CE   C N N 191 
LYS NZ   N N N 192 
LYS OXT  O N N 193 
LYS H    H N N 194 
LYS H2   H N N 195 
LYS HA   H N N 196 
LYS HB2  H N N 197 
LYS HB3  H N N 198 
LYS HG2  H N N 199 
LYS HG3  H N N 200 
LYS HD2  H N N 201 
LYS HD3  H N N 202 
LYS HE2  H N N 203 
LYS HE3  H N N 204 
LYS HZ1  H N N 205 
LYS HZ2  H N N 206 
LYS HZ3  H N N 207 
LYS HXT  H N N 208 
MET N    N N N 209 
MET CA   C N S 210 
MET C    C N N 211 
MET O    O N N 212 
MET CB   C N N 213 
MET CG   C N N 214 
MET SD   S N N 215 
MET CE   C N N 216 
MET OXT  O N N 217 
MET H    H N N 218 
MET H2   H N N 219 
MET HA   H N N 220 
MET HB2  H N N 221 
MET HB3  H N N 222 
MET HG2  H N N 223 
MET HG3  H N N 224 
MET HE1  H N N 225 
MET HE2  H N N 226 
MET HE3  H N N 227 
MET HXT  H N N 228 
PHE N    N N N 229 
PHE CA   C N S 230 
PHE C    C N N 231 
PHE O    O N N 232 
PHE CB   C N N 233 
PHE CG   C Y N 234 
PHE CD1  C Y N 235 
PHE CD2  C Y N 236 
PHE CE1  C Y N 237 
PHE CE2  C Y N 238 
PHE CZ   C Y N 239 
PHE OXT  O N N 240 
PHE H    H N N 241 
PHE H2   H N N 242 
PHE HA   H N N 243 
PHE HB2  H N N 244 
PHE HB3  H N N 245 
PHE HD1  H N N 246 
PHE HD2  H N N 247 
PHE HE1  H N N 248 
PHE HE2  H N N 249 
PHE HZ   H N N 250 
PHE HXT  H N N 251 
PRO N    N N N 252 
PRO CA   C N S 253 
PRO C    C N N 254 
PRO O    O N N 255 
PRO CB   C N N 256 
PRO CG   C N N 257 
PRO CD   C N N 258 
PRO OXT  O N N 259 
PRO H    H N N 260 
PRO HA   H N N 261 
PRO HB2  H N N 262 
PRO HB3  H N N 263 
PRO HG2  H N N 264 
PRO HG3  H N N 265 
PRO HD2  H N N 266 
PRO HD3  H N N 267 
PRO HXT  H N N 268 
SER N    N N N 269 
SER CA   C N S 270 
SER C    C N N 271 
SER O    O N N 272 
SER CB   C N N 273 
SER OG   O N N 274 
SER OXT  O N N 275 
SER H    H N N 276 
SER H2   H N N 277 
SER HA   H N N 278 
SER HB2  H N N 279 
SER HB3  H N N 280 
SER HG   H N N 281 
SER HXT  H N N 282 
SO4 S    S N N 283 
SO4 O1   O N N 284 
SO4 O2   O N N 285 
SO4 O3   O N N 286 
SO4 O4   O N N 287 
THR N    N N N 288 
THR CA   C N S 289 
THR C    C N N 290 
THR O    O N N 291 
THR CB   C N R 292 
THR OG1  O N N 293 
THR CG2  C N N 294 
THR OXT  O N N 295 
THR H    H N N 296 
THR H2   H N N 297 
THR HA   H N N 298 
THR HB   H N N 299 
THR HG1  H N N 300 
THR HG21 H N N 301 
THR HG22 H N N 302 
THR HG23 H N N 303 
THR HXT  H N N 304 
TRP N    N N N 305 
TRP CA   C N S 306 
TRP C    C N N 307 
TRP O    O N N 308 
TRP CB   C N N 309 
TRP CG   C Y N 310 
TRP CD1  C Y N 311 
TRP CD2  C Y N 312 
TRP NE1  N Y N 313 
TRP CE2  C Y N 314 
TRP CE3  C Y N 315 
TRP CZ2  C Y N 316 
TRP CZ3  C Y N 317 
TRP CH2  C Y N 318 
TRP OXT  O N N 319 
TRP H    H N N 320 
TRP H2   H N N 321 
TRP HA   H N N 322 
TRP HB2  H N N 323 
TRP HB3  H N N 324 
TRP HD1  H N N 325 
TRP HE1  H N N 326 
TRP HE3  H N N 327 
TRP HZ2  H N N 328 
TRP HZ3  H N N 329 
TRP HH2  H N N 330 
TRP HXT  H N N 331 
TYR N    N N N 332 
TYR CA   C N S 333 
TYR C    C N N 334 
TYR O    O N N 335 
TYR CB   C N N 336 
TYR CG   C Y N 337 
TYR CD1  C Y N 338 
TYR CD2  C Y N 339 
TYR CE1  C Y N 340 
TYR CE2  C Y N 341 
TYR CZ   C Y N 342 
TYR OH   O N N 343 
TYR OXT  O N N 344 
TYR H    H N N 345 
TYR H2   H N N 346 
TYR HA   H N N 347 
TYR HB2  H N N 348 
TYR HB3  H N N 349 
TYR HD1  H N N 350 
TYR HD2  H N N 351 
TYR HE1  H N N 352 
TYR HE2  H N N 353 
TYR HH   H N N 354 
TYR HXT  H N N 355 
VAL N    N N N 356 
VAL CA   C N S 357 
VAL C    C N N 358 
VAL O    O N N 359 
VAL CB   C N N 360 
VAL CG1  C N N 361 
VAL CG2  C N N 362 
VAL OXT  O N N 363 
VAL H    H N N 364 
VAL H2   H N N 365 
VAL HA   H N N 366 
VAL HB   H N N 367 
VAL HG11 H N N 368 
VAL HG12 H N N 369 
VAL HG13 H N N 370 
VAL HG21 H N N 371 
VAL HG22 H N N 372 
VAL HG23 H N N 373 
VAL HXT  H N N 374 
# 
loop_
_chem_comp_bond.comp_id 
_chem_comp_bond.atom_id_1 
_chem_comp_bond.atom_id_2 
_chem_comp_bond.value_order 
_chem_comp_bond.pdbx_aromatic_flag 
_chem_comp_bond.pdbx_stereo_config 
_chem_comp_bond.pdbx_ordinal 
ALA N   CA   sing N N 1   
ALA N   H    sing N N 2   
ALA N   H2   sing N N 3   
ALA CA  C    sing N N 4   
ALA CA  CB   sing N N 5   
ALA CA  HA   sing N N 6   
ALA C   O    doub N N 7   
ALA C   OXT  sing N N 8   
ALA CB  HB1  sing N N 9   
ALA CB  HB2  sing N N 10  
ALA CB  HB3  sing N N 11  
ALA OXT HXT  sing N N 12  
ARG N   CA   sing N N 13  
ARG N   H    sing N N 14  
ARG N   H2   sing N N 15  
ARG CA  C    sing N N 16  
ARG CA  CB   sing N N 17  
ARG CA  HA   sing N N 18  
ARG C   O    doub N N 19  
ARG C   OXT  sing N N 20  
ARG CB  CG   sing N N 21  
ARG CB  HB2  sing N N 22  
ARG CB  HB3  sing N N 23  
ARG CG  CD   sing N N 24  
ARG CG  HG2  sing N N 25  
ARG CG  HG3  sing N N 26  
ARG CD  NE   sing N N 27  
ARG CD  HD2  sing N N 28  
ARG CD  HD3  sing N N 29  
ARG NE  CZ   sing N N 30  
ARG NE  HE   sing N N 31  
ARG CZ  NH1  sing N N 32  
ARG CZ  NH2  doub N N 33  
ARG NH1 HH11 sing N N 34  
ARG NH1 HH12 sing N N 35  
ARG NH2 HH21 sing N N 36  
ARG NH2 HH22 sing N N 37  
ARG OXT HXT  sing N N 38  
ASN N   CA   sing N N 39  
ASN N   H    sing N N 40  
ASN N   H2   sing N N 41  
ASN CA  C    sing N N 42  
ASN CA  CB   sing N N 43  
ASN CA  HA   sing N N 44  
ASN C   O    doub N N 45  
ASN C   OXT  sing N N 46  
ASN CB  CG   sing N N 47  
ASN CB  HB2  sing N N 48  
ASN CB  HB3  sing N N 49  
ASN CG  OD1  doub N N 50  
ASN CG  ND2  sing N N 51  
ASN ND2 HD21 sing N N 52  
ASN ND2 HD22 sing N N 53  
ASN OXT HXT  sing N N 54  
ASP N   CA   sing N N 55  
ASP N   H    sing N N 56  
ASP N   H2   sing N N 57  
ASP CA  C    sing N N 58  
ASP CA  CB   sing N N 59  
ASP CA  HA   sing N N 60  
ASP C   O    doub N N 61  
ASP C   OXT  sing N N 62  
ASP CB  CG   sing N N 63  
ASP CB  HB2  sing N N 64  
ASP CB  HB3  sing N N 65  
ASP CG  OD1  doub N N 66  
ASP CG  OD2  sing N N 67  
ASP OD2 HD2  sing N N 68  
ASP OXT HXT  sing N N 69  
CYS N   CA   sing N N 70  
CYS N   H    sing N N 71  
CYS N   H2   sing N N 72  
CYS CA  C    sing N N 73  
CYS CA  CB   sing N N 74  
CYS CA  HA   sing N N 75  
CYS C   O    doub N N 76  
CYS C   OXT  sing N N 77  
CYS CB  SG   sing N N 78  
CYS CB  HB2  sing N N 79  
CYS CB  HB3  sing N N 80  
CYS SG  HG   sing N N 81  
CYS OXT HXT  sing N N 82  
GLN N   CA   sing N N 83  
GLN N   H    sing N N 84  
GLN N   H2   sing N N 85  
GLN CA  C    sing N N 86  
GLN CA  CB   sing N N 87  
GLN CA  HA   sing N N 88  
GLN C   O    doub N N 89  
GLN C   OXT  sing N N 90  
GLN CB  CG   sing N N 91  
GLN CB  HB2  sing N N 92  
GLN CB  HB3  sing N N 93  
GLN CG  CD   sing N N 94  
GLN CG  HG2  sing N N 95  
GLN CG  HG3  sing N N 96  
GLN CD  OE1  doub N N 97  
GLN CD  NE2  sing N N 98  
GLN NE2 HE21 sing N N 99  
GLN NE2 HE22 sing N N 100 
GLN OXT HXT  sing N N 101 
GLU N   CA   sing N N 102 
GLU N   H    sing N N 103 
GLU N   H2   sing N N 104 
GLU CA  C    sing N N 105 
GLU CA  CB   sing N N 106 
GLU CA  HA   sing N N 107 
GLU C   O    doub N N 108 
GLU C   OXT  sing N N 109 
GLU CB  CG   sing N N 110 
GLU CB  HB2  sing N N 111 
GLU CB  HB3  sing N N 112 
GLU CG  CD   sing N N 113 
GLU CG  HG2  sing N N 114 
GLU CG  HG3  sing N N 115 
GLU CD  OE1  doub N N 116 
GLU CD  OE2  sing N N 117 
GLU OE2 HE2  sing N N 118 
GLU OXT HXT  sing N N 119 
GLY N   CA   sing N N 120 
GLY N   H    sing N N 121 
GLY N   H2   sing N N 122 
GLY CA  C    sing N N 123 
GLY CA  HA2  sing N N 124 
GLY CA  HA3  sing N N 125 
GLY C   O    doub N N 126 
GLY C   OXT  sing N N 127 
GLY OXT HXT  sing N N 128 
HOH O   H1   sing N N 129 
HOH O   H2   sing N N 130 
ILE N   CA   sing N N 131 
ILE N   H    sing N N 132 
ILE N   H2   sing N N 133 
ILE CA  C    sing N N 134 
ILE CA  CB   sing N N 135 
ILE CA  HA   sing N N 136 
ILE C   O    doub N N 137 
ILE C   OXT  sing N N 138 
ILE CB  CG1  sing N N 139 
ILE CB  CG2  sing N N 140 
ILE CB  HB   sing N N 141 
ILE CG1 CD1  sing N N 142 
ILE CG1 HG12 sing N N 143 
ILE CG1 HG13 sing N N 144 
ILE CG2 HG21 sing N N 145 
ILE CG2 HG22 sing N N 146 
ILE CG2 HG23 sing N N 147 
ILE CD1 HD11 sing N N 148 
ILE CD1 HD12 sing N N 149 
ILE CD1 HD13 sing N N 150 
ILE OXT HXT  sing N N 151 
LEU N   CA   sing N N 152 
LEU N   H    sing N N 153 
LEU N   H2   sing N N 154 
LEU CA  C    sing N N 155 
LEU CA  CB   sing N N 156 
LEU CA  HA   sing N N 157 
LEU C   O    doub N N 158 
LEU C   OXT  sing N N 159 
LEU CB  CG   sing N N 160 
LEU CB  HB2  sing N N 161 
LEU CB  HB3  sing N N 162 
LEU CG  CD1  sing N N 163 
LEU CG  CD2  sing N N 164 
LEU CG  HG   sing N N 165 
LEU CD1 HD11 sing N N 166 
LEU CD1 HD12 sing N N 167 
LEU CD1 HD13 sing N N 168 
LEU CD2 HD21 sing N N 169 
LEU CD2 HD22 sing N N 170 
LEU CD2 HD23 sing N N 171 
LEU OXT HXT  sing N N 172 
LYS N   CA   sing N N 173 
LYS N   H    sing N N 174 
LYS N   H2   sing N N 175 
LYS CA  C    sing N N 176 
LYS CA  CB   sing N N 177 
LYS CA  HA   sing N N 178 
LYS C   O    doub N N 179 
LYS C   OXT  sing N N 180 
LYS CB  CG   sing N N 181 
LYS CB  HB2  sing N N 182 
LYS CB  HB3  sing N N 183 
LYS CG  CD   sing N N 184 
LYS CG  HG2  sing N N 185 
LYS CG  HG3  sing N N 186 
LYS CD  CE   sing N N 187 
LYS CD  HD2  sing N N 188 
LYS CD  HD3  sing N N 189 
LYS CE  NZ   sing N N 190 
LYS CE  HE2  sing N N 191 
LYS CE  HE3  sing N N 192 
LYS NZ  HZ1  sing N N 193 
LYS NZ  HZ2  sing N N 194 
LYS NZ  HZ3  sing N N 195 
LYS OXT HXT  sing N N 196 
MET N   CA   sing N N 197 
MET N   H    sing N N 198 
MET N   H2   sing N N 199 
MET CA  C    sing N N 200 
MET CA  CB   sing N N 201 
MET CA  HA   sing N N 202 
MET C   O    doub N N 203 
MET C   OXT  sing N N 204 
MET CB  CG   sing N N 205 
MET CB  HB2  sing N N 206 
MET CB  HB3  sing N N 207 
MET CG  SD   sing N N 208 
MET CG  HG2  sing N N 209 
MET CG  HG3  sing N N 210 
MET SD  CE   sing N N 211 
MET CE  HE1  sing N N 212 
MET CE  HE2  sing N N 213 
MET CE  HE3  sing N N 214 
MET OXT HXT  sing N N 215 
PHE N   CA   sing N N 216 
PHE N   H    sing N N 217 
PHE N   H2   sing N N 218 
PHE CA  C    sing N N 219 
PHE CA  CB   sing N N 220 
PHE CA  HA   sing N N 221 
PHE C   O    doub N N 222 
PHE C   OXT  sing N N 223 
PHE CB  CG   sing N N 224 
PHE CB  HB2  sing N N 225 
PHE CB  HB3  sing N N 226 
PHE CG  CD1  doub Y N 227 
PHE CG  CD2  sing Y N 228 
PHE CD1 CE1  sing Y N 229 
PHE CD1 HD1  sing N N 230 
PHE CD2 CE2  doub Y N 231 
PHE CD2 HD2  sing N N 232 
PHE CE1 CZ   doub Y N 233 
PHE CE1 HE1  sing N N 234 
PHE CE2 CZ   sing Y N 235 
PHE CE2 HE2  sing N N 236 
PHE CZ  HZ   sing N N 237 
PHE OXT HXT  sing N N 238 
PRO N   CA   sing N N 239 
PRO N   CD   sing N N 240 
PRO N   H    sing N N 241 
PRO CA  C    sing N N 242 
PRO CA  CB   sing N N 243 
PRO CA  HA   sing N N 244 
PRO C   O    doub N N 245 
PRO C   OXT  sing N N 246 
PRO CB  CG   sing N N 247 
PRO CB  HB2  sing N N 248 
PRO CB  HB3  sing N N 249 
PRO CG  CD   sing N N 250 
PRO CG  HG2  sing N N 251 
PRO CG  HG3  sing N N 252 
PRO CD  HD2  sing N N 253 
PRO CD  HD3  sing N N 254 
PRO OXT HXT  sing N N 255 
SER N   CA   sing N N 256 
SER N   H    sing N N 257 
SER N   H2   sing N N 258 
SER CA  C    sing N N 259 
SER CA  CB   sing N N 260 
SER CA  HA   sing N N 261 
SER C   O    doub N N 262 
SER C   OXT  sing N N 263 
SER CB  OG   sing N N 264 
SER CB  HB2  sing N N 265 
SER CB  HB3  sing N N 266 
SER OG  HG   sing N N 267 
SER OXT HXT  sing N N 268 
SO4 S   O1   doub N N 269 
SO4 S   O2   doub N N 270 
SO4 S   O3   sing N N 271 
SO4 S   O4   sing N N 272 
THR N   CA   sing N N 273 
THR N   H    sing N N 274 
THR N   H2   sing N N 275 
THR CA  C    sing N N 276 
THR CA  CB   sing N N 277 
THR CA  HA   sing N N 278 
THR C   O    doub N N 279 
THR C   OXT  sing N N 280 
THR CB  OG1  sing N N 281 
THR CB  CG2  sing N N 282 
THR CB  HB   sing N N 283 
THR OG1 HG1  sing N N 284 
THR CG2 HG21 sing N N 285 
THR CG2 HG22 sing N N 286 
THR CG2 HG23 sing N N 287 
THR OXT HXT  sing N N 288 
TRP N   CA   sing N N 289 
TRP N   H    sing N N 290 
TRP N   H2   sing N N 291 
TRP CA  C    sing N N 292 
TRP CA  CB   sing N N 293 
TRP CA  HA   sing N N 294 
TRP C   O    doub N N 295 
TRP C   OXT  sing N N 296 
TRP CB  CG   sing N N 297 
TRP CB  HB2  sing N N 298 
TRP CB  HB3  sing N N 299 
TRP CG  CD1  doub Y N 300 
TRP CG  CD2  sing Y N 301 
TRP CD1 NE1  sing Y N 302 
TRP CD1 HD1  sing N N 303 
TRP CD2 CE2  doub Y N 304 
TRP CD2 CE3  sing Y N 305 
TRP NE1 CE2  sing Y N 306 
TRP NE1 HE1  sing N N 307 
TRP CE2 CZ2  sing Y N 308 
TRP CE3 CZ3  doub Y N 309 
TRP CE3 HE3  sing N N 310 
TRP CZ2 CH2  doub Y N 311 
TRP CZ2 HZ2  sing N N 312 
TRP CZ3 CH2  sing Y N 313 
TRP CZ3 HZ3  sing N N 314 
TRP CH2 HH2  sing N N 315 
TRP OXT HXT  sing N N 316 
TYR N   CA   sing N N 317 
TYR N   H    sing N N 318 
TYR N   H2   sing N N 319 
TYR CA  C    sing N N 320 
TYR CA  CB   sing N N 321 
TYR CA  HA   sing N N 322 
TYR C   O    doub N N 323 
TYR C   OXT  sing N N 324 
TYR CB  CG   sing N N 325 
TYR CB  HB2  sing N N 326 
TYR CB  HB3  sing N N 327 
TYR CG  CD1  doub Y N 328 
TYR CG  CD2  sing Y N 329 
TYR CD1 CE1  sing Y N 330 
TYR CD1 HD1  sing N N 331 
TYR CD2 CE2  doub Y N 332 
TYR CD2 HD2  sing N N 333 
TYR CE1 CZ   doub Y N 334 
TYR CE1 HE1  sing N N 335 
TYR CE2 CZ   sing Y N 336 
TYR CE2 HE2  sing N N 337 
TYR CZ  OH   sing N N 338 
TYR OH  HH   sing N N 339 
TYR OXT HXT  sing N N 340 
VAL N   CA   sing N N 341 
VAL N   H    sing N N 342 
VAL N   H2   sing N N 343 
VAL CA  C    sing N N 344 
VAL CA  CB   sing N N 345 
VAL CA  HA   sing N N 346 
VAL C   O    doub N N 347 
VAL C   OXT  sing N N 348 
VAL CB  CG1  sing N N 349 
VAL CB  CG2  sing N N 350 
VAL CB  HB   sing N N 351 
VAL CG1 HG11 sing N N 352 
VAL CG1 HG12 sing N N 353 
VAL CG1 HG13 sing N N 354 
VAL CG2 HG21 sing N N 355 
VAL CG2 HG22 sing N N 356 
VAL CG2 HG23 sing N N 357 
VAL OXT HXT  sing N N 358 
# 
_atom_sites.entry_id                    1TOV 
_atom_sites.fract_transf_matrix[1][1]   0.01365316 
_atom_sites.fract_transf_matrix[1][2]   0.00967218 
_atom_sites.fract_transf_matrix[1][3]   0.00663148 
_atom_sites.fract_transf_matrix[2][1]   0.01252316 
_atom_sites.fract_transf_matrix[2][2]   0.00666266 
_atom_sites.fract_transf_matrix[2][3]   -0.01107734 
_atom_sites.fract_transf_matrix[3][1]   -0.00529114 
_atom_sites.fract_transf_matrix[3][2]   0.00819196 
_atom_sites.fract_transf_matrix[3][3]   -0.00105455 
_atom_sites.fract_transf_vector[1]      0.328304 
_atom_sites.fract_transf_vector[2]      0.439197 
_atom_sites.fract_transf_vector[3]      0.565177 
# 
loop_
_atom_type.symbol 
C 
N 
O 
S 
# 
loop_
_atom_site.group_PDB 
_atom_site.id 
_atom_site.type_symbol 
_atom_site.label_atom_id 
_atom_site.label_alt_id 
_atom_site.label_comp_id 
_atom_site.label_asym_id 
_atom_site.label_entity_id 
_atom_site.label_seq_id 
_atom_site.pdbx_PDB_ins_code 
_atom_site.Cartn_x 
_atom_site.Cartn_y 
_atom_site.Cartn_z 
_atom_site.occupancy 
_atom_site.B_iso_or_equiv 
_atom_site.pdbx_formal_charge 
_atom_site.auth_seq_id 
_atom_site.auth_comp_id 
_atom_site.auth_asym_id 
_atom_site.auth_atom_id 
_atom_site.pdbx_PDB_model_num 
ATOM   1   C C   . GLU A 1 1  ? -9.992  -13.904 -11.336 1.00 55.77 ? 132 GLU A C   1 
ATOM   2   O O   . GLU A 1 1  ? -9.944  -12.867 -10.653 1.00 55.96 ? 132 GLU A O   1 
ATOM   3   N N   . ASN A 1 2  ? -11.111 -14.366 -11.902 1.00 55.58 ? 133 ASN A N   1 
ATOM   4   C CA  . ASN A 1 2  ? -12.378 -14.514 -11.175 1.00 55.22 ? 133 ASN A CA  1 
ATOM   5   C C   . ASN A 1 2  ? -12.243 -14.670 -9.656  1.00 54.90 ? 133 ASN A C   1 
ATOM   6   O O   . ASN A 1 2  ? -12.853 -13.916 -8.889  1.00 54.92 ? 133 ASN A O   1 
ATOM   7   N N   . GLU A 1 3  ? -11.446 -15.656 -9.242  1.00 54.45 ? 134 GLU A N   1 
ATOM   8   C CA  . GLU A 1 3  ? -11.166 -15.918 -7.828  1.00 54.02 ? 134 GLU A CA  1 
ATOM   9   C C   . GLU A 1 3  ? -10.316 -14.813 -7.190  1.00 53.59 ? 134 GLU A C   1 
ATOM   10  O O   . GLU A 1 3  ? -10.483 -14.496 -6.010  1.00 53.58 ? 134 GLU A O   1 
ATOM   11  C CB  . GLU A 1 3  ? -10.466 -17.274 -7.673  1.00 54.01 ? 134 GLU A CB  1 
ATOM   12  C CG  . GLU A 1 3  ? -10.436 -17.819 -6.252  1.00 54.07 ? 134 GLU A CG  1 
ATOM   13  N N   . SER A 1 4  ? -9.408  -14.239 -7.979  1.00 53.06 ? 135 SER A N   1 
ATOM   14  C CA  . SER A 1 4  ? -8.510  -13.185 -7.511  1.00 52.39 ? 135 SER A CA  1 
ATOM   15  C C   . SER A 1 4  ? -9.243  -11.878 -7.206  1.00 51.90 ? 135 SER A C   1 
ATOM   16  O O   . SER A 1 4  ? -8.924  -11.207 -6.222  1.00 51.78 ? 135 SER A O   1 
ATOM   17  C CB  . SER A 1 4  ? -7.389  -12.943 -8.526  1.00 52.51 ? 135 SER A CB  1 
ATOM   18  O OG  . SER A 1 4  ? -6.620  -14.118 -8.723  1.00 52.78 ? 135 SER A OG  1 
ATOM   19  N N   . ASP A 1 5  ? -10.218 -11.525 -8.047  1.00 51.16 ? 136 ASP A N   1 
ATOM   20  C CA  . ASP A 1 5  ? -11.040 -10.327 -7.845  1.00 50.51 ? 136 ASP A CA  1 
ATOM   21  C C   . ASP A 1 5  ? -11.893 -10.449 -6.583  1.00 49.80 ? 136 ASP A C   1 
ATOM   22  O O   . ASP A 1 5  ? -12.068 -9.476  -5.845  1.00 49.71 ? 136 ASP A O   1 
ATOM   23  C CB  . ASP A 1 5  ? -11.941 -10.062 -9.059  1.00 50.80 ? 136 ASP A CB  1 
ATOM   24  C CG  . ASP A 1 5  ? -11.154 -9.811  -10.340 1.00 51.54 ? 136 ASP A CG  1 
ATOM   25  O OD1 . ASP A 1 5  ? -10.098 -9.141  -10.289 1.00 52.31 ? 136 ASP A OD1 1 
ATOM   26  O OD2 . ASP A 1 5  ? -11.524 -10.240 -11.454 1.00 52.54 ? 136 ASP A OD2 1 
ATOM   27  N N   . LYS A 1 6  ? -12.419 -11.651 -6.353  1.00 48.83 ? 137 LYS A N   1 
ATOM   28  C CA  . LYS A 1 6  ? -13.176 -11.971 -5.147  1.00 47.89 ? 137 LYS A CA  1 
ATOM   29  C C   . LYS A 1 6  ? -12.292 -11.847 -3.905  1.00 47.11 ? 137 LYS A C   1 
ATOM   30  O O   . LYS A 1 6  ? -12.705 -11.259 -2.905  1.00 47.11 ? 137 LYS A O   1 
ATOM   31  C CB  . LYS A 1 6  ? -13.764 -13.386 -5.252  1.00 48.00 ? 137 LYS A CB  1 
ATOM   32  C CG  . LYS A 1 6  ? -14.680 -13.787 -4.101  1.00 48.14 ? 137 LYS A CG  1 
ATOM   33  N N   . LEU A 1 7  ? -11.079 -12.392 -3.982  1.00 46.17 ? 138 LEU A N   1 
ATOM   34  C CA  . LEU A 1 7  ? -10.128 -12.338 -2.873  1.00 45.34 ? 138 LEU A CA  1 
ATOM   35  C C   . LEU A 1 7  ? -9.688  -10.902 -2.573  1.00 44.67 ? 138 LEU A C   1 
ATOM   36  O O   . LEU A 1 7  ? -9.557  -10.517 -1.408  1.00 44.42 ? 138 LEU A O   1 
ATOM   37  C CB  . LEU A 1 7  ? -8.912  -13.232 -3.152  1.00 45.36 ? 138 LEU A CB  1 
ATOM   38  C CG  . LEU A 1 7  ? -9.058  -14.737 -2.884  1.00 45.53 ? 138 LEU A CG  1 
ATOM   39  C CD1 . LEU A 1 7  ? -7.848  -15.492 -3.410  1.00 45.52 ? 138 LEU A CD1 1 
ATOM   40  C CD2 . LEU A 1 7  ? -9.265  -15.028 -1.395  1.00 45.85 ? 138 LEU A CD2 1 
ATOM   41  N N   . ASN A 1 8  ? -9.481  -10.117 -3.630  1.00 43.87 ? 139 ASN A N   1 
ATOM   42  C CA  . ASN A 1 8  ? -9.115  -8.707  -3.495  1.00 43.19 ? 139 ASN A CA  1 
ATOM   43  C C   . ASN A 1 8  ? -10.244 -7.836  -2.953  1.00 43.41 ? 139 ASN A C   1 
ATOM   44  O O   . ASN A 1 8  ? -10.007 -6.953  -2.127  1.00 43.10 ? 139 ASN A O   1 
ATOM   45  C CB  . ASN A 1 8  ? -8.611  -8.142  -4.825  1.00 42.65 ? 139 ASN A CB  1 
ATOM   46  C CG  . ASN A 1 8  ? -7.131  -8.389  -5.040  1.00 41.17 ? 139 ASN A CG  1 
ATOM   47  O OD1 . ASN A 1 8  ? -6.327  -8.250  -4.120  1.00 37.95 ? 139 ASN A OD1 1 
ATOM   48  N ND2 . ASN A 1 8  ? -6.765  -8.759  -6.262  1.00 39.92 ? 139 ASN A ND2 1 
ATOM   49  N N   . GLU A 1 9  ? -11.469 -8.086  -3.412  1.00 43.80 ? 140 GLU A N   1 
ATOM   50  C CA  . GLU A 1 9  ? -12.630 -7.332  -2.941  1.00 44.30 ? 140 GLU A CA  1 
ATOM   51  C C   . GLU A 1 9  ? -12.895 -7.602  -1.462  1.00 44.15 ? 140 GLU A C   1 
ATOM   52  O O   . GLU A 1 9  ? -13.250 -6.689  -0.715  1.00 44.38 ? 140 GLU A O   1 
ATOM   53  C CB  . GLU A 1 9  ? -13.874 -7.646  -3.782  1.00 44.69 ? 140 GLU A CB  1 
ATOM   54  C CG  . GLU A 1 9  ? -14.104 -6.672  -4.928  1.00 46.27 ? 140 GLU A CG  1 
ATOM   55  C CD  . GLU A 1 9  ? -15.217 -7.117  -5.861  1.00 48.48 ? 140 GLU A CD  1 
ATOM   56  O OE1 . GLU A 1 9  ? -14.946 -7.928  -6.775  1.00 49.53 ? 140 GLU A OE1 1 
ATOM   57  O OE2 . GLU A 1 9  ? -16.364 -6.655  -5.680  1.00 49.21 ? 140 GLU A OE2 1 
ATOM   58  N N   . GLU A 1 10 ? -12.699 -8.854  -1.050  1.00 44.12 ? 141 GLU A N   1 
ATOM   59  C CA  . GLU A 1 10 ? -12.863 -9.260  0.345   1.00 44.00 ? 141 GLU A CA  1 
ATOM   60  C C   . GLU A 1 10 ? -11.801 -8.632  1.244   1.00 43.20 ? 141 GLU A C   1 
ATOM   61  O O   . GLU A 1 10 ? -12.118 -8.105  2.311   1.00 43.35 ? 141 GLU A O   1 
ATOM   62  C CB  . GLU A 1 10 ? -12.824 -10.789 0.472   1.00 44.43 ? 141 GLU A CB  1 
ATOM   63  C CG  . GLU A 1 10 ? -14.191 -11.460 0.437   1.00 46.61 ? 141 GLU A CG  1 
ATOM   64  C CD  . GLU A 1 10 ? -15.088 -11.026 1.583   1.00 49.15 ? 141 GLU A CD  1 
ATOM   65  O OE1 . GLU A 1 10 ? -14.858 -11.478 2.730   1.00 50.79 ? 141 GLU A OE1 1 
ATOM   66  O OE2 . GLU A 1 10 ? -16.019 -10.229 1.337   1.00 50.01 ? 141 GLU A OE2 1 
ATOM   67  N N   . ALA A 1 11 ? -10.545 -8.689  0.805   1.00 42.17 ? 142 ALA A N   1 
ATOM   68  C CA  . ALA A 1 11 ? -9.432  -8.116  1.559   1.00 41.15 ? 142 ALA A CA  1 
ATOM   69  C C   . ALA A 1 11 ? -9.538  -6.599  1.708   1.00 40.43 ? 142 ALA A C   1 
ATOM   70  O O   . ALA A 1 11 ? -9.072  -6.046  2.699   1.00 40.56 ? 142 ALA A O   1 
ATOM   71  C CB  . ALA A 1 11 ? -8.100  -8.498  0.925   1.00 41.10 ? 142 ALA A CB  1 
ATOM   72  N N   . ALA A 1 12 ? -10.156 -5.938  0.730   1.00 39.50 ? 143 ALA A N   1 
ATOM   73  C CA  . ALA A 1 12 ? -10.257 -4.477  0.710   1.00 38.50 ? 143 ALA A CA  1 
ATOM   74  C C   . ALA A 1 12 ? -11.298 -3.910  1.673   1.00 38.10 ? 143 ALA A C   1 
ATOM   75  O O   . ALA A 1 12 ? -11.183 -2.761  2.106   1.00 37.54 ? 143 ALA A O   1 
ATOM   76  C CB  . ALA A 1 12 ? -10.528 -3.978  -0.706  1.00 38.64 ? 143 ALA A CB  1 
ATOM   77  N N   . LYS A 1 13 ? -12.305 -4.721  2.006   1.00 37.60 ? 144 LYS A N   1 
ATOM   78  C CA  . LYS A 1 13 ? -13.432 -4.284  2.841   1.00 37.03 ? 144 LYS A CA  1 
ATOM   79  C C   . LYS A 1 13 ? -13.027 -3.665  4.182   1.00 36.41 ? 144 LYS A C   1 
ATOM   80  O O   . LYS A 1 13 ? -13.688 -2.745  4.665   1.00 36.47 ? 144 LYS A O   1 
ATOM   81  C CB  . LYS A 1 13 ? -14.414 -5.439  3.070   1.00 37.29 ? 144 LYS A CB  1 
ATOM   82  N N   . ASN A 1 14 ? -11.948 -4.165  4.777   1.00 35.50 ? 145 ASN A N   1 
ATOM   83  C CA  . ASN A 1 14 ? -11.478 -3.636  6.055   1.00 34.90 ? 145 ASN A CA  1 
ATOM   84  C C   . ASN A 1 14 ? -10.280 -2.677  5.931   1.00 34.12 ? 145 ASN A C   1 
ATOM   85  O O   . ASN A 1 14 ? -9.782  -2.156  6.938   1.00 34.03 ? 145 ASN A O   1 
ATOM   86  C CB  A ASN A 1 14 ? -11.200 -4.771  7.050   0.75 35.41 ? 145 ASN A CB  1 
ATOM   87  C CB  B ASN A 1 14 ? -11.130 -4.793  7.004   0.25 34.86 ? 145 ASN A CB  1 
ATOM   88  C CG  A ASN A 1 14 ? -12.458 -5.245  7.768   0.75 36.49 ? 145 ASN A CG  1 
ATOM   89  C CG  B ASN A 1 14 ? -9.973  -5.649  6.495   0.25 34.76 ? 145 ASN A CG  1 
ATOM   90  O OD1 A ASN A 1 14 ? -12.973 -6.330  7.491   0.75 37.69 ? 145 ASN A OD1 1 
ATOM   91  O OD1 B ASN A 1 14 ? -10.028 -6.203  5.395   0.25 34.46 ? 145 ASN A OD1 1 
ATOM   92  N ND2 A ASN A 1 14 ? -12.953 -4.435  8.699   0.75 37.61 ? 145 ASN A ND2 1 
ATOM   93  N ND2 B ASN A 1 14 ? -8.922  -5.762  7.300   0.25 34.26 ? 145 ASN A ND2 1 
ATOM   94  N N   . ILE A 1 15 ? -9.833  -2.431  4.698   1.00 32.66 ? 146 ILE A N   1 
ATOM   95  C CA  . ILE A 1 15 ? -8.699  -1.532  4.469   1.00 31.56 ? 146 ILE A CA  1 
ATOM   96  C C   . ILE A 1 15 ? -9.184  -0.096  4.311   1.00 31.23 ? 146 ILE A C   1 
ATOM   97  O O   . ILE A 1 15 ? -9.912  0.221   3.366   1.00 31.47 ? 146 ILE A O   1 
ATOM   98  C CB  . ILE A 1 15 ? -7.864  -1.963  3.237   1.00 31.02 ? 146 ILE A CB  1 
ATOM   99  C CG1 . ILE A 1 15 ? -7.337  -3.397  3.408   1.00 30.50 ? 146 ILE A CG1 1 
ATOM   100 C CG2 . ILE A 1 15 ? -6.716  -0.961  2.994   1.00 30.33 ? 146 ILE A CG2 1 
ATOM   101 C CD1 . ILE A 1 15 ? -6.507  -3.925  2.235   1.00 28.95 ? 146 ILE A CD1 1 
ATOM   102 N N   . MET A 1 16 ? -8.784  0.757   5.248   1.00 30.78 ? 147 MET A N   1 
ATOM   103 C CA  . MET A 1 16 ? -9.195  2.157   5.260   1.00 30.63 ? 147 MET A CA  1 
ATOM   104 C C   . MET A 1 16 ? -7.994  3.079   5.158   1.00 29.32 ? 147 MET A C   1 
ATOM   105 O O   . MET A 1 16 ? -6.932  2.796   5.717   1.00 28.89 ? 147 MET A O   1 
ATOM   106 C CB  . MET A 1 16 ? -9.985  2.491   6.539   1.00 31.49 ? 147 MET A CB  1 
ATOM   107 C CG  . MET A 1 16 ? -11.117 1.523   6.894   1.00 34.43 ? 147 MET A CG  1 
ATOM   108 S SD  . MET A 1 16 ? -12.349 1.286   5.600   1.00 41.94 ? 147 MET A SD  1 
ATOM   109 C CE  . MET A 1 16 ? -12.976 2.951   5.378   1.00 40.58 ? 147 MET A CE  1 
ATOM   110 N N   . VAL A 1 17 ? -8.166  4.194   4.450   1.00 28.09 ? 148 VAL A N   1 
ATOM   111 C CA  . VAL A 1 17 ? -7.143  5.228   4.387   1.00 26.74 ? 148 VAL A CA  1 
ATOM   112 C C   . VAL A 1 17 ? -6.800  5.689   5.811   1.00 26.57 ? 148 VAL A C   1 
ATOM   113 O O   . VAL A 1 17 ? -7.697  5.901   6.635   1.00 26.64 ? 148 VAL A O   1 
ATOM   114 C CB  . VAL A 1 17 ? -7.607  6.415   3.484   1.00 26.56 ? 148 VAL A CB  1 
ATOM   115 C CG1 . VAL A 1 17 ? -6.644  7.580   3.559   1.00 25.55 ? 148 VAL A CG1 1 
ATOM   116 C CG2 . VAL A 1 17 ? -7.780  5.943   2.037   1.00 26.57 ? 148 VAL A CG2 1 
ATOM   117 N N   . GLY A 1 18 ? -5.507  5.800   6.105   1.00 25.68 ? 149 GLY A N   1 
ATOM   118 C CA  . GLY A 1 18 ? -5.039  6.180   7.427   1.00 25.65 ? 149 GLY A CA  1 
ATOM   119 C C   . GLY A 1 18 ? -4.576  5.011   8.281   1.00 25.11 ? 149 GLY A C   1 
ATOM   120 O O   . GLY A 1 18 ? -3.847  5.208   9.263   1.00 25.86 ? 149 GLY A O   1 
ATOM   121 N N   . ASN A 1 19 ? -4.998  3.802   7.907   1.00 24.58 ? 150 ASN A N   1 
ATOM   122 C CA  . ASN A 1 19 ? -4.612  2.575   8.601   1.00 23.84 ? 150 ASN A CA  1 
ATOM   123 C C   . ASN A 1 19 ? -3.116  2.350   8.480   1.00 23.31 ? 150 ASN A C   1 
ATOM   124 O O   . ASN A 1 19 ? -2.533  2.556   7.414   1.00 22.73 ? 150 ASN A O   1 
ATOM   125 C CB  . ASN A 1 19 ? -5.311  1.354   7.994   1.00 23.92 ? 150 ASN A CB  1 
ATOM   126 C CG  . ASN A 1 19 ? -6.769  1.207   8.421   1.00 25.00 ? 150 ASN A CG  1 
ATOM   127 O OD1 . ASN A 1 19 ? -7.488  0.371   7.870   1.00 26.48 ? 150 ASN A OD1 1 
ATOM   128 N ND2 . ASN A 1 19 ? -7.209  2.002   9.392   1.00 27.05 ? 150 ASN A ND2 1 
ATOM   129 N N   . ARG A 1 20 ? -2.493  1.913   9.569   1.00 22.46 ? 151 ARG A N   1 
ATOM   130 C CA  . ARG A 1 20 ? -1.130  1.413   9.483   1.00 21.70 ? 151 ARG A CA  1 
ATOM   131 C C   . ARG A 1 20 ? -1.210  0.043   8.826   1.00 21.16 ? 151 ARG A C   1 
ATOM   132 O O   . ARG A 1 20 ? -2.223  -0.647  8.937   1.00 20.65 ? 151 ARG A O   1 
ATOM   133 C CB  . ARG A 1 20 ? -0.500  1.310   10.869  1.00 21.59 ? 151 ARG A CB  1 
ATOM   134 C CG  . ARG A 1 20 ? -0.084  2.656   11.460  1.00 22.50 ? 151 ARG A CG  1 
ATOM   135 C CD  . ARG A 1 20 ? 1.093   3.338   10.753  1.00 22.10 ? 151 ARG A CD  1 
ATOM   136 N NE  . ARG A 1 20 ? 2.288   2.499   10.766  1.00 21.17 ? 151 ARG A NE  1 
ATOM   137 C CZ  . ARG A 1 20 ? 3.427   2.792   10.151  1.00 20.39 ? 151 ARG A CZ  1 
ATOM   138 N NH1 . ARG A 1 20 ? 3.557   3.922   9.455   1.00 20.60 ? 151 ARG A NH1 1 
ATOM   139 N NH2 . ARG A 1 20 ? 4.440   1.945   10.218  1.00 20.89 ? 151 ARG A NH2 1 
ATOM   140 N N   . CYS A 1 21 ? -0.143  -0.351  8.139   1.00 21.03 ? 152 CYS A N   1 
ATOM   141 C CA  . CYS A 1 21 ? -0.193  -1.570  7.343   1.00 20.79 ? 152 CYS A CA  1 
ATOM   142 C C   . CYS A 1 21 ? 1.178   -2.202  7.130   1.00 20.45 ? 152 CYS A C   1 
ATOM   143 O O   . CYS A 1 21 ? 2.218   -1.576  7.374   1.00 19.61 ? 152 CYS A O   1 
ATOM   144 C CB  . CYS A 1 21 ? -0.873  -1.305  5.995   1.00 20.94 ? 152 CYS A CB  1 
ATOM   145 S SG  . CYS A 1 21 ? 0.088   -0.268  4.880   1.00 22.75 ? 152 CYS A SG  1 
ATOM   146 N N   . GLU A 1 22 ? 1.151   -3.462  6.707   1.00 20.30 ? 153 GLU A N   1 
ATOM   147 C CA  . GLU A 1 22 ? 2.342   -4.185  6.295   1.00 20.94 ? 153 GLU A CA  1 
ATOM   148 C C   . GLU A 1 22 ? 2.076   -4.772  4.910   1.00 20.70 ? 153 GLU A C   1 
ATOM   149 O O   . GLU A 1 22 ? 1.074   -5.472  4.704   1.00 20.54 ? 153 GLU A O   1 
ATOM   150 C CB  . GLU A 1 22 ? 2.662   -5.296  7.308   1.00 21.41 ? 153 GLU A CB  1 
ATOM   151 C CG  . GLU A 1 22 ? 3.804   -6.199  6.884   1.00 23.49 ? 153 GLU A CG  1 
ATOM   152 C CD  . GLU A 1 22 ? 3.835   -7.507  7.654   1.00 27.89 ? 153 GLU A CD  1 
ATOM   153 O OE1 . GLU A 1 22 ? 2.858   -8.293  7.591   1.00 30.91 ? 153 GLU A OE1 1 
ATOM   154 O OE2 . GLU A 1 22 ? 4.850   -7.750  8.323   1.00 29.33 ? 153 GLU A OE2 1 
ATOM   155 N N   . VAL A 1 23 ? 2.963   -4.455  3.966   1.00 20.67 ? 154 VAL A N   1 
ATOM   156 C CA  . VAL A 1 23 ? 2.867   -4.937  2.592   1.00 21.16 ? 154 VAL A CA  1 
ATOM   157 C C   . VAL A 1 23 ? 3.826   -6.102  2.347   1.00 22.20 ? 154 VAL A C   1 
ATOM   158 O O   . VAL A 1 23 ? 5.026   -6.012  2.635   1.00 21.75 ? 154 VAL A O   1 
ATOM   159 C CB  . VAL A 1 23 ? 3.146   -3.809  1.572   1.00 20.92 ? 154 VAL A CB  1 
ATOM   160 C CG1 . VAL A 1 23 ? 3.055   -4.338  0.136   1.00 19.40 ? 154 VAL A CG1 1 
ATOM   161 C CG2 . VAL A 1 23 ? 2.169   -2.663  1.771   1.00 20.24 ? 154 VAL A CG2 1 
ATOM   162 N N   . THR A 1 24 ? 3.283   -7.201  1.831   1.00 23.95 ? 155 THR A N   1 
ATOM   163 C CA  . THR A 1 24 ? 4.097   -8.344  1.424   1.00 26.43 ? 155 THR A CA  1 
ATOM   164 C C   . THR A 1 24 ? 3.779   -8.700  -0.019  1.00 28.19 ? 155 THR A C   1 
ATOM   165 O O   . THR A 1 24 ? 2.746   -9.306  -0.304  1.00 28.88 ? 155 THR A O   1 
ATOM   166 C CB  . THR A 1 24 ? 3.835   -9.569  2.328   1.00 26.27 ? 155 THR A CB  1 
ATOM   167 O OG1 . THR A 1 24 ? 2.429   -9.848  2.356   1.00 28.91 ? 155 THR A OG1 1 
ATOM   168 C CG2 . THR A 1 24 ? 4.166   -9.257  3.764   1.00 25.50 ? 155 THR A CG2 1 
ATOM   169 N N   . VAL A 1 25 ? 4.669   -8.316  -0.924  1.00 30.29 ? 156 VAL A N   1 
ATOM   170 C CA  . VAL A 1 25 ? 4.491   -8.592  -2.341  1.00 32.81 ? 156 VAL A CA  1 
ATOM   171 C C   . VAL A 1 25 ? 5.419   -9.728  -2.766  1.00 34.34 ? 156 VAL A C   1 
ATOM   172 O O   . VAL A 1 25 ? 6.646   -9.599  -2.706  1.00 34.98 ? 156 VAL A O   1 
ATOM   173 C CB  . VAL A 1 25 ? 4.718   -7.321  -3.184  1.00 32.76 ? 156 VAL A CB  1 
ATOM   174 C CG1 . VAL A 1 25 ? 4.802   -7.649  -4.676  1.00 33.49 ? 156 VAL A CG1 1 
ATOM   175 C CG2 . VAL A 1 25 ? 3.591   -6.350  -2.935  1.00 33.42 ? 156 VAL A CG2 1 
ATOM   176 N N   . GLY A 1 26 ? 4.818   -10.848 -3.162  1.00 35.97 ? 157 GLY A N   1 
ATOM   177 C CA  . GLY A 1 26 ? 5.557   -12.019 -3.605  1.00 37.74 ? 157 GLY A CA  1 
ATOM   178 C C   . GLY A 1 26 ? 6.627   -12.485 -2.632  1.00 38.86 ? 157 GLY A C   1 
ATOM   179 O O   . GLY A 1 26 ? 6.335   -12.769 -1.469  1.00 39.33 ? 157 GLY A O   1 
ATOM   180 N N   . ALA A 1 27 ? 7.867   -12.537 -3.113  1.00 39.86 ? 158 ALA A N   1 
ATOM   181 C CA  . ALA A 1 27 ? 8.998   -13.044 -2.334  1.00 40.35 ? 158 ALA A CA  1 
ATOM   182 C C   . ALA A 1 27 ? 9.661   -11.985 -1.447  1.00 40.48 ? 158 ALA A C   1 
ATOM   183 O O   . ALA A 1 27 ? 10.477  -12.320 -0.584  1.00 40.90 ? 158 ALA A O   1 
ATOM   184 C CB  . ALA A 1 27 ? 10.035  -13.684 -3.269  1.00 40.48 ? 158 ALA A CB  1 
ATOM   185 N N   . GLN A 1 28 ? 9.293   -10.722 -1.651  1.00 40.36 ? 159 GLN A N   1 
ATOM   186 C CA  . GLN A 1 28 ? 9.947   -9.581  -1.002  1.00 40.05 ? 159 GLN A CA  1 
ATOM   187 C C   . GLN A 1 28 ? 9.839   -9.560  0.521   1.00 38.99 ? 159 GLN A C   1 
ATOM   188 O O   . GLN A 1 28 ? 8.953   -10.193 1.100   1.00 39.11 ? 159 GLN A O   1 
ATOM   189 C CB  . GLN A 1 28 ? 9.362   -8.279  -1.543  1.00 40.49 ? 159 GLN A CB  1 
ATOM   190 C CG  . GLN A 1 28 ? 10.087  -7.711  -2.732  1.00 43.08 ? 159 GLN A CG  1 
ATOM   191 C CD  . GLN A 1 28 ? 9.646   -6.297  -3.029  1.00 45.54 ? 159 GLN A CD  1 
ATOM   192 O OE1 . GLN A 1 28 ? 10.196  -5.341  -2.478  1.00 47.19 ? 159 GLN A OE1 1 
ATOM   193 N NE2 . GLN A 1 28 ? 8.640   -6.155  -3.886  1.00 46.75 ? 159 GLN A NE2 1 
ATOM   194 N N   . MET A 1 29 ? 10.748  -8.817  1.156   1.00 37.45 ? 160 MET A N   1 
ATOM   195 C CA  . MET A 1 29 ? 10.661  -8.515  2.584   1.00 35.82 ? 160 MET A CA  1 
ATOM   196 C C   . MET A 1 29 ? 9.423   -7.660  2.848   1.00 33.74 ? 160 MET A C   1 
ATOM   197 O O   . MET A 1 29 ? 9.092   -6.770  2.050   1.00 33.41 ? 160 MET A O   1 
ATOM   198 C CB  . MET A 1 29 ? 11.913  -7.764  3.047   1.00 36.62 ? 160 MET A CB  1 
ATOM   199 C CG  . MET A 1 29 ? 12.056  -7.621  4.556   1.00 38.92 ? 160 MET A CG  1 
ATOM   200 S SD  . MET A 1 29 ? 12.855  -9.047  5.324   1.00 47.31 ? 160 MET A SD  1 
ATOM   201 N N   . ALA A 1 30 ? 8.745   -7.941  3.958   1.00 31.02 ? 161 ALA A N   1 
ATOM   202 C CA  . ALA A 1 30 ? 7.593   -7.153  4.389   1.00 28.70 ? 161 ALA A CA  1 
ATOM   203 C C   . ALA A 1 30 ? 7.999   -5.705  4.659   1.00 27.04 ? 161 ALA A C   1 
ATOM   204 O O   . ALA A 1 30 ? 9.063   -5.449  5.228   1.00 26.38 ? 161 ALA A O   1 
ATOM   205 C CB  . ALA A 1 30 ? 6.980   -7.766  5.633   1.00 28.83 ? 161 ALA A CB  1 
ATOM   206 N N   . ARG A 1 31 ? 7.154   -4.763  4.236   1.00 24.56 ? 162 ARG A N   1 
ATOM   207 C CA  . ARG A 1 31 ? 7.413   -3.338  4.433   1.00 22.94 ? 162 ARG A CA  1 
ATOM   208 C C   . ARG A 1 31 ? 6.201   -2.658  5.051   1.00 21.85 ? 162 ARG A C   1 
ATOM   209 O O   . ARG A 1 31 ? 5.071   -2.859  4.596   1.00 21.12 ? 162 ARG A O   1 
ATOM   210 C CB  . ARG A 1 31 ? 7.730   -2.648  3.103   1.00 22.97 ? 162 ARG A CB  1 
ATOM   211 C CG  . ARG A 1 31 ? 8.968   -3.139  2.391   1.00 23.97 ? 162 ARG A CG  1 
ATOM   212 C CD  . ARG A 1 31 ? 8.963   -2.807  0.895   1.00 26.34 ? 162 ARG A CD  1 
ATOM   213 N NE  . ARG A 1 31 ? 7.963   -3.588  0.173   1.00 28.11 ? 162 ARG A NE  1 
ATOM   214 C CZ  . ARG A 1 31 ? 7.440   -3.260  -1.004  1.00 28.35 ? 162 ARG A CZ  1 
ATOM   215 N NH1 . ARG A 1 31 ? 7.818   -2.157  -1.642  1.00 28.91 ? 162 ARG A NH1 1 
ATOM   216 N NH2 . ARG A 1 31 ? 6.540   -4.055  -1.556  1.00 29.18 ? 162 ARG A NH2 1 
ATOM   217 N N   . ARG A 1 32 ? 6.441   -1.832  6.067   1.00 20.85 ? 163 ARG A N   1 
ATOM   218 C CA  . ARG A 1 32 ? 5.353   -1.147  6.757   1.00 20.11 ? 163 ARG A CA  1 
ATOM   219 C C   . ARG A 1 32 ? 5.166   0.287   6.290   1.00 20.14 ? 163 ARG A C   1 
ATOM   220 O O   . ARG A 1 32 ? 6.095   0.914   5.791   1.00 20.33 ? 163 ARG A O   1 
ATOM   221 C CB  . ARG A 1 32 ? 5.592   -1.152  8.265   1.00 19.97 ? 163 ARG A CB  1 
ATOM   222 C CG  . ARG A 1 32 ? 5.640   -2.554  8.831   1.00 19.54 ? 163 ARG A CG  1 
ATOM   223 C CD  . ARG A 1 32 ? 5.709   -2.596  10.341  1.00 20.22 ? 163 ARG A CD  1 
ATOM   224 N NE  . ARG A 1 32 ? 5.874   -3.971  10.791  1.00 20.48 ? 163 ARG A NE  1 
ATOM   225 C CZ  . ARG A 1 32 ? 6.100   -4.320  12.052  1.00 20.81 ? 163 ARG A CZ  1 
ATOM   226 N NH1 . ARG A 1 32 ? 6.200   -3.389  12.995  1.00 20.48 ? 163 ARG A NH1 1 
ATOM   227 N NH2 . ARG A 1 32 ? 6.236   -5.603  12.360  1.00 22.00 ? 163 ARG A NH2 1 
ATOM   228 N N   . GLY A 1 33 ? 3.954   0.795   6.471   1.00 20.35 ? 164 GLY A N   1 
ATOM   229 C CA  . GLY A 1 33 ? 3.650   2.183   6.168   1.00 20.90 ? 164 GLY A CA  1 
ATOM   230 C C   . GLY A 1 33 ? 2.217   2.496   6.553   1.00 21.58 ? 164 GLY A C   1 
ATOM   231 O O   . GLY A 1 33 ? 1.657   1.888   7.464   1.00 21.30 ? 164 GLY A O   1 
ATOM   232 N N   . GLU A 1 34 ? 1.620   3.441   5.836   1.00 21.98 ? 165 GLU A N   1 
ATOM   233 C CA  . GLU A 1 34 ? 0.259   3.888   6.112   1.00 22.55 ? 165 GLU A CA  1 
ATOM   234 C C   . GLU A 1 34 ? -0.525  3.853   4.809   1.00 22.13 ? 165 GLU A C   1 
ATOM   235 O O   . GLU A 1 34 ? 0.017   4.199   3.761   1.00 21.72 ? 165 GLU A O   1 
ATOM   236 C CB  . GLU A 1 34 ? 0.297   5.319   6.655   1.00 23.66 ? 165 GLU A CB  1 
ATOM   237 C CG  . GLU A 1 34 ? -1.042  5.851   7.148   1.00 27.69 ? 165 GLU A CG  1 
ATOM   238 C CD  . GLU A 1 34 ? -1.008  7.336   7.473   1.00 32.60 ? 165 GLU A CD  1 
ATOM   239 O OE1 . GLU A 1 34 ? 0.081   7.849   7.813   1.00 35.74 ? 165 GLU A OE1 1 
ATOM   240 O OE2 . GLU A 1 34 ? -2.074  7.991   7.388   1.00 34.89 ? 165 GLU A OE2 1 
ATOM   241 N N   . VAL A 1 35 ? -1.783  3.428   4.879   1.00 21.02 ? 166 VAL A N   1 
ATOM   242 C CA  . VAL A 1 35 ? -2.660  3.391   3.708   1.00 20.91 ? 166 VAL A CA  1 
ATOM   243 C C   . VAL A 1 35 ? -2.999  4.821   3.298   1.00 21.38 ? 166 VAL A C   1 
ATOM   244 O O   . VAL A 1 35 ? -3.471  5.607   4.112   1.00 21.41 ? 166 VAL A O   1 
ATOM   245 C CB  . VAL A 1 35 ? -3.936  2.574   3.980   1.00 20.95 ? 166 VAL A CB  1 
ATOM   246 C CG1 . VAL A 1 35 ? -4.849  2.548   2.753   1.00 20.98 ? 166 VAL A CG1 1 
ATOM   247 C CG2 . VAL A 1 35 ? -3.565  1.144   4.409   1.00 20.09 ? 166 VAL A CG2 1 
ATOM   248 N N   . ALA A 1 36 ? -2.732  5.154   2.041   1.00 21.69 ? 167 ALA A N   1 
ATOM   249 C CA  . ALA A 1 36 ? -3.005  6.505   1.544   1.00 21.85 ? 167 ALA A CA  1 
ATOM   250 C C   . ALA A 1 36 ? -4.117  6.549   0.487   1.00 22.50 ? 167 ALA A C   1 
ATOM   251 O O   . ALA A 1 36 ? -4.637  7.629   0.169   1.00 22.84 ? 167 ALA A O   1 
ATOM   252 C CB  . ALA A 1 36 ? -1.729  7.149   1.024   1.00 22.06 ? 167 ALA A CB  1 
ATOM   253 N N   . TYR A 1 37 ? -4.492  5.383   -0.033  1.00 22.37 ? 168 TYR A N   1 
ATOM   254 C CA  . TYR A 1 37 ? -5.487  5.268   -1.105  1.00 22.78 ? 168 TYR A CA  1 
ATOM   255 C C   . TYR A 1 37 ? -6.046  3.856   -1.141  1.00 22.88 ? 168 TYR A C   1 
ATOM   256 O O   . TYR A 1 37 ? -5.297  2.897   -0.973  1.00 22.53 ? 168 TYR A O   1 
ATOM   257 C CB  . TYR A 1 37 ? -4.832  5.596   -2.453  1.00 22.77 ? 168 TYR A CB  1 
ATOM   258 C CG  . TYR A 1 37 ? -5.784  5.749   -3.621  1.00 23.77 ? 168 TYR A CG  1 
ATOM   259 C CD1 . TYR A 1 37 ? -6.213  4.644   -4.353  1.00 24.40 ? 168 TYR A CD1 1 
ATOM   260 C CD2 . TYR A 1 37 ? -6.226  7.013   -4.011  1.00 24.56 ? 168 TYR A CD2 1 
ATOM   261 C CE1 . TYR A 1 37 ? -7.077  4.786   -5.442  1.00 25.58 ? 168 TYR A CE1 1 
ATOM   262 C CE2 . TYR A 1 37 ? -7.083  7.169   -5.092  1.00 27.03 ? 168 TYR A CE2 1 
ATOM   263 C CZ  . TYR A 1 37 ? -7.505  6.062   -5.802  1.00 27.53 ? 168 TYR A CZ  1 
ATOM   264 O OH  . TYR A 1 37 ? -8.358  6.235   -6.874  1.00 30.34 ? 168 TYR A OH  1 
ATOM   265 N N   . VAL A 1 38 ? -7.360  3.724   -1.338  1.00 22.90 ? 169 VAL A N   1 
ATOM   266 C CA  . VAL A 1 38 ? -7.982  2.420   -1.581  1.00 23.62 ? 169 VAL A CA  1 
ATOM   267 C C   . VAL A 1 38 ? -9.074  2.560   -2.622  1.00 23.58 ? 169 VAL A C   1 
ATOM   268 O O   . VAL A 1 38 ? -10.035 3.294   -2.403  1.00 24.64 ? 169 VAL A O   1 
ATOM   269 C CB  . VAL A 1 38 ? -8.673  1.808   -0.319  1.00 23.66 ? 169 VAL A CB  1 
ATOM   270 C CG1 . VAL A 1 38 ? -8.976  0.325   -0.550  1.00 24.91 ? 169 VAL A CG1 1 
ATOM   271 C CG2 . VAL A 1 38 ? -7.849  2.007   0.926   1.00 25.30 ? 169 VAL A CG2 1 
ATOM   272 N N   . GLY A 1 39 ? -8.948  1.839   -3.731  1.00 23.26 ? 170 GLY A N   1 
ATOM   273 C CA  . GLY A 1 39 ? -9.996  1.817   -4.741  1.00 22.74 ? 170 GLY A CA  1 
ATOM   274 C C   . GLY A 1 39 ? -9.470  1.719   -6.157  1.00 22.39 ? 170 GLY A C   1 
ATOM   275 O O   . GLY A 1 39 ? -8.332  1.313   -6.377  1.00 22.61 ? 170 GLY A O   1 
ATOM   276 N N   . ALA A 1 40 ? -10.303 2.097   -7.124  1.00 21.15 ? 171 ALA A N   1 
ATOM   277 C CA  . ALA A 1 40 ? -9.927  2.004   -8.531  1.00 20.22 ? 171 ALA A CA  1 
ATOM   278 C C   . ALA A 1 40 ? -8.946  3.102   -8.932  1.00 19.71 ? 171 ALA A C   1 
ATOM   279 O O   . ALA A 1 40 ? -8.914  4.172   -8.321  1.00 19.90 ? 171 ALA A O   1 
ATOM   280 C CB  . ALA A 1 40 ? -11.171 2.053   -9.422  1.00 19.84 ? 171 ALA A CB  1 
ATOM   281 N N   . THR A 1 41 ? -8.144  2.806   -9.951  1.00 19.66 ? 172 THR A N   1 
ATOM   282 C CA  . THR A 1 41 ? -7.193  3.753   -10.522 1.00 19.45 ? 172 THR A CA  1 
ATOM   283 C C   . THR A 1 41 ? -7.356  3.790   -12.028 1.00 19.61 ? 172 THR A C   1 
ATOM   284 O O   . THR A 1 41 ? -8.170  3.055   -12.597 1.00 20.04 ? 172 THR A O   1 
ATOM   285 C CB  . THR A 1 41 ? -5.744  3.329   -10.217 1.00 19.17 ? 172 THR A CB  1 
ATOM   286 O OG1 . THR A 1 41 ? -5.487  2.060   -10.838 1.00 18.77 ? 172 THR A OG1 1 
ATOM   287 C CG2 . THR A 1 41 ? -5.546  3.076   -8.728  1.00 19.73 ? 172 THR A CG2 1 
ATOM   288 N N   . LYS A 1 42 ? -6.549  4.623   -12.682 1.00 19.25 ? 173 LYS A N   1 
ATOM   289 C CA  . LYS A 1 42 ? -6.577  4.710   -14.140 1.00 19.17 ? 173 LYS A CA  1 
ATOM   290 C C   . LYS A 1 42 ? -5.655  3.717   -14.845 1.00 19.09 ? 173 LYS A C   1 
ATOM   291 O O   . LYS A 1 42 ? -5.797  3.495   -16.054 1.00 19.13 ? 173 LYS A O   1 
ATOM   292 C CB  . LYS A 1 42 ? -6.234  6.133   -14.590 1.00 19.70 ? 173 LYS A CB  1 
ATOM   293 C CG  . LYS A 1 42 ? -7.249  7.182   -14.146 1.00 20.70 ? 173 LYS A CG  1 
ATOM   294 C CD  . LYS A 1 42 ? -6.807  8.609   -14.500 1.00 23.74 ? 173 LYS A CD  1 
ATOM   295 C CE  . LYS A 1 42 ? -6.685  8.829   -16.011 1.00 25.68 ? 173 LYS A CE  1 
ATOM   296 N NZ  . LYS A 1 42 ? -7.978  8.627   -16.732 1.00 26.94 ? 173 LYS A NZ  1 
ATOM   297 N N   . PHE A 1 43 ? -4.714  3.113   -14.108 1.00 18.61 ? 174 PHE A N   1 
ATOM   298 C CA  . PHE A 1 43 ? -3.654  2.343   -14.767 1.00 18.31 ? 174 PHE A CA  1 
ATOM   299 C C   . PHE A 1 43 ? -3.948  0.865   -14.992 1.00 18.80 ? 174 PHE A C   1 
ATOM   300 O O   . PHE A 1 43 ? -3.363  0.247   -15.882 1.00 19.58 ? 174 PHE A O   1 
ATOM   301 C CB  . PHE A 1 43 ? -2.285  2.536   -14.069 1.00 17.92 ? 174 PHE A CB  1 
ATOM   302 C CG  . PHE A 1 43 ? -2.278  2.184   -12.607 1.00 17.82 ? 174 PHE A CG  1 
ATOM   303 C CD1 . PHE A 1 43 ? -2.222  0.855   -12.194 1.00 17.92 ? 174 PHE A CD1 1 
ATOM   304 C CD2 . PHE A 1 43 ? -2.287  3.189   -11.643 1.00 17.83 ? 174 PHE A CD2 1 
ATOM   305 C CE1 . PHE A 1 43 ? -2.209  0.530   -10.834 1.00 17.31 ? 174 PHE A CE1 1 
ATOM   306 C CE2 . PHE A 1 43 ? -2.262  2.880   -10.279 1.00 17.64 ? 174 PHE A CE2 1 
ATOM   307 C CZ  . PHE A 1 43 ? -2.229  1.550   -9.879  1.00 17.82 ? 174 PHE A CZ  1 
ATOM   308 N N   . LYS A 1 44 ? -4.832  0.302   -14.175 1.00 18.95 ? 175 LYS A N   1 
ATOM   309 C CA  . LYS A 1 44 ? -5.268  -1.083  -14.331 1.00 19.53 ? 175 LYS A CA  1 
ATOM   310 C C   . LYS A 1 44 ? -6.553  -1.294  -13.546 1.00 20.09 ? 175 LYS A C   1 
ATOM   311 O O   . LYS A 1 44 ? -6.746  -0.699  -12.492 1.00 19.91 ? 175 LYS A O   1 
ATOM   312 C CB  . LYS A 1 44 ? -4.197  -2.087  -13.873 1.00 19.22 ? 175 LYS A CB  1 
ATOM   313 C CG  . LYS A 1 44 ? -4.568  -3.522  -14.239 1.00 18.96 ? 175 LYS A CG  1 
ATOM   314 C CD  . LYS A 1 44 ? -3.469  -4.511  -14.037 1.00 19.09 ? 175 LYS A CD  1 
ATOM   315 C CE  . LYS A 1 44 ? -3.949  -5.883  -14.480 1.00 21.30 ? 175 LYS A CE  1 
ATOM   316 N NZ  . LYS A 1 44 ? -2.877  -6.914  -14.470 1.00 21.77 ? 175 LYS A NZ  1 
ATOM   317 N N   . GLU A 1 45 ? -7.414  -2.155  -14.081 1.00 21.28 ? 176 GLU A N   1 
ATOM   318 C CA  . GLU A 1 45 ? -8.693  -2.500  -13.472 1.00 22.35 ? 176 GLU A CA  1 
ATOM   319 C C   . GLU A 1 45 ? -8.550  -3.070  -12.050 1.00 22.32 ? 176 GLU A C   1 
ATOM   320 O O   . GLU A 1 45 ? -7.464  -3.486  -11.640 1.00 22.16 ? 176 GLU A O   1 
ATOM   321 C CB  . GLU A 1 45 ? -9.454  -3.476  -14.396 1.00 23.17 ? 176 GLU A CB  1 
ATOM   322 C CG  . GLU A 1 45 ? -8.688  -4.736  -14.821 1.00 26.44 ? 176 GLU A CG  1 
ATOM   323 C CD  . GLU A 1 45 ? -7.723  -4.554  -16.006 1.00 30.87 ? 176 GLU A CD  1 
ATOM   324 O OE1 . GLU A 1 45 ? -7.552  -3.424  -16.540 1.00 30.11 ? 176 GLU A OE1 1 
ATOM   325 O OE2 . GLU A 1 45 ? -7.106  -5.573  -16.408 1.00 34.52 ? 176 GLU A OE2 1 
ATOM   326 N N   . GLY A 1 46 ? -9.650  -3.065  -11.301 1.00 21.97 ? 177 GLY A N   1 
ATOM   327 C CA  . GLY A 1 46 ? -9.694  -3.700  -9.993  1.00 22.26 ? 177 GLY A CA  1 
ATOM   328 C C   . GLY A 1 46 ? -9.315  -2.764  -8.865  1.00 21.99 ? 177 GLY A C   1 
ATOM   329 O O   . GLY A 1 46 ? -9.129  -1.562  -9.068  1.00 22.16 ? 177 GLY A O   1 
ATOM   330 N N   . VAL A 1 47 ? -9.180  -3.322  -7.663  1.00 21.74 ? 178 VAL A N   1 
ATOM   331 C CA  . VAL A 1 47 ? -8.904  -2.512  -6.483  1.00 21.53 ? 178 VAL A CA  1 
ATOM   332 C C   . VAL A 1 47 ? -7.403  -2.428  -6.257  1.00 20.58 ? 178 VAL A C   1 
ATOM   333 O O   . VAL A 1 47 ? -6.698  -3.432  -6.399  1.00 21.16 ? 178 VAL A O   1 
ATOM   334 C CB  . VAL A 1 47 ? -9.600  -3.075  -5.213  1.00 21.53 ? 178 VAL A CB  1 
ATOM   335 C CG1 . VAL A 1 47 ? -9.398  -2.144  -4.033  1.00 22.71 ? 178 VAL A CG1 1 
ATOM   336 C CG2 . VAL A 1 47 ? -11.103 -3.301  -5.468  1.00 23.20 ? 178 VAL A CG2 1 
ATOM   337 N N   . TRP A 1 48 ? -6.936  -1.225  -5.928  1.00 20.10 ? 179 TRP A N   1 
ATOM   338 C CA  . TRP A 1 48 ? -5.527  -0.959  -5.598  1.00 19.54 ? 179 TRP A CA  1 
ATOM   339 C C   . TRP A 1 48 ? -5.418  -0.297  -4.237  1.00 19.19 ? 179 TRP A C   1 
ATOM   340 O O   . TRP A 1 48 ? -6.285  0.481   -3.842  1.00 19.84 ? 179 TRP A O   1 
ATOM   341 C CB  . TRP A 1 48 ? -4.871  -0.074  -6.673  1.00 19.03 ? 179 TRP A CB  1 
ATOM   342 C CG  . TRP A 1 48 ? -4.747  -0.801  -7.958  1.00 18.76 ? 179 TRP A CG  1 
ATOM   343 C CD1 . TRP A 1 48 ? -5.611  -0.764  -9.016  1.00 20.14 ? 179 TRP A CD1 1 
ATOM   344 C CD2 . TRP A 1 48 ? -3.740  -1.750  -8.296  1.00 19.04 ? 179 TRP A CD2 1 
ATOM   345 N NE1 . TRP A 1 48 ? -5.189  -1.622  -10.003 1.00 19.34 ? 179 TRP A NE1 1 
ATOM   346 C CE2 . TRP A 1 48 ? -4.035  -2.236  -9.589  1.00 18.36 ? 179 TRP A CE2 1 
ATOM   347 C CE3 . TRP A 1 48 ? -2.595  -2.230  -7.641  1.00 17.54 ? 179 TRP A CE3 1 
ATOM   348 C CZ2 . TRP A 1 48 ? -3.235  -3.179  -10.238 1.00 19.09 ? 179 TRP A CZ2 1 
ATOM   349 C CZ3 . TRP A 1 48 ? -1.802  -3.172  -8.284  1.00 17.95 ? 179 TRP A CZ3 1 
ATOM   350 C CH2 . TRP A 1 48 ? -2.120  -3.636  -9.569  1.00 19.63 ? 179 TRP A CH2 1 
ATOM   351 N N   . VAL A 1 49 ? -4.336  -0.599  -3.521  1.00 18.95 ? 180 VAL A N   1 
ATOM   352 C CA  . VAL A 1 49 ? -4.055  0.047   -2.248  1.00 18.50 ? 180 VAL A CA  1 
ATOM   353 C C   . VAL A 1 49 ? -2.777  0.864   -2.414  1.00 18.51 ? 180 VAL A C   1 
ATOM   354 O O   . VAL A 1 49 ? -1.727  0.314   -2.741  1.00 18.07 ? 180 VAL A O   1 
ATOM   355 C CB  . VAL A 1 49 ? -3.889  -0.977  -1.090  1.00 18.29 ? 180 VAL A CB  1 
ATOM   356 C CG1 . VAL A 1 49 ? -3.607  -0.261  0.227   1.00 18.60 ? 180 VAL A CG1 1 
ATOM   357 C CG2 . VAL A 1 49 ? -5.126  -1.869  -0.981  1.00 19.60 ? 180 VAL A CG2 1 
ATOM   358 N N   . GLY A 1 50 ? -2.901  2.176   -2.230  1.00 18.51 ? 181 GLY A N   1 
ATOM   359 C CA  . GLY A 1 50 ? -1.771  3.089   -2.225  1.00 18.08 ? 181 GLY A CA  1 
ATOM   360 C C   . GLY A 1 50 ? -1.208  3.205   -0.823  1.00 18.29 ? 181 GLY A C   1 
ATOM   361 O O   . GLY A 1 50 ? -1.929  3.510   0.131   1.00 18.43 ? 181 GLY A O   1 
ATOM   362 N N   . VAL A 1 51 ? 0.083   2.930   -0.701  1.00 18.13 ? 182 VAL A N   1 
ATOM   363 C CA  . VAL A 1 51 ? 0.750   2.933   0.598   1.00 18.40 ? 182 VAL A CA  1 
ATOM   364 C C   . VAL A 1 51 ? 1.848   3.986   0.634   1.00 18.38 ? 182 VAL A C   1 
ATOM   365 O O   . VAL A 1 51 ? 2.624   4.134   -0.310  1.00 18.44 ? 182 VAL A O   1 
ATOM   366 C CB  . VAL A 1 51 ? 1.336   1.546   0.933   1.00 18.42 ? 182 VAL A CB  1 
ATOM   367 C CG1 . VAL A 1 51 ? 2.103   1.568   2.272   1.00 19.02 ? 182 VAL A CG1 1 
ATOM   368 C CG2 . VAL A 1 51 ? 0.208   0.496   0.961   1.00 17.53 ? 182 VAL A CG2 1 
ATOM   369 N N   . LYS A 1 52 ? 1.882   4.727   1.736   1.00 19.25 ? 183 LYS A N   1 
ATOM   370 C CA  . LYS A 1 52 ? 2.977   5.632   2.039   1.00 19.82 ? 183 LYS A CA  1 
ATOM   371 C C   . LYS A 1 52 ? 3.928   4.915   2.998   1.00 19.57 ? 183 LYS A C   1 
ATOM   372 O O   . LYS A 1 52 ? 3.625   4.796   4.187   1.00 19.97 ? 183 LYS A O   1 
ATOM   373 C CB  . LYS A 1 52 ? 2.407   6.887   2.697   1.00 20.54 ? 183 LYS A CB  1 
ATOM   374 C CG  . LYS A 1 52 ? 3.324   8.083   2.709   1.00 24.74 ? 183 LYS A CG  1 
ATOM   375 C CD  . LYS A 1 52 ? 2.588   9.354   3.195   1.00 27.86 ? 183 LYS A CD  1 
ATOM   376 C CE  . LYS A 1 52 ? 1.092   9.352   2.844   1.00 31.84 ? 183 LYS A CE  1 
ATOM   377 N NZ  . LYS A 1 52 ? 0.520   10.733  2.647   1.00 34.74 ? 183 LYS A NZ  1 
ATOM   378 N N   . TYR A 1 53 ? 5.053   4.419   2.478   1.00 19.26 ? 184 TYR A N   1 
ATOM   379 C CA  . TYR A 1 53 ? 5.997   3.601   3.260   1.00 19.54 ? 184 TYR A CA  1 
ATOM   380 C C   . TYR A 1 53 ? 6.823   4.407   4.258   1.00 20.11 ? 184 TYR A C   1 
ATOM   381 O O   . TYR A 1 53 ? 7.055   5.592   4.063   1.00 19.46 ? 184 TYR A O   1 
ATOM   382 C CB  . TYR A 1 53 ? 6.970   2.874   2.337   1.00 19.17 ? 184 TYR A CB  1 
ATOM   383 C CG  . TYR A 1 53 ? 6.362   1.777   1.506   1.00 18.79 ? 184 TYR A CG  1 
ATOM   384 C CD1 . TYR A 1 53 ? 5.873   0.610   2.102   1.00 18.77 ? 184 TYR A CD1 1 
ATOM   385 C CD2 . TYR A 1 53 ? 6.269   1.905   0.119   1.00 18.52 ? 184 TYR A CD2 1 
ATOM   386 C CE1 . TYR A 1 53 ? 5.319   -0.409  1.337   1.00 19.40 ? 184 TYR A CE1 1 
ATOM   387 C CE2 . TYR A 1 53 ? 5.706   0.893   -0.657  1.00 19.95 ? 184 TYR A CE2 1 
ATOM   388 C CZ  . TYR A 1 53 ? 5.242   -0.262  -0.041  1.00 20.21 ? 184 TYR A CZ  1 
ATOM   389 O OH  . TYR A 1 53 ? 4.690   -1.276  -0.797  1.00 20.00 ? 184 TYR A OH  1 
ATOM   390 N N   . ASP A 1 54 ? 7.293   3.734   5.310   1.00 20.85 ? 185 ASP A N   1 
ATOM   391 C CA  . ASP A 1 54 ? 8.158   4.358   6.306   1.00 22.55 ? 185 ASP A CA  1 
ATOM   392 C C   . ASP A 1 54 ? 9.543   4.670   5.745   1.00 23.31 ? 185 ASP A C   1 
ATOM   393 O O   . ASP A 1 54 ? 10.148  5.697   6.090   1.00 24.33 ? 185 ASP A O   1 
ATOM   394 C CB  . ASP A 1 54 ? 8.321   3.442   7.527   1.00 22.00 ? 185 ASP A CB  1 
ATOM   395 C CG  . ASP A 1 54 ? 7.040   3.256   8.304   1.00 22.28 ? 185 ASP A CG  1 
ATOM   396 O OD1 . ASP A 1 54 ? 6.142   4.124   8.240   1.00 22.26 ? 185 ASP A OD1 1 
ATOM   397 O OD2 . ASP A 1 54 ? 6.840   2.252   9.023   1.00 22.61 ? 185 ASP A OD2 1 
ATOM   398 N N   . GLU A 1 55 ? 10.056  3.766   4.914   1.00 24.42 ? 186 GLU A N   1 
ATOM   399 C CA  . GLU A 1 55 ? 11.364  3.921   4.289   1.00 25.33 ? 186 GLU A CA  1 
ATOM   400 C C   . GLU A 1 55 ? 11.185  4.150   2.779   1.00 25.49 ? 186 GLU A C   1 
ATOM   401 O O   . GLU A 1 55 ? 10.092  3.890   2.254   1.00 25.32 ? 186 GLU A O   1 
ATOM   402 C CB  A GLU A 1 55 ? 12.209  2.659   4.515   0.60 25.72 ? 186 GLU A CB  1 
ATOM   403 C CB  B GLU A 1 55 ? 12.269  2.725   4.603   0.40 25.37 ? 186 GLU A CB  1 
ATOM   404 C CG  A GLU A 1 55 ? 12.150  2.077   5.923   0.60 27.72 ? 186 GLU A CG  1 
ATOM   405 C CG  B GLU A 1 55 ? 12.865  2.762   6.010   0.40 25.80 ? 186 GLU A CG  1 
ATOM   406 C CD  A GLU A 1 55 ? 12.096  0.559   5.916   0.60 30.26 ? 186 GLU A CD  1 
ATOM   407 C CD  B GLU A 1 55 ? 13.663  4.027   6.297   0.40 26.63 ? 186 GLU A CD  1 
ATOM   408 O OE1 A GLU A 1 55 ? 10.980  -0.004  5.850   0.60 31.96 ? 186 GLU A OE1 1 
ATOM   409 O OE1 B GLU A 1 55 ? 14.776  4.175   5.744   0.40 27.99 ? 186 GLU A OE1 1 
ATOM   410 O OE2 A GLU A 1 55 ? 13.170  -0.076  5.973   0.60 30.97 ? 186 GLU A OE2 1 
ATOM   411 O OE2 B GLU A 1 55 ? 13.181  4.877   7.079   0.40 26.87 ? 186 GLU A OE2 1 
ATOM   412 N N   . PRO A 1 56 ? 12.205  4.676   2.088   1.00 25.81 ? 187 PRO A N   1 
ATOM   413 C CA  . PRO A 1 56 ? 12.125  4.859   0.627   1.00 25.68 ? 187 PRO A CA  1 
ATOM   414 C C   . PRO A 1 56 ? 12.254  3.549   -0.163  1.00 25.29 ? 187 PRO A C   1 
ATOM   415 O O   . PRO A 1 56 ? 13.195  3.353   -0.950  1.00 25.67 ? 187 PRO A O   1 
ATOM   416 C CB  . PRO A 1 56 ? 13.288  5.816   0.327   1.00 26.09 ? 187 PRO A CB  1 
ATOM   417 C CG  . PRO A 1 56 ? 14.280  5.557   1.415   1.00 26.75 ? 187 PRO A CG  1 
ATOM   418 C CD  . PRO A 1 56 ? 13.485  5.180   2.631   1.00 25.58 ? 187 PRO A CD  1 
ATOM   419 N N   . VAL A 1 57 ? 11.265  2.676   0.023   1.00 24.55 ? 188 VAL A N   1 
ATOM   420 C CA  . VAL A 1 57 ? 11.280  1.321   -0.522  1.00 24.09 ? 188 VAL A CA  1 
ATOM   421 C C   . VAL A 1 57 ? 10.153  1.079   -1.533  1.00 23.89 ? 188 VAL A C   1 
ATOM   422 O O   . VAL A 1 57 ? 9.875   -0.062  -1.913  1.00 23.53 ? 188 VAL A O   1 
ATOM   423 C CB  . VAL A 1 57 ? 11.201  0.274   0.617   1.00 24.24 ? 188 VAL A CB  1 
ATOM   424 C CG1 . VAL A 1 57 ? 12.475  0.323   1.458   1.00 25.16 ? 188 VAL A CG1 1 
ATOM   425 C CG2 . VAL A 1 57 ? 9.962   0.505   1.496   1.00 23.80 ? 188 VAL A CG2 1 
ATOM   426 N N   . GLY A 1 58 ? 9.514   2.166   -1.957  1.00 23.77 ? 189 GLY A N   1 
ATOM   427 C CA  . GLY A 1 58 ? 8.423   2.104   -2.911  1.00 23.60 ? 189 GLY A CA  1 
ATOM   428 C C   . GLY A 1 58 ? 8.878   2.402   -4.325  1.00 24.06 ? 189 GLY A C   1 
ATOM   429 O O   . GLY A 1 58 ? 10.079  2.432   -4.619  1.00 24.48 ? 189 GLY A O   1 
ATOM   430 N N   . LYS A 1 59 ? 7.905   2.634   -5.201  1.00 23.45 ? 190 LYS A N   1 
ATOM   431 C CA  . LYS A 1 59 ? 8.150   2.763   -6.634  1.00 23.45 ? 190 LYS A CA  1 
ATOM   432 C C   . LYS A 1 59 ? 7.692   4.107   -7.188  1.00 22.85 ? 190 LYS A C   1 
ATOM   433 O O   . LYS A 1 59 ? 7.960   4.426   -8.356  1.00 22.96 ? 190 LYS A O   1 
ATOM   434 C CB  . LYS A 1 59 ? 7.437   1.630   -7.391  1.00 24.02 ? 190 LYS A CB  1 
ATOM   435 C CG  . LYS A 1 59 ? 7.798   0.239   -6.882  1.00 26.25 ? 190 LYS A CG  1 
ATOM   436 C CD  . LYS A 1 59 ? 8.052   -0.744  -8.004  1.00 29.50 ? 190 LYS A CD  1 
ATOM   437 C CE  . LYS A 1 59 ? 8.691   -2.013  -7.463  1.00 31.30 ? 190 LYS A CE  1 
ATOM   438 N NZ  . LYS A 1 59 ? 10.114  -2.164  -7.916  1.00 33.03 ? 190 LYS A NZ  1 
ATOM   439 N N   . ASN A 1 60 ? 7.006   4.895   -6.367  1.00 21.66 ? 191 ASN A N   1 
ATOM   440 C CA  . ASN A 1 60 ? 6.434   6.151   -6.853  1.00 21.30 ? 191 ASN A CA  1 
ATOM   441 C C   . ASN A 1 60 ? 6.386   7.270   -5.812  1.00 21.44 ? 191 ASN A C   1 
ATOM   442 O O   . ASN A 1 60 ? 6.761   7.068   -4.656  1.00 20.98 ? 191 ASN A O   1 
ATOM   443 C CB  . ASN A 1 60 ? 5.050   5.900   -7.471  1.00 20.91 ? 191 ASN A CB  1 
ATOM   444 C CG  . ASN A 1 60 ? 4.020   5.436   -6.456  1.00 19.43 ? 191 ASN A CG  1 
ATOM   445 O OD1 . ASN A 1 60 ? 3.745   6.122   -5.476  1.00 18.47 ? 191 ASN A OD1 1 
ATOM   446 N ND2 . ASN A 1 60 ? 3.414   4.276   -6.713  1.00 17.60 ? 191 ASN A ND2 1 
ATOM   447 N N   . ASP A 1 61 ? 5.914   8.446   -6.235  1.00 21.56 ? 192 ASP A N   1 
ATOM   448 C CA  . ASP A 1 61 ? 5.740   9.590   -5.341  1.00 21.92 ? 192 ASP A CA  1 
ATOM   449 C C   . ASP A 1 61 ? 4.264   9.882   -5.042  1.00 21.60 ? 192 ASP A C   1 
ATOM   450 O O   . ASP A 1 61 ? 3.893   11.012  -4.685  1.00 22.16 ? 192 ASP A O   1 
ATOM   451 C CB  . ASP A 1 61 ? 6.407   10.819  -5.964  1.00 22.51 ? 192 ASP A CB  1 
ATOM   452 C CG  . ASP A 1 61 ? 5.657   11.328  -7.184  1.00 24.46 ? 192 ASP A CG  1 
ATOM   453 O OD1 . ASP A 1 61 ? 4.969   10.513  -7.855  1.00 24.17 ? 192 ASP A OD1 1 
ATOM   454 O OD2 . ASP A 1 61 ? 5.698   12.528  -7.539  1.00 25.64 ? 192 ASP A OD2 1 
ATOM   455 N N   . GLY A 1 62 ? 3.420   8.865   -5.196  1.00 20.77 ? 193 GLY A N   1 
ATOM   456 C CA  . GLY A 1 62 ? 1.983   9.026   -5.053  1.00 20.04 ? 193 GLY A CA  1 
ATOM   457 C C   . GLY A 1 62 ? 1.281   9.208   -6.386  1.00 19.75 ? 193 GLY A C   1 
ATOM   458 O O   . GLY A 1 62 ? 0.055   9.234   -6.447  1.00 19.91 ? 193 GLY A O   1 
ATOM   459 N N   . SER A 1 63 ? 2.066   9.311   -7.455  1.00 19.49 ? 194 SER A N   1 
ATOM   460 C CA  . SER A 1 63 ? 1.525   9.432   -8.802  1.00 19.52 ? 194 SER A CA  1 
ATOM   461 C C   . SER A 1 63 ? 1.993   8.268   -9.682  1.00 18.79 ? 194 SER A C   1 
ATOM   462 O O   . SER A 1 63 ? 3.082   7.721   -9.473  1.00 19.20 ? 194 SER A O   1 
ATOM   463 C CB  . SER A 1 63 ? 1.921   10.793  -9.409  1.00 18.92 ? 194 SER A CB  1 
ATOM   464 O OG  . SER A 1 63 ? 3.280   10.800  -9.820  1.00 21.02 ? 194 SER A OG  1 
ATOM   465 N N   . VAL A 1 64 ? 1.155   7.868   -10.641 1.00 18.38 ? 195 VAL A N   1 
ATOM   466 C CA  . VAL A 1 64 ? 1.518   6.858   -11.638 1.00 17.62 ? 195 VAL A CA  1 
ATOM   467 C C   . VAL A 1 64 ? 1.053   7.377   -13.000 1.00 17.76 ? 195 VAL A C   1 
ATOM   468 O O   . VAL A 1 64 ? -0.077  7.853   -13.124 1.00 17.42 ? 195 VAL A O   1 
ATOM   469 C CB  . VAL A 1 64 ? 0.832   5.494   -11.377 1.00 17.92 ? 195 VAL A CB  1 
ATOM   470 C CG1 . VAL A 1 64 ? 1.190   4.497   -12.465 1.00 17.34 ? 195 VAL A CG1 1 
ATOM   471 C CG2 . VAL A 1 64 ? 1.232   4.922   -10.001 1.00 16.34 ? 195 VAL A CG2 1 
ATOM   472 N N   . ALA A 1 65 ? 1.924   7.287   -13.999 1.00 17.91 ? 196 ALA A N   1 
ATOM   473 C CA  . ALA A 1 65 ? 1.604   7.732   -15.364 1.00 18.63 ? 196 ALA A CA  1 
ATOM   474 C C   . ALA A 1 65 ? 1.095   9.183   -15.420 1.00 19.34 ? 196 ALA A C   1 
ATOM   475 O O   . ALA A 1 65 ? 0.215   9.517   -16.231 1.00 19.38 ? 196 ALA A O   1 
ATOM   476 C CB  . ALA A 1 65 ? 0.597   6.772   -16.021 1.00 17.66 ? 196 ALA A CB  1 
ATOM   477 N N   . GLY A 1 66 ? 1.644   10.035  -14.557 1.00 20.26 ? 197 GLY A N   1 
ATOM   478 C CA  . GLY A 1 66 ? 1.274   11.443  -14.514 1.00 21.53 ? 197 GLY A CA  1 
ATOM   479 C C   . GLY A 1 66 ? 0.005   11.796  -13.763 1.00 22.31 ? 197 GLY A C   1 
ATOM   480 O O   . GLY A 1 66 ? -0.396  12.968  -13.730 1.00 23.30 ? 197 GLY A O   1 
ATOM   481 N N   . VAL A 1 67 ? -0.630  10.798  -13.160 1.00 22.07 ? 198 VAL A N   1 
ATOM   482 C CA  . VAL A 1 67 ? -1.881  10.988  -12.440 1.00 22.19 ? 198 VAL A CA  1 
ATOM   483 C C   . VAL A 1 67 ? -1.589  10.896  -10.953 1.00 22.42 ? 198 VAL A C   1 
ATOM   484 O O   . VAL A 1 67 ? -1.051  9.892   -10.502 1.00 21.69 ? 198 VAL A O   1 
ATOM   485 C CB  . VAL A 1 67 ? -2.914  9.914   -12.829 1.00 22.42 ? 198 VAL A CB  1 
ATOM   486 C CG1 . VAL A 1 67 ? -4.227  10.122  -12.066 1.00 22.55 ? 198 VAL A CG1 1 
ATOM   487 C CG2 . VAL A 1 67 ? -3.143  9.916   -14.345 1.00 22.62 ? 198 VAL A CG2 1 
ATOM   488 N N   . ARG A 1 68 ? -1.916  11.945  -10.201 1.00 22.78 ? 199 ARG A N   1 
ATOM   489 C CA  . ARG A 1 68 ? -1.682  11.919  -8.752  1.00 23.23 ? 199 ARG A CA  1 
ATOM   490 C C   . ARG A 1 68 ? -2.829  11.272  -8.009  1.00 23.06 ? 199 ARG A C   1 
ATOM   491 O O   . ARG A 1 68 ? -3.997  11.615  -8.218  1.00 23.56 ? 199 ARG A O   1 
ATOM   492 C CB  . ARG A 1 68 ? -1.417  13.316  -8.182  1.00 23.68 ? 199 ARG A CB  1 
ATOM   493 C CG  . ARG A 1 68 ? -1.134  13.284  -6.666  1.00 25.21 ? 199 ARG A CG  1 
ATOM   494 C CD  . ARG A 1 68 ? -0.240  14.393  -6.155  1.00 27.31 ? 199 ARG A CD  1 
ATOM   495 N NE  . ARG A 1 68 ? 1.006   14.494  -6.907  1.00 28.28 ? 199 ARG A NE  1 
ATOM   496 C CZ  . ARG A 1 68 ? 2.101   13.776  -6.669  1.00 28.79 ? 199 ARG A CZ  1 
ATOM   497 N NH1 . ARG A 1 68 ? 2.124   12.874  -5.694  1.00 27.23 ? 199 ARG A NH1 1 
ATOM   498 N NH2 . ARG A 1 68 ? 3.180   13.963  -7.415  1.00 29.28 ? 199 ARG A NH2 1 
ATOM   499 N N   . TYR A 1 69 ? -2.487  10.340  -7.122  1.00 22.41 ? 200 TYR A N   1 
ATOM   500 C CA  . TYR A 1 69 ? -3.471  9.637   -6.318  1.00 22.37 ? 200 TYR A CA  1 
ATOM   501 C C   . TYR A 1 69 ? -3.340  10.017  -4.857  1.00 22.67 ? 200 TYR A C   1 
ATOM   502 O O   . TYR A 1 69 ? -4.339  10.121  -4.142  1.00 23.50 ? 200 TYR A O   1 
ATOM   503 C CB  . TYR A 1 69 ? -3.309  8.121   -6.477  1.00 21.97 ? 200 TYR A CB  1 
ATOM   504 C CG  . TYR A 1 69 ? -3.607  7.647   -7.876  1.00 20.95 ? 200 TYR A CG  1 
ATOM   505 C CD1 . TYR A 1 69 ? -4.913  7.353   -8.264  1.00 21.35 ? 200 TYR A CD1 1 
ATOM   506 C CD2 . TYR A 1 69 ? -2.591  7.503   -8.816  1.00 19.32 ? 200 TYR A CD2 1 
ATOM   507 C CE1 . TYR A 1 69 ? -5.198  6.926   -9.559  1.00 19.72 ? 200 TYR A CE1 1 
ATOM   508 C CE2 . TYR A 1 69 ? -2.867  7.071   -10.132 1.00 18.26 ? 200 TYR A CE2 1 
ATOM   509 C CZ  . TYR A 1 69 ? -4.175  6.798   -10.485 1.00 19.77 ? 200 TYR A CZ  1 
ATOM   510 O OH  . TYR A 1 69 ? -4.472  6.372   -11.758 1.00 18.45 ? 200 TYR A OH  1 
ATOM   511 N N   . PHE A 1 70 ? -2.099  10.175  -4.413  1.00 23.16 ? 201 PHE A N   1 
ATOM   512 C CA  . PHE A 1 70 ? -1.812  10.635  -3.059  1.00 23.63 ? 201 PHE A CA  1 
ATOM   513 C C   . PHE A 1 70 ? -0.493  11.397  -3.034  1.00 24.36 ? 201 PHE A C   1 
ATOM   514 O O   . PHE A 1 70 ? 0.198   11.475  -4.047  1.00 24.32 ? 201 PHE A O   1 
ATOM   515 C CB  . PHE A 1 70 ? -1.856  9.481   -2.035  1.00 23.36 ? 201 PHE A CB  1 
ATOM   516 C CG  . PHE A 1 70 ? -0.858  8.375   -2.286  1.00 22.05 ? 201 PHE A CG  1 
ATOM   517 C CD1 . PHE A 1 70 ? -1.161  7.317   -3.145  1.00 21.00 ? 201 PHE A CD1 1 
ATOM   518 C CD2 . PHE A 1 70 ? 0.361   8.360   -1.614  1.00 22.77 ? 201 PHE A CD2 1 
ATOM   519 C CE1 . PHE A 1 70 ? -0.248  6.283   -3.359  1.00 21.29 ? 201 PHE A CE1 1 
ATOM   520 C CE2 . PHE A 1 70 ? 1.283   7.326   -1.816  1.00 21.96 ? 201 PHE A CE2 1 
ATOM   521 C CZ  . PHE A 1 70 ? 0.982   6.291   -2.687  1.00 22.10 ? 201 PHE A CZ  1 
ATOM   522 N N   . ASP A 1 71 ? -0.165  11.988  -1.889  1.00 25.47 ? 202 ASP A N   1 
ATOM   523 C CA  . ASP A 1 71 ? 1.061   12.768  -1.756  1.00 26.56 ? 202 ASP A CA  1 
ATOM   524 C C   . ASP A 1 71 ? 2.086   12.073  -0.883  1.00 26.62 ? 202 ASP A C   1 
ATOM   525 O O   . ASP A 1 71 ? 1.774   11.647  0.226   1.00 26.55 ? 202 ASP A O   1 
ATOM   526 C CB  . ASP A 1 71 ? 0.760   14.142  -1.155  1.00 27.41 ? 202 ASP A CB  1 
ATOM   527 C CG  . ASP A 1 71 ? -0.034  15.025  -2.085  1.00 29.61 ? 202 ASP A CG  1 
ATOM   528 O OD1 . ASP A 1 71 ? 0.503   15.412  -3.144  1.00 34.01 ? 202 ASP A OD1 1 
ATOM   529 O OD2 . ASP A 1 71 ? -1.205  15.383  -1.843  1.00 34.16 ? 202 ASP A OD2 1 
ATOM   530 N N   . CYS A 1 72 ? 3.306   11.970  -1.397  1.00 26.55 ? 203 CYS A N   1 
ATOM   531 C CA  . CYS A 1 72 ? 4.459   11.531  -0.618  1.00 27.05 ? 203 CYS A CA  1 
ATOM   532 C C   . CYS A 1 72 ? 5.749   11.868  -1.355  1.00 27.70 ? 203 CYS A C   1 
ATOM   533 O O   . CYS A 1 72 ? 5.718   12.346  -2.499  1.00 27.89 ? 203 CYS A O   1 
ATOM   534 C CB  . CYS A 1 72 ? 4.377   10.037  -0.257  1.00 26.91 ? 203 CYS A CB  1 
ATOM   535 S SG  . CYS A 1 72 ? 4.650   8.878   -1.607  1.00 26.48 ? 203 CYS A SG  1 
ATOM   536 N N   . ASP A 1 73 ? 6.876   11.651  -0.687  1.00 28.15 ? 204 ASP A N   1 
ATOM   537 C CA  . ASP A 1 73 ? 8.171   11.909  -1.296  1.00 28.70 ? 204 ASP A CA  1 
ATOM   538 C C   . ASP A 1 73 ? 8.481   10.816  -2.318  1.00 28.14 ? 204 ASP A C   1 
ATOM   539 O O   . ASP A 1 73 ? 7.950   9.701   -2.214  1.00 27.59 ? 204 ASP A O   1 
ATOM   540 C CB  . ASP A 1 73 ? 9.267   11.998  -0.226  1.00 29.30 ? 204 ASP A CB  1 
ATOM   541 C CG  . ASP A 1 73 ? 9.149   13.255  0.647   1.00 31.84 ? 204 ASP A CG  1 
ATOM   542 O OD1 . ASP A 1 73 ? 8.352   14.165  0.329   1.00 34.03 ? 204 ASP A OD1 1 
ATOM   543 O OD2 . ASP A 1 73 ? 9.826   13.412  1.683   1.00 34.81 ? 204 ASP A OD2 1 
ATOM   544 N N   . PRO A 1 74 ? 9.295   11.140  -3.323  1.00 27.55 ? 205 PRO A N   1 
ATOM   545 C CA  . PRO A 1 74 ? 9.779   10.141  -4.284  1.00 27.16 ? 205 PRO A CA  1 
ATOM   546 C C   . PRO A 1 74 ? 10.297  8.865   -3.614  1.00 26.81 ? 205 PRO A C   1 
ATOM   547 O O   . PRO A 1 74 ? 11.050  8.916   -2.627  1.00 26.76 ? 205 PRO A O   1 
ATOM   548 C CB  . PRO A 1 74 ? 10.912  10.875  -4.999  1.00 27.33 ? 205 PRO A CB  1 
ATOM   549 C CG  . PRO A 1 74 ? 10.459  12.287  -4.997  1.00 27.46 ? 205 PRO A CG  1 
ATOM   550 C CD  . PRO A 1 74 ? 9.803   12.489  -3.649  1.00 28.05 ? 205 PRO A CD  1 
ATOM   551 N N   . LYS A 1 75 ? 9.866   7.734   -4.164  1.00 25.97 ? 206 LYS A N   1 
ATOM   552 C CA  . LYS A 1 75 ? 10.238  6.393   -3.700  1.00 25.40 ? 206 LYS A CA  1 
ATOM   553 C C   . LYS A 1 75 ? 9.608   5.969   -2.364  1.00 24.31 ? 206 LYS A C   1 
ATOM   554 O O   . LYS A 1 75 ? 9.940   4.912   -1.847  1.00 24.42 ? 206 LYS A O   1 
ATOM   555 C CB  . LYS A 1 75 ? 11.770  6.186   -3.671  1.00 26.07 ? 206 LYS A CB  1 
ATOM   556 C CG  . LYS A 1 75 ? 12.520  6.701   -4.909  1.00 27.62 ? 206 LYS A CG  1 
ATOM   557 C CD  . LYS A 1 75 ? 12.221  5.864   -6.147  1.00 30.24 ? 206 LYS A CD  1 
ATOM   558 N N   . TYR A 1 76 ? 8.696   6.773   -1.819  1.00 23.14 ? 207 TYR A N   1 
ATOM   559 C CA  . TYR A 1 76 ? 8.002   6.396   -0.589  1.00 22.19 ? 207 TYR A CA  1 
ATOM   560 C C   . TYR A 1 76 ? 6.594   5.847   -0.843  1.00 21.30 ? 207 TYR A C   1 
ATOM   561 O O   . TYR A 1 76 ? 5.900   5.433   0.093   1.00 21.58 ? 207 TYR A O   1 
ATOM   562 C CB  . TYR A 1 76 ? 7.938   7.576   0.385   1.00 22.62 ? 207 TYR A CB  1 
ATOM   563 C CG  . TYR A 1 76 ? 9.233   7.832   1.122   1.00 23.52 ? 207 TYR A CG  1 
ATOM   564 C CD1 . TYR A 1 76 ? 10.248  8.602   0.547   1.00 25.80 ? 207 TYR A CD1 1 
ATOM   565 C CD2 . TYR A 1 76 ? 9.441   7.313   2.398   1.00 25.20 ? 207 TYR A CD2 1 
ATOM   566 C CE1 . TYR A 1 76 ? 11.450  8.839   1.225   1.00 25.99 ? 207 TYR A CE1 1 
ATOM   567 C CE2 . TYR A 1 76 ? 10.634  7.545   3.086   1.00 26.36 ? 207 TYR A CE2 1 
ATOM   568 C CZ  . TYR A 1 76 ? 11.629  8.307   2.496   1.00 27.03 ? 207 TYR A CZ  1 
ATOM   569 O OH  . TYR A 1 76 ? 12.805  8.536   3.177   1.00 29.49 ? 207 TYR A OH  1 
ATOM   570 N N   . GLY A 1 77 ? 6.170   5.844   -2.104  1.00 20.10 ? 208 GLY A N   1 
ATOM   571 C CA  . GLY A 1 77 ? 4.831   5.387   -2.430  1.00 19.06 ? 208 GLY A CA  1 
ATOM   572 C C   . GLY A 1 77 ? 4.802   4.079   -3.195  1.00 18.14 ? 208 GLY A C   1 
ATOM   573 O O   . GLY A 1 77 ? 5.711   3.771   -3.963  1.00 18.07 ? 208 GLY A O   1 
ATOM   574 N N   . GLY A 1 78 ? 3.738   3.312   -2.997  1.00 17.86 ? 209 GLY A N   1 
ATOM   575 C CA  . GLY A 1 78 ? 3.536   2.103   -3.775  1.00 17.25 ? 209 GLY A CA  1 
ATOM   576 C C   . GLY A 1 78 ? 2.070   1.766   -3.907  1.00 17.17 ? 209 GLY A C   1 
ATOM   577 O O   . GLY A 1 78 ? 1.282   2.065   -3.010  1.00 17.65 ? 209 GLY A O   1 
ATOM   578 N N   . PHE A 1 79 ? 1.716   1.144   -5.024  1.00 17.19 ? 210 PHE A N   1 
ATOM   579 C CA  . PHE A 1 79 ? 0.382   0.596   -5.238  1.00 17.55 ? 210 PHE A CA  1 
ATOM   580 C C   . PHE A 1 79 ? 0.459   -0.907  -5.345  1.00 17.52 ? 210 PHE A C   1 
ATOM   581 O O   . PHE A 1 79 ? 1.217   -1.423  -6.166  1.00 17.13 ? 210 PHE A O   1 
ATOM   582 C CB  . PHE A 1 79 ? -0.213  1.121   -6.537  1.00 17.66 ? 210 PHE A CB  1 
ATOM   583 C CG  . PHE A 1 79 ? -0.904  2.421   -6.389  1.00 19.22 ? 210 PHE A CG  1 
ATOM   584 C CD1 . PHE A 1 79 ? -2.141  2.496   -5.764  1.00 20.58 ? 210 PHE A CD1 1 
ATOM   585 C CD2 . PHE A 1 79 ? -0.309  3.584   -6.856  1.00 21.28 ? 210 PHE A CD2 1 
ATOM   586 C CE1 . PHE A 1 79 ? -2.791  3.713   -5.619  1.00 23.58 ? 210 PHE A CE1 1 
ATOM   587 C CE2 . PHE A 1 79 ? -0.950  4.807   -6.709  1.00 23.03 ? 210 PHE A CE2 1 
ATOM   588 C CZ  . PHE A 1 79 ? -2.188  4.868   -6.095  1.00 22.92 ? 210 PHE A CZ  1 
ATOM   589 N N   . VAL A 1 80 ? -0.352  -1.599  -4.541  1.00 17.39 ? 211 VAL A N   1 
ATOM   590 C CA  . VAL A 1 80 ? -0.387  -3.064  -4.521  1.00 17.90 ? 211 VAL A CA  1 
ATOM   591 C C   . VAL A 1 80 ? -1.832  -3.548  -4.401  1.00 17.98 ? 211 VAL A C   1 
ATOM   592 O O   . VAL A 1 80 ? -2.720  -2.781  -4.033  1.00 18.40 ? 211 VAL A O   1 
ATOM   593 C CB  . VAL A 1 80 ? 0.424   -3.644  -3.322  1.00 17.45 ? 211 VAL A CB  1 
ATOM   594 C CG1 . VAL A 1 80 ? 1.887   -3.252  -3.422  1.00 17.24 ? 211 VAL A CG1 1 
ATOM   595 C CG2 . VAL A 1 80 ? -0.159  -3.156  -1.994  1.00 18.13 ? 211 VAL A CG2 1 
ATOM   596 N N   . ARG A 1 81 ? -2.057  -4.827  -4.685  1.00 19.03 ? 212 ARG A N   1 
ATOM   597 C CA  . ARG A 1 81 ? -3.383  -5.418  -4.538  1.00 19.68 ? 212 ARG A CA  1 
ATOM   598 C C   . ARG A 1 81 ? -3.739  -5.611  -3.058  1.00 20.54 ? 212 ARG A C   1 
ATOM   599 O O   . ARG A 1 81 ? -2.853  -5.849  -2.242  1.00 20.45 ? 212 ARG A O   1 
ATOM   600 C CB  . ARG A 1 81 ? -3.434  -6.760  -5.264  1.00 19.67 ? 212 ARG A CB  1 
ATOM   601 C CG  . ARG A 1 81 ? -3.412  -6.646  -6.775  1.00 19.88 ? 212 ARG A CG  1 
ATOM   602 C CD  . ARG A 1 81 ? -4.632  -5.930  -7.350  1.00 20.80 ? 212 ARG A CD  1 
ATOM   603 N NE  . ARG A 1 81 ? -4.716  -6.118  -8.795  1.00 21.82 ? 212 ARG A NE  1 
ATOM   604 C CZ  . ARG A 1 81 ? -5.543  -5.448  -9.587  1.00 21.52 ? 212 ARG A CZ  1 
ATOM   605 N NH1 . ARG A 1 81 ? -6.354  -4.530  -9.083  1.00 20.95 ? 212 ARG A NH1 1 
ATOM   606 N NH2 . ARG A 1 81 ? -5.536  -5.682  -10.892 1.00 21.39 ? 212 ARG A NH2 1 
ATOM   607 N N   . PRO A 1 82 ? -5.019  -5.475  -2.705  1.00 21.18 ? 213 PRO A N   1 
ATOM   608 C CA  . PRO A 1 82 ? -5.460  -5.685  -1.319  1.00 22.26 ? 213 PRO A CA  1 
ATOM   609 C C   . PRO A 1 82 ? -4.985  -7.006  -0.694  1.00 22.79 ? 213 PRO A C   1 
ATOM   610 O O   . PRO A 1 82 ? -4.720  -7.000  0.505   1.00 23.46 ? 213 PRO A O   1 
ATOM   611 C CB  . PRO A 1 82 ? -6.986  -5.640  -1.425  1.00 22.19 ? 213 PRO A CB  1 
ATOM   612 C CG  . PRO A 1 82 ? -7.234  -4.713  -2.573  1.00 21.82 ? 213 PRO A CG  1 
ATOM   613 C CD  . PRO A 1 82 ? -6.135  -5.036  -3.569  1.00 21.25 ? 213 PRO A CD  1 
ATOM   614 N N   . VAL A 1 83 ? -4.855  -8.085  -1.466  1.00 23.58 ? 214 VAL A N   1 
ATOM   615 C CA  . VAL A 1 83 ? -4.390  -9.365  -0.895  1.00 24.40 ? 214 VAL A CA  1 
ATOM   616 C C   . VAL A 1 83 ? -2.964  -9.305  -0.347  1.00 24.49 ? 214 VAL A C   1 
ATOM   617 O O   . VAL A 1 83 ? -2.562  -10.149 0.467   1.00 24.99 ? 214 VAL A O   1 
ATOM   618 C CB  . VAL A 1 83 ? -4.524  -10.565 -1.874  1.00 24.70 ? 214 VAL A CB  1 
ATOM   619 C CG1 . VAL A 1 83 ? -5.987  -10.840 -2.185  1.00 26.23 ? 214 VAL A CG1 1 
ATOM   620 C CG2 . VAL A 1 83 ? -3.692  -10.353 -3.142  1.00 24.88 ? 214 VAL A CG2 1 
ATOM   621 N N   . ASP A 1 84 ? -2.208  -8.301  -0.786  1.00 24.09 ? 215 ASP A N   1 
ATOM   622 C CA  . ASP A 1 84 ? -0.825  -8.130  -0.367  1.00 24.07 ? 215 ASP A CA  1 
ATOM   623 C C   . ASP A 1 84 ? -0.670  -7.152  0.811   1.00 23.92 ? 215 ASP A C   1 
ATOM   624 O O   . ASP A 1 84 ? 0.457   -6.825  1.201   1.00 24.15 ? 215 ASP A O   1 
ATOM   625 C CB  . ASP A 1 84 ? 0.026   -7.685  -1.562  1.00 24.26 ? 215 ASP A CB  1 
ATOM   626 C CG  . ASP A 1 84 ? 0.153   -8.768  -2.623  1.00 25.67 ? 215 ASP A CG  1 
ATOM   627 O OD1 . ASP A 1 84 ? 0.062   -9.973  -2.274  1.00 24.83 ? 215 ASP A OD1 1 
ATOM   628 O OD2 . ASP A 1 84 ? 0.346   -8.508  -3.833  1.00 26.87 ? 215 ASP A OD2 1 
ATOM   629 N N   . VAL A 1 85 ? -1.795  -6.707  1.371   1.00 23.73 ? 216 VAL A N   1 
ATOM   630 C CA  . VAL A 1 85 ? -1.819  -5.707  2.445   1.00 24.00 ? 216 VAL A CA  1 
ATOM   631 C C   . VAL A 1 85 ? -2.544  -6.233  3.681   1.00 24.46 ? 216 VAL A C   1 
ATOM   632 O O   . VAL A 1 85 ? -3.679  -6.702  3.589   1.00 24.34 ? 216 VAL A O   1 
ATOM   633 C CB  . VAL A 1 85 ? -2.544  -4.399  1.998   1.00 24.04 ? 216 VAL A CB  1 
ATOM   634 C CG1 . VAL A 1 85 ? -2.617  -3.373  3.138   1.00 24.01 ? 216 VAL A CG1 1 
ATOM   635 C CG2 . VAL A 1 85 ? -1.868  -3.793  0.795   1.00 24.02 ? 216 VAL A CG2 1 
ATOM   636 N N   . LYS A 1 86 ? -1.875  -6.146  4.829   1.00 24.56 ? 217 LYS A N   1 
ATOM   637 C CA  . LYS A 1 86 ? -2.492  -6.396  6.122   1.00 25.63 ? 217 LYS A CA  1 
ATOM   638 C C   . LYS A 1 86 ? -2.565  -5.076  6.873   1.00 25.30 ? 217 LYS A C   1 
ATOM   639 O O   . LYS A 1 86 ? -1.566  -4.361  6.968   1.00 25.02 ? 217 LYS A O   1 
ATOM   640 C CB  . LYS A 1 86 ? -1.661  -7.408  6.927   1.00 26.32 ? 217 LYS A CB  1 
ATOM   641 C CG  . LYS A 1 86 ? -1.670  -8.824  6.352   1.00 29.56 ? 217 LYS A CG  1 
ATOM   642 C CD  . LYS A 1 86 ? -0.475  -9.649  6.850   1.00 34.34 ? 217 LYS A CD  1 
ATOM   643 C CE  . LYS A 1 86 ? -0.710  -10.213 8.246   1.00 36.61 ? 217 LYS A CE  1 
ATOM   644 N NZ  . LYS A 1 86 ? 0.560   -10.327 9.022   1.00 37.84 ? 217 LYS A NZ  1 
ATOM   645 N N   . VAL A 1 87 ? -3.746  -4.736  7.384   1.00 25.16 ? 218 VAL A N   1 
ATOM   646 C CA  . VAL A 1 87 ? -3.904  -3.516  8.178   1.00 25.13 ? 218 VAL A CA  1 
ATOM   647 C C   . VAL A 1 87 ? -4.074  -3.837  9.658   1.00 25.39 ? 218 VAL A C   1 
ATOM   648 O O   . VAL A 1 87 ? -4.608  -4.887  10.013  1.00 25.39 ? 218 VAL A O   1 
ATOM   649 C CB  . VAL A 1 87 ? -5.080  -2.614  7.697   1.00 25.33 ? 218 VAL A CB  1 
ATOM   650 C CG1 . VAL A 1 87 ? -4.746  -1.969  6.355   1.00 25.26 ? 218 VAL A CG1 1 
ATOM   651 C CG2 . VAL A 1 87 ? -6.390  -3.394  7.616   1.00 25.71 ? 218 VAL A CG2 1 
ATOM   652 N N   . GLY A 1 88 ? -3.624  -2.922  10.508  1.00 25.74 ? 219 GLY A N   1 
ATOM   653 C CA  . GLY A 1 88 ? -3.686  -3.119  11.944  1.00 26.32 ? 219 GLY A CA  1 
ATOM   654 C C   . GLY A 1 88 ? -2.606  -2.333  12.642  1.00 26.38 ? 219 GLY A C   1 
ATOM   655 O O   . GLY A 1 88 ? -2.104  -1.341  12.113  1.00 26.75 ? 219 GLY A O   1 
ATOM   656 N N   . ASP A 1 89 ? -2.248  -2.770  13.845  1.00 25.98 ? 220 ASP A N   1 
ATOM   657 C CA  . ASP A 1 89 ? -1.217  -2.095  14.610  1.00 25.67 ? 220 ASP A CA  1 
ATOM   658 C C   . ASP A 1 89 ? 0.151   -2.556  14.114  1.00 25.16 ? 220 ASP A C   1 
ATOM   659 O O   . ASP A 1 89 ? 0.696   -3.555  14.593  1.00 24.76 ? 220 ASP A O   1 
ATOM   660 C CB  . ASP A 1 89 ? -1.402  -2.389  16.105  1.00 26.50 ? 220 ASP A CB  1 
ATOM   661 C CG  . ASP A 1 89 ? -0.533  -1.519  16.992  1.00 28.23 ? 220 ASP A CG  1 
ATOM   662 O OD1 . ASP A 1 89 ? 0.254   -0.693  16.480  1.00 30.81 ? 220 ASP A OD1 1 
ATOM   663 O OD2 . ASP A 1 89 ? -0.564  -1.598  18.241  1.00 30.92 ? 220 ASP A OD2 1 
ATOM   664 N N   . PHE A 1 90 ? 0.679   -1.833  13.127  1.00 23.64 ? 221 PHE A N   1 
ATOM   665 C CA  . PHE A 1 90 ? 1.994   -2.113  12.566  1.00 22.82 ? 221 PHE A CA  1 
ATOM   666 C C   . PHE A 1 90 ? 2.846   -0.855  12.708  1.00 22.44 ? 221 PHE A C   1 
ATOM   667 O O   . PHE A 1 90 ? 2.922   -0.041  11.780  1.00 22.82 ? 221 PHE A O   1 
ATOM   668 C CB  . PHE A 1 90 ? 1.896   -2.520  11.090  1.00 22.28 ? 221 PHE A CB  1 
ATOM   669 C CG  . PHE A 1 90 ? 1.276   -3.872  10.862  1.00 21.83 ? 221 PHE A CG  1 
ATOM   670 C CD1 . PHE A 1 90 ? 2.029   -5.037  11.009  1.00 21.44 ? 221 PHE A CD1 1 
ATOM   671 C CD2 . PHE A 1 90 ? -0.061  -3.980  10.469  1.00 21.95 ? 221 PHE A CD2 1 
ATOM   672 C CE1 . PHE A 1 90 ? 1.460   -6.290  10.780  1.00 21.76 ? 221 PHE A CE1 1 
ATOM   673 C CE2 . PHE A 1 90 ? -0.638  -5.225  10.238  1.00 21.51 ? 221 PHE A CE2 1 
ATOM   674 C CZ  . PHE A 1 90 ? 0.119   -6.385  10.397  1.00 21.71 ? 221 PHE A CZ  1 
ATOM   675 N N   . PRO A 1 91 ? 3.490   -0.685  13.863  1.00 21.67 ? 222 PRO A N   1 
ATOM   676 C CA  . PRO A 1 91 ? 4.278   0.523   14.122  1.00 21.44 ? 222 PRO A CA  1 
ATOM   677 C C   . PRO A 1 91 ? 5.595   0.491   13.339  1.00 21.41 ? 222 PRO A C   1 
ATOM   678 O O   . PRO A 1 91 ? 6.003   -0.576  12.885  1.00 21.56 ? 222 PRO A O   1 
ATOM   679 C CB  . PRO A 1 91 ? 4.525   0.453   15.626  1.00 21.25 ? 222 PRO A CB  1 
ATOM   680 C CG  . PRO A 1 91 ? 4.574   -1.012  15.907  1.00 21.15 ? 222 PRO A CG  1 
ATOM   681 C CD  . PRO A 1 91 ? 3.551   -1.637  14.991  1.00 21.64 ? 222 PRO A CD  1 
ATOM   682 N N   . GLU A 1 92 ? 6.235   1.648   13.171  1.00 21.73 ? 223 GLU A N   1 
ATOM   683 C CA  . GLU A 1 92 ? 7.457   1.748   12.383  1.00 22.00 ? 223 GLU A CA  1 
ATOM   684 C C   . GLU A 1 92 ? 8.578   0.909   12.993  1.00 21.44 ? 223 GLU A C   1 
ATOM   685 O O   . GLU A 1 92 ? 8.837   0.997   14.196  1.00 22.05 ? 223 GLU A O   1 
ATOM   686 C CB  . GLU A 1 92 ? 7.895   3.219   12.261  1.00 22.35 ? 223 GLU A CB  1 
ATOM   687 C CG  . GLU A 1 92 ? 9.238   3.407   11.574  1.00 24.78 ? 223 GLU A CG  1 
ATOM   688 C CD  . GLU A 1 92 ? 9.631   4.864   11.405  1.00 28.73 ? 223 GLU A CD  1 
ATOM   689 O OE1 . GLU A 1 92 ? 9.234   5.702   12.245  1.00 30.63 ? 223 GLU A OE1 1 
ATOM   690 O OE2 . GLU A 1 92 ? 10.353  5.169   10.434  1.00 30.43 ? 223 GLU A OE2 1 
ATOM   691 N N   . LEU A 1 93 ? 9.226   0.094   12.164  1.00 20.76 ? 224 LEU A N   1 
ATOM   692 C CA  . LEU A 1 93 ? 10.355  -0.728  12.602  1.00 20.58 ? 224 LEU A CA  1 
ATOM   693 C C   . LEU A 1 93 ? 11.624  0.111   12.715  1.00 20.86 ? 224 LEU A C   1 
ATOM   694 O O   . LEU A 1 93 ? 12.344  0.326   11.735  1.00 21.54 ? 224 LEU A O   1 
ATOM   695 C CB  . LEU A 1 93 ? 10.568  -1.926  11.672  1.00 20.92 ? 224 LEU A CB  1 
ATOM   696 C CG  . LEU A 1 93 ? 9.494   -3.013  11.798  1.00 21.28 ? 224 LEU A CG  1 
ATOM   697 C CD1 . LEU A 1 93 ? 9.437   -3.891  10.549  1.00 22.80 ? 224 LEU A CD1 1 
ATOM   698 C CD2 . LEU A 1 93 ? 9.691   -3.863  13.057  1.00 23.31 ? 224 LEU A CD2 1 
ATOM   699 N N   . SER A 1 94 ? 11.888  0.587   13.923  1.00 20.80 ? 225 SER A N   1 
ATOM   700 C CA  . SER A 1 94 ? 13.039  1.439   14.182  1.00 20.75 ? 225 SER A CA  1 
ATOM   701 C C   . SER A 1 94 ? 13.398  1.345   15.658  1.00 20.81 ? 225 SER A C   1 
ATOM   702 O O   . SER A 1 94 ? 12.516  1.222   16.517  1.00 21.14 ? 225 SER A O   1 
ATOM   703 C CB  A SER A 1 94 ? 12.732  2.890   13.812  0.70 21.13 ? 225 SER A CB  1 
ATOM   704 C CB  B SER A 1 94 ? 12.733  2.890   13.803  0.30 20.95 ? 225 SER A CB  1 
ATOM   705 O OG  A SER A 1 94 ? 13.812  3.743   14.162  0.70 21.62 ? 225 SER A OG  1 
ATOM   706 O OG  B SER A 1 94 ? 11.807  3.470   14.703  0.30 21.41 ? 225 SER A OG  1 
ATOM   707 N N   . ILE A 1 95 ? 14.693  1.395   15.933  1.00 20.63 ? 226 ILE A N   1 
ATOM   708 C CA  . ILE A 1 95 ? 15.207  1.410   17.299  1.00 20.87 ? 226 ILE A CA  1 
ATOM   709 C C   . ILE A 1 95 ? 16.058  2.661   17.465  1.00 20.97 ? 226 ILE A C   1 
ATOM   710 O O   . ILE A 1 95 ? 17.069  2.813   16.785  1.00 21.11 ? 226 ILE A O   1 
ATOM   711 C CB  . ILE A 1 95 ? 16.045  0.149   17.580  1.00 20.93 ? 226 ILE A CB  1 
ATOM   712 C CG1 . ILE A 1 95 ? 15.177  -1.110  17.462  1.00 20.67 ? 226 ILE A CG1 1 
ATOM   713 C CG2 . ILE A 1 95 ? 16.718  0.244   18.963  1.00 21.05 ? 226 ILE A CG2 1 
ATOM   714 C CD1 . ILE A 1 95 ? 15.951  -2.421  17.595  1.00 20.00 ? 226 ILE A CD1 1 
ATOM   715 N N   . ASP A 1 96 ? 15.650  3.536   18.377  1.00 21.63 ? 227 ASP A N   1 
ATOM   716 C CA  . ASP A 1 96 ? 16.386  4.767   18.663  1.00 22.40 ? 227 ASP A CA  1 
ATOM   717 C C   . ASP A 1 96 ? 17.626  4.426   19.480  1.00 21.53 ? 227 ASP A C   1 
ATOM   718 O O   . ASP A 1 96 ? 18.753  4.782   19.120  1.00 21.75 ? 227 ASP A O   1 
ATOM   719 C CB  . ASP A 1 96 ? 15.502  5.750   19.453  1.00 23.41 ? 227 ASP A CB  1 
ATOM   720 C CG  . ASP A 1 96 ? 14.487  6.494   18.575  1.00 27.11 ? 227 ASP A CG  1 
ATOM   721 O OD1 . ASP A 1 96 ? 14.549  6.409   17.334  1.00 30.73 ? 227 ASP A OD1 1 
ATOM   722 O OD2 . ASP A 1 96 ? 13.578  7.206   19.058  1.00 32.87 ? 227 ASP A OD2 1 
ATOM   723 N N   . GLU A 1 97 ? 17.395  3.717   20.579  1.00 20.47 ? 228 GLU A N   1 
ATOM   724 C CA  . GLU A 1 97 ? 18.443  3.269   21.485  1.00 19.55 ? 228 GLU A CA  1 
ATOM   725 C C   . GLU A 1 97 ? 17.876  2.076   22.230  1.00 19.26 ? 228 GLU A C   1 
ATOM   726 O O   . GLU A 1 97 ? 16.712  2.085   22.616  1.00 18.49 ? 228 GLU A O   1 
ATOM   727 C CB  . GLU A 1 97 ? 18.799  4.371   22.494  1.00 20.17 ? 228 GLU A CB  1 
ATOM   728 C CG  . GLU A 1 97 ? 19.884  3.952   23.480  1.00 20.86 ? 228 GLU A CG  1 
ATOM   729 C CD  . GLU A 1 97 ? 20.271  5.057   24.445  1.00 25.32 ? 228 GLU A CD  1 
ATOM   730 O OE1 . GLU A 1 97 ? 19.413  5.897   24.771  1.00 29.09 ? 228 GLU A OE1 1 
ATOM   731 O OE2 . GLU A 1 97 ? 21.436  5.078   24.871  1.00 26.31 ? 228 GLU A OE2 1 
ATOM   732 N N   . ILE A 1 98 ? 18.700  1.054   22.431  1.00 18.93 ? 229 ILE A N   1 
ATOM   733 C CA  . ILE A 1 98 ? 18.272  -0.137  23.156  1.00 18.91 ? 229 ILE A CA  1 
ATOM   734 C C   . ILE A 1 98 ? 19.370  -0.562  24.120  1.00 19.46 ? 229 ILE A C   1 
ATOM   735 O O   . ILE A 1 98 ? 20.507  -0.110  24.004  1.00 20.94 ? 229 ILE A O   1 
ATOM   736 C CB  . ILE A 1 98 ? 17.904  -1.261  22.161  1.00 18.86 ? 229 ILE A CB  1 
ATOM   737 C CG1 . ILE A 1 98 ? 17.149  -2.405  22.868  1.00 18.39 ? 229 ILE A CG1 1 
ATOM   738 C CG2 . ILE A 1 98 ? 19.143  -1.731  21.418  1.00 17.72 ? 229 ILE A CG2 1 
ATOM   739 C CD1 . ILE A 1 98 ? 16.357  -3.280  21.904  1.00 18.55 ? 229 ILE A CD1 1 
ATOM   740 O OXT . ILE A 1 98 ? 19.164  -1.348  25.044  1.00 19.82 ? 229 ILE A OXT 1 
HETATM 741 S S   . SO4 B 2 .  ? -2.596  -8.194  -11.229 1.00 28.76 ? 490 SO4 A S   1 
HETATM 742 O O1  . SO4 B 2 .  ? -2.607  -7.823  -9.811  1.00 29.10 ? 490 SO4 A O1  1 
HETATM 743 O O2  . SO4 B 2 .  ? -1.762  -7.282  -12.002 1.00 29.41 ? 490 SO4 A O2  1 
HETATM 744 O O3  . SO4 B 2 .  ? -3.973  -8.126  -11.744 1.00 29.19 ? 490 SO4 A O3  1 
HETATM 745 O O4  . SO4 B 2 .  ? -2.044  -9.530  -11.374 1.00 30.73 ? 490 SO4 A O4  1 
HETATM 746 O O   . HOH C 3 .  ? -9.338  -12.160 0.558   1.00 43.53 ? 501 HOH A O   1 
HETATM 747 O O   . HOH C 3 .  ? -5.884  -6.751  7.067   1.00 37.41 ? 502 HOH A O   1 
HETATM 748 O O   . HOH C 3 .  ? -4.080  1.303   11.911  1.00 38.81 ? 505 HOH A O   1 
HETATM 749 O O   . HOH C 3 .  ? -2.075  1.930   14.236  1.00 40.37 ? 506 HOH A O   1 
HETATM 750 O O   . HOH C 3 .  ? -2.858  8.212   4.825   1.00 40.13 ? 507 HOH A O   1 
HETATM 751 O O   . HOH C 3 .  ? -1.939  11.921  0.443   1.00 36.67 ? 508 HOH A O   1 
HETATM 752 O O   . HOH C 3 .  ? -8.864  6.297   -1.238  1.00 30.76 ? 509 HOH A O   1 
HETATM 753 O O   . HOH C 3 .  ? -4.116  10.218  0.842   1.00 41.58 ? 510 HOH A O   1 
HETATM 754 O O   . HOH C 3 .  ? -10.371 2.769   9.997   1.00 61.87 ? 511 HOH A O   1 
HETATM 755 O O   . HOH C 3 .  ? -10.816 5.956   -4.180  1.00 42.58 ? 512 HOH A O   1 
HETATM 756 O O   . HOH C 3 .  ? -6.318  4.393   11.167  1.00 31.61 ? 513 HOH A O   1 
HETATM 757 O O   . HOH C 3 .  ? -5.515  10.921  -1.956  1.00 54.83 ? 514 HOH A O   1 
HETATM 758 O O   . HOH C 3 .  ? -3.367  14.191  -11.378 1.00 35.26 ? 515 HOH A O   1 
HETATM 759 O O   . HOH C 3 .  ? 1.169   16.857  -8.727  1.00 46.29 ? 517 HOH A O   1 
HETATM 760 O O   . HOH C 3 .  ? 3.794   9.734   -12.582 1.00 24.74 ? 518 HOH A O   1 
HETATM 761 O O   . HOH C 3 .  ? 4.626   6.670   -13.451 1.00 33.91 ? 519 HOH A O   1 
HETATM 762 O O   . HOH C 3 .  ? 9.356   7.935   -6.946  1.00 32.68 ? 520 HOH A O   1 
HETATM 763 O O   . HOH C 3 .  ? 5.911   3.506   -10.398 1.00 28.76 ? 521 HOH A O   1 
HETATM 764 O O   . HOH C 3 .  ? 5.202   5.965   -10.929 1.00 58.94 ? 522 HOH A O   1 
HETATM 765 O O   . HOH C 3 .  ? 5.926   8.541   -9.484  1.00 35.27 ? 523 HOH A O   1 
HETATM 766 O O   . HOH C 3 .  ? 6.831   14.283  -4.698  1.00 53.50 ? 524 HOH A O   1 
HETATM 767 O O   . HOH C 3 .  ? 3.449   14.954  -3.471  1.00 53.06 ? 525 HOH A O   1 
HETATM 768 O O   . HOH C 3 .  ? 6.663   10.650  2.222   1.00 34.66 ? 526 HOH A O   1 
HETATM 769 O O   . HOH C 3 .  ? 13.209  7.423   5.966   1.00 54.63 ? 528 HOH A O   1 
HETATM 770 O O   . HOH C 3 .  ? 14.683  -0.915  9.893   1.00 38.94 ? 529 HOH A O   1 
HETATM 771 O O   . HOH C 3 .  ? 11.393  1.239   9.250   1.00 29.01 ? 530 HOH A O   1 
HETATM 772 O O   . HOH C 3 .  ? 8.842   0.372   9.229   1.00 21.30 ? 531 HOH A O   1 
HETATM 773 O O   . HOH C 3 .  ? 9.060   -1.533  7.299   1.00 26.36 ? 532 HOH A O   1 
HETATM 774 O O   . HOH C 3 .  ? 12.105  -3.265  3.830   1.00 54.08 ? 533 HOH A O   1 
HETATM 775 O O   . HOH C 3 .  ? 8.792   0.898   4.936   1.00 20.81 ? 534 HOH A O   1 
HETATM 776 O O   . HOH C 3 .  ? 12.105  -12.944 1.966   1.00 62.35 ? 535 HOH A O   1 
HETATM 777 O O   . HOH C 3 .  ? 9.502   -6.354  7.889   1.00 44.13 ? 536 HOH A O   1 
HETATM 778 O O   . HOH C 3 .  ? 6.535   -5.904  8.962   1.00 36.15 ? 537 HOH A O   1 
HETATM 779 O O   . HOH C 3 .  ? 1.186   -8.107  4.546   1.00 34.39 ? 538 HOH A O   1 
HETATM 780 O O   . HOH C 3 .  ? 6.759   -6.402  0.353   1.00 31.23 ? 539 HOH A O   1 
HETATM 781 O O   . HOH C 3 .  ? 0.050   -6.528  -5.663  1.00 20.85 ? 540 HOH A O   1 
HETATM 782 O O   . HOH C 3 .  ? -5.865  -12.126 -5.645  1.00 41.37 ? 541 HOH A O   1 
HETATM 783 O O   . HOH C 3 .  ? -4.261  -10.309 -6.684  1.00 31.94 ? 542 HOH A O   1 
HETATM 784 O O   . HOH C 3 .  ? -7.751  -8.333  -9.215  1.00 45.90 ? 545 HOH A O   1 
HETATM 785 O O   . HOH C 3 .  ? -9.466  -6.181  -7.601  1.00 36.06 ? 546 HOH A O   1 
HETATM 786 O O   . HOH C 3 .  ? -12.006 2.302   2.215   1.00 55.47 ? 547 HOH A O   1 
HETATM 787 O O   . HOH C 3 .  ? -12.293 -1.964  -11.314 1.00 28.49 ? 548 HOH A O   1 
HETATM 788 O O   . HOH C 3 .  ? 0.692   -8.848  13.875  1.00 38.69 ? 549 HOH A O   1 
HETATM 789 O O   . HOH C 3 .  ? -12.564 2.933   -1.571  1.00 59.18 ? 550 HOH A O   1 
HETATM 790 O O   . HOH C 3 .  ? -1.164  5.878   10.840  1.00 48.49 ? 551 HOH A O   1 
HETATM 791 O O   . HOH C 3 .  ? -10.713 4.503   3.082   1.00 32.40 ? 552 HOH A O   1 
HETATM 792 O O   . HOH C 3 .  ? 4.510   5.836   6.530   1.00 25.70 ? 553 HOH A O   1 
HETATM 793 O O   . HOH C 3 .  ? 5.284   6.159   12.147  1.00 49.02 ? 554 HOH A O   1 
HETATM 794 O O   . HOH C 3 .  ? 5.398   4.357   16.252  1.00 40.76 ? 555 HOH A O   1 
HETATM 795 O O   . HOH C 3 .  ? 1.819   3.503   14.729  1.00 35.63 ? 556 HOH A O   1 
HETATM 796 O O   . HOH C 3 .  ? -0.035  -5.812  15.603  1.00 30.96 ? 557 HOH A O   1 
HETATM 797 O O   . HOH C 3 .  ? -1.471  -7.151  13.989  1.00 62.26 ? 558 HOH A O   1 
HETATM 798 O O   . HOH C 3 .  ? 11.971  0.578   19.082  1.00 24.88 ? 559 HOH A O   1 
HETATM 799 O O   . HOH C 3 .  ? 9.815   5.373   14.846  1.00 38.48 ? 560 HOH A O   1 
HETATM 800 O O   . HOH C 3 .  ? 17.056  6.879   23.848  1.00 68.35 ? 563 HOH A O   1 
HETATM 801 O O   . HOH C 3 .  ? -1.621  -9.959  -5.888  1.00 41.98 ? 564 HOH A O   1 
HETATM 802 O O   . HOH C 3 .  ? 16.065  6.122   15.427  1.00 40.78 ? 565 HOH A O   1 
HETATM 803 O O   . HOH C 3 .  ? 12.839  10.715  -1.722  1.00 36.83 ? 566 HOH A O   1 
HETATM 804 O O   . HOH C 3 .  ? 14.641  5.991   -11.540 1.00 69.20 ? 567 HOH A O   1 
HETATM 805 O O   . HOH C 3 .  ? -2.455  6.377   -13.533 1.00 18.51 ? 568 HOH A O   1 
HETATM 806 O O   . HOH C 3 .  ? -1.972  8.751   -17.832 1.00 25.37 ? 569 HOH A O   1 
HETATM 807 O O   . HOH C 3 .  ? -5.279  -9.519  -9.804  1.00 41.26 ? 571 HOH A O   1 
HETATM 808 O O   . HOH C 3 .  ? -1.079  -5.966  -16.411 1.00 21.64 ? 573 HOH A O   1 
HETATM 809 O O   . HOH C 3 .  ? 14.756  2.226   9.722   1.00 34.45 ? 574 HOH A O   1 
HETATM 810 O O   . HOH C 3 .  ? -3.466  -4.791  -17.599 1.00 34.55 ? 575 HOH A O   1 
HETATM 811 O O   . HOH C 3 .  ? 0.474   1.020   14.346  1.00 35.77 ? 576 HOH A O   1 
HETATM 812 O O   . HOH C 3 .  ? 12.135  3.680   9.313   1.00 40.83 ? 577 HOH A O   1 
HETATM 813 O O   . HOH C 3 .  ? 12.970  12.209  0.886   1.00 46.75 ? 578 HOH A O   1 
HETATM 814 O O   . HOH C 3 .  ? -6.766  10.912  0.257   1.00 48.38 ? 579 HOH A O   1 
HETATM 815 O O   . HOH C 3 .  ? 2.143   6.547   9.819   1.00 30.72 ? 581 HOH A O   1 
HETATM 816 O O   . HOH C 3 .  ? -6.194  -7.405  3.990   1.00 48.50 ? 582 HOH A O   1 
HETATM 817 O O   . HOH C 3 .  ? 4.634   3.903   13.718  1.00 32.97 ? 584 HOH A O   1 
HETATM 818 O O   . HOH C 3 .  ? -7.512  8.532   -0.528  1.00 51.33 ? 586 HOH A O   1 
HETATM 819 O O   . HOH C 3 .  ? 0.847   -11.361 0.627   1.00 46.22 ? 587 HOH A O   1 
HETATM 820 O O   . HOH C 3 .  ? -8.731  0.184   -11.002 1.00 21.43 ? 600 HOH A O   1 
HETATM 821 O O   . HOH C 3 .  ? -0.473  -8.315  -8.017  1.00 28.89 ? 601 HOH A O   1 
HETATM 822 O O   . HOH C 3 .  ? -7.141  -7.262  -13.231 1.00 44.12 ? 602 HOH A O   1 
HETATM 823 O O   . HOH C 3 .  ? -3.216  -2.201  -17.204 0.50 22.73 ? 605 HOH A O   1 
HETATM 824 O O   . HOH C 3 .  ? -10.490 6.270   6.158   0.50 34.22 ? 606 HOH A O   1 
HETATM 825 O O   . HOH C 3 .  ? -9.089  -1.202  9.378   0.50 26.62 ? 607 HOH A O   1 
HETATM 826 O O   . HOH C 3 .  ? -3.241  -5.362  14.700  0.50 27.06 ? 608 HOH A O   1 
# 
